data_104M
# 
_entry.id   104M 
# 
_audit_conform.dict_name       mmcif_pdbx.dic 
_audit_conform.dict_version    5.389 
_audit_conform.dict_location   http://mmcif.pdb.org/dictionaries/ascii/mmcif_pdbx.dic 
# 
loop_
_database_2.database_id 
_database_2.database_code 
_database_2.pdbx_database_accession 
_database_2.pdbx_DOI 
PDB   104M         pdb_0000104m 10.2210/pdb104m/pdb 
WWPDB D_1000170012 ?            ?                   
# 
loop_
_pdbx_audit_revision_history.ordinal 
_pdbx_audit_revision_history.data_content_type 
_pdbx_audit_revision_history.major_revision 
_pdbx_audit_revision_history.minor_revision 
_pdbx_audit_revision_history.revision_date 
1 'Structure model' 1 0 1998-04-08 
2 'Structure model' 1 1 2008-03-24 
3 'Structure model' 1 2 2011-07-13 
4 'Structure model' 1 3 2018-03-07 
5 'Structure model' 1 4 2024-02-07 
6 'Structure model' 1 5 2024-04-03 
# 
_pdbx_audit_revision_details.ordinal             1 
_pdbx_audit_revision_details.revision_ordinal    1 
_pdbx_audit_revision_details.data_content_type   'Structure model' 
_pdbx_audit_revision_details.provider            repository 
_pdbx_audit_revision_details.type                'Initial release' 
_pdbx_audit_revision_details.description         ? 
_pdbx_audit_revision_details.details             ? 
# 
loop_
_pdbx_audit_revision_group.ordinal 
_pdbx_audit_revision_group.revision_ordinal 
_pdbx_audit_revision_group.data_content_type 
_pdbx_audit_revision_group.group 
1 2 'Structure model' 'Version format compliance' 
2 3 'Structure model' 'Version format compliance' 
3 4 'Structure model' 'Data collection'           
4 4 'Structure model' Other                       
5 5 'Structure model' 'Data collection'           
6 5 'Structure model' 'Database references'       
7 5 'Structure model' 'Derived calculations'      
8 6 'Structure model' 'Refinement description'    
# 
loop_
_pdbx_audit_revision_category.ordinal 
_pdbx_audit_revision_category.revision_ordinal 
_pdbx_audit_revision_category.data_content_type 
_pdbx_audit_revision_category.category 
1 4 'Structure model' diffrn_source                 
2 4 'Structure model' pdbx_database_status          
3 5 'Structure model' chem_comp_atom                
4 5 'Structure model' chem_comp_bond                
5 5 'Structure model' database_2                    
6 5 'Structure model' struct_conn                   
7 5 'Structure model' struct_site                   
8 6 'Structure model' pdbx_initial_refinement_model 
# 
loop_
_pdbx_audit_revision_item.ordinal 
_pdbx_audit_revision_item.revision_ordinal 
_pdbx_audit_revision_item.data_content_type 
_pdbx_audit_revision_item.item 
1  4 'Structure model' '_diffrn_source.source'               
2  4 'Structure model' '_pdbx_database_status.process_site'  
3  5 'Structure model' '_database_2.pdbx_DOI'                
4  5 'Structure model' '_database_2.pdbx_database_accession' 
5  5 'Structure model' '_struct_conn.ptnr1_auth_comp_id'     
6  5 'Structure model' '_struct_conn.ptnr1_auth_seq_id'      
7  5 'Structure model' '_struct_conn.ptnr1_label_asym_id'    
8  5 'Structure model' '_struct_conn.ptnr1_label_atom_id'    
9  5 'Structure model' '_struct_conn.ptnr1_label_comp_id'    
10 5 'Structure model' '_struct_conn.ptnr1_label_seq_id'     
11 5 'Structure model' '_struct_conn.ptnr2_auth_comp_id'     
12 5 'Structure model' '_struct_conn.ptnr2_auth_seq_id'      
13 5 'Structure model' '_struct_conn.ptnr2_label_asym_id'    
14 5 'Structure model' '_struct_conn.ptnr2_label_atom_id'    
15 5 'Structure model' '_struct_conn.ptnr2_label_comp_id'    
16 5 'Structure model' '_struct_conn.ptnr2_label_seq_id'     
17 5 'Structure model' '_struct_site.pdbx_auth_asym_id'      
18 5 'Structure model' '_struct_site.pdbx_auth_comp_id'      
19 5 'Structure model' '_struct_site.pdbx_auth_seq_id'       
# 
_pdbx_database_status.status_code                     REL 
_pdbx_database_status.entry_id                        104M 
_pdbx_database_status.recvd_initial_deposition_date   1997-12-18 
_pdbx_database_status.deposit_site                    ? 
_pdbx_database_status.process_site                    BNL 
_pdbx_database_status.status_code_sf                  REL 
_pdbx_database_status.status_code_mr                  ? 
_pdbx_database_status.SG_entry                        ? 
_pdbx_database_status.pdb_format_compatible           Y 
_pdbx_database_status.status_code_cs                  ? 
_pdbx_database_status.methods_development_category    ? 
_pdbx_database_status.status_code_nmr_data            ? 
# 
loop_
_audit_author.name 
_audit_author.pdbx_ordinal 
'Smith, R.D.'        1 
'Olson, J.S.'        2 
'Phillips Jr., G.N.' 3 
# 
_citation.id                        primary 
_citation.title                     
'Correlations between Bound N-Alkyl Isocyanide Orientations and Pathways for Ligand Binding in Recombinant Myoglobins' 
_citation.journal_abbrev            'Thesis, Rice' 
_citation.journal_volume            ? 
_citation.page_first                ? 
_citation.page_last                 ? 
_citation.year                      1999 
_citation.journal_id_ASTM           ? 
_citation.country                   US 
_citation.journal_id_ISSN           ? 
_citation.journal_id_CSD            0806 
_citation.book_publisher            ? 
_citation.pdbx_database_id_PubMed   -1 
_citation.pdbx_database_id_DOI      ? 
# 
_citation_author.citation_id        primary 
_citation_author.name               'Smith, R.D.' 
_citation_author.ordinal            1 
_citation_author.identifier_ORCID   ? 
# 
loop_
_entity.id 
_entity.type 
_entity.src_method 
_entity.pdbx_description 
_entity.formula_weight 
_entity.pdbx_number_of_molecules 
_entity.pdbx_ec 
_entity.pdbx_mutation 
_entity.pdbx_fragment 
_entity.details 
1 polymer     nat MYOGLOBIN                         17234.951 1   ? ? ? ? 
2 non-polymer syn 'SULFATE ION'                     96.063    1   ? ? ? ? 
3 non-polymer syn 'PROTOPORPHYRIN IX CONTAINING FE' 616.487   1   ? ? ? ? 
4 non-polymer syn 'N-BUTYL ISOCYANIDE'              83.132    1   ? ? ? ? 
5 water       nat water                             18.015    179 ? ? ? ? 
# 
_entity_poly.entity_id                      1 
_entity_poly.type                           'polypeptide(L)' 
_entity_poly.nstd_linkage                   no 
_entity_poly.nstd_monomer                   no 
_entity_poly.pdbx_seq_one_letter_code       
;VLSEGEWQLVLHVWAKVEADVAGHGQDILIRLFKSHPETLEKFDRFKHLKTEAEMKASEDLKKHGVTVLTALGAILKKKG
HHEAELKPLAQSHATKHKIPIKYLEFISEAIIHVLHSRHPGDFGADAQGAMNKALELFRKDIAAKYKELGYQG
;
_entity_poly.pdbx_seq_one_letter_code_can   
;VLSEGEWQLVLHVWAKVEADVAGHGQDILIRLFKSHPETLEKFDRFKHLKTEAEMKASEDLKKHGVTVLTALGAILKKKG
HHEAELKPLAQSHATKHKIPIKYLEFISEAIIHVLHSRHPGDFGADAQGAMNKALELFRKDIAAKYKELGYQG
;
_entity_poly.pdbx_strand_id                 A 
_entity_poly.pdbx_target_identifier         ? 
# 
loop_
_pdbx_entity_nonpoly.entity_id 
_pdbx_entity_nonpoly.name 
_pdbx_entity_nonpoly.comp_id 
2 'SULFATE ION'                     SO4 
3 'PROTOPORPHYRIN IX CONTAINING FE' HEM 
4 'N-BUTYL ISOCYANIDE'              NBN 
5 water                             HOH 
# 
loop_
_entity_poly_seq.entity_id 
_entity_poly_seq.num 
_entity_poly_seq.mon_id 
_entity_poly_seq.hetero 
1 1   VAL n 
1 2   LEU n 
1 3   SER n 
1 4   GLU n 
1 5   GLY n 
1 6   GLU n 
1 7   TRP n 
1 8   GLN n 
1 9   LEU n 
1 10  VAL n 
1 11  LEU n 
1 12  HIS n 
1 13  VAL n 
1 14  TRP n 
1 15  ALA n 
1 16  LYS n 
1 17  VAL n 
1 18  GLU n 
1 19  ALA n 
1 20  ASP n 
1 21  VAL n 
1 22  ALA n 
1 23  GLY n 
1 24  HIS n 
1 25  GLY n 
1 26  GLN n 
1 27  ASP n 
1 28  ILE n 
1 29  LEU n 
1 30  ILE n 
1 31  ARG n 
1 32  LEU n 
1 33  PHE n 
1 34  LYS n 
1 35  SER n 
1 36  HIS n 
1 37  PRO n 
1 38  GLU n 
1 39  THR n 
1 40  LEU n 
1 41  GLU n 
1 42  LYS n 
1 43  PHE n 
1 44  ASP n 
1 45  ARG n 
1 46  PHE n 
1 47  LYS n 
1 48  HIS n 
1 49  LEU n 
1 50  LYS n 
1 51  THR n 
1 52  GLU n 
1 53  ALA n 
1 54  GLU n 
1 55  MET n 
1 56  LYS n 
1 57  ALA n 
1 58  SER n 
1 59  GLU n 
1 60  ASP n 
1 61  LEU n 
1 62  LYS n 
1 63  LYS n 
1 64  HIS n 
1 65  GLY n 
1 66  VAL n 
1 67  THR n 
1 68  VAL n 
1 69  LEU n 
1 70  THR n 
1 71  ALA n 
1 72  LEU n 
1 73  GLY n 
1 74  ALA n 
1 75  ILE n 
1 76  LEU n 
1 77  LYS n 
1 78  LYS n 
1 79  LYS n 
1 80  GLY n 
1 81  HIS n 
1 82  HIS n 
1 83  GLU n 
1 84  ALA n 
1 85  GLU n 
1 86  LEU n 
1 87  LYS n 
1 88  PRO n 
1 89  LEU n 
1 90  ALA n 
1 91  GLN n 
1 92  SER n 
1 93  HIS n 
1 94  ALA n 
1 95  THR n 
1 96  LYS n 
1 97  HIS n 
1 98  LYS n 
1 99  ILE n 
1 100 PRO n 
1 101 ILE n 
1 102 LYS n 
1 103 TYR n 
1 104 LEU n 
1 105 GLU n 
1 106 PHE n 
1 107 ILE n 
1 108 SER n 
1 109 GLU n 
1 110 ALA n 
1 111 ILE n 
1 112 ILE n 
1 113 HIS n 
1 114 VAL n 
1 115 LEU n 
1 116 HIS n 
1 117 SER n 
1 118 ARG n 
1 119 HIS n 
1 120 PRO n 
1 121 GLY n 
1 122 ASP n 
1 123 PHE n 
1 124 GLY n 
1 125 ALA n 
1 126 ASP n 
1 127 ALA n 
1 128 GLN n 
1 129 GLY n 
1 130 ALA n 
1 131 MET n 
1 132 ASN n 
1 133 LYS n 
1 134 ALA n 
1 135 LEU n 
1 136 GLU n 
1 137 LEU n 
1 138 PHE n 
1 139 ARG n 
1 140 LYS n 
1 141 ASP n 
1 142 ILE n 
1 143 ALA n 
1 144 ALA n 
1 145 LYS n 
1 146 TYR n 
1 147 LYS n 
1 148 GLU n 
1 149 LEU n 
1 150 GLY n 
1 151 TYR n 
1 152 GLN n 
1 153 GLY n 
# 
_entity_src_nat.entity_id                  1 
_entity_src_nat.pdbx_src_id                1 
_entity_src_nat.pdbx_alt_source_flag       sample 
_entity_src_nat.pdbx_beg_seq_num           ? 
_entity_src_nat.pdbx_end_seq_num           ? 
_entity_src_nat.common_name                'sperm whale' 
_entity_src_nat.pdbx_organism_scientific   'Physeter catodon' 
_entity_src_nat.pdbx_ncbi_taxonomy_id      9755 
_entity_src_nat.genus                      Physeter 
_entity_src_nat.species                    ? 
_entity_src_nat.strain                     ? 
_entity_src_nat.tissue                     'SKELETAL MUSCLE' 
_entity_src_nat.tissue_fraction            ? 
_entity_src_nat.pdbx_secretion             ? 
_entity_src_nat.pdbx_fragment              ? 
_entity_src_nat.pdbx_variant               ? 
_entity_src_nat.pdbx_cell_line             ? 
_entity_src_nat.pdbx_atcc                  ? 
_entity_src_nat.pdbx_cellular_location     CYTOPLASM 
_entity_src_nat.pdbx_organ                 SKELETAL 
_entity_src_nat.pdbx_organelle             ? 
_entity_src_nat.pdbx_cell                  ? 
_entity_src_nat.pdbx_plasmid_name          ? 
_entity_src_nat.pdbx_plasmid_details       ? 
_entity_src_nat.details                    ? 
# 
loop_
_chem_comp.id 
_chem_comp.type 
_chem_comp.mon_nstd_flag 
_chem_comp.name 
_chem_comp.pdbx_synonyms 
_chem_comp.formula 
_chem_comp.formula_weight 
ALA 'L-peptide linking' y ALANINE                           ?    'C3 H7 N O2'       89.093  
ARG 'L-peptide linking' y ARGININE                          ?    'C6 H15 N4 O2 1'   175.209 
ASN 'L-peptide linking' y ASPARAGINE                        ?    'C4 H8 N2 O3'      132.118 
ASP 'L-peptide linking' y 'ASPARTIC ACID'                   ?    'C4 H7 N O4'       133.103 
GLN 'L-peptide linking' y GLUTAMINE                         ?    'C5 H10 N2 O3'     146.144 
GLU 'L-peptide linking' y 'GLUTAMIC ACID'                   ?    'C5 H9 N O4'       147.129 
GLY 'peptide linking'   y GLYCINE                           ?    'C2 H5 N O2'       75.067  
HEM non-polymer         . 'PROTOPORPHYRIN IX CONTAINING FE' HEME 'C34 H32 Fe N4 O4' 616.487 
HIS 'L-peptide linking' y HISTIDINE                         ?    'C6 H10 N3 O2 1'   156.162 
HOH non-polymer         . WATER                             ?    'H2 O'             18.015  
ILE 'L-peptide linking' y ISOLEUCINE                        ?    'C6 H13 N O2'      131.173 
LEU 'L-peptide linking' y LEUCINE                           ?    'C6 H13 N O2'      131.173 
LYS 'L-peptide linking' y LYSINE                            ?    'C6 H15 N2 O2 1'   147.195 
MET 'L-peptide linking' y METHIONINE                        ?    'C5 H11 N O2 S'    149.211 
NBN non-polymer         . 'N-BUTYL ISOCYANIDE'              ?    'C5 H9 N'          83.132  
PHE 'L-peptide linking' y PHENYLALANINE                     ?    'C9 H11 N O2'      165.189 
PRO 'L-peptide linking' y PROLINE                           ?    'C5 H9 N O2'       115.130 
SER 'L-peptide linking' y SERINE                            ?    'C3 H7 N O3'       105.093 
SO4 non-polymer         . 'SULFATE ION'                     ?    'O4 S -2'          96.063  
THR 'L-peptide linking' y THREONINE                         ?    'C4 H9 N O3'       119.119 
TRP 'L-peptide linking' y TRYPTOPHAN                        ?    'C11 H12 N2 O2'    204.225 
TYR 'L-peptide linking' y TYROSINE                          ?    'C9 H11 N O3'      181.189 
VAL 'L-peptide linking' y VALINE                            ?    'C5 H11 N O2'      117.146 
# 
loop_
_pdbx_poly_seq_scheme.asym_id 
_pdbx_poly_seq_scheme.entity_id 
_pdbx_poly_seq_scheme.seq_id 
_pdbx_poly_seq_scheme.mon_id 
_pdbx_poly_seq_scheme.ndb_seq_num 
_pdbx_poly_seq_scheme.pdb_seq_num 
_pdbx_poly_seq_scheme.auth_seq_num 
_pdbx_poly_seq_scheme.pdb_mon_id 
_pdbx_poly_seq_scheme.auth_mon_id 
_pdbx_poly_seq_scheme.pdb_strand_id 
_pdbx_poly_seq_scheme.pdb_ins_code 
_pdbx_poly_seq_scheme.hetero 
A 1 1   VAL 1   1   1   VAL VAL A . n 
A 1 2   LEU 2   2   2   LEU LEU A . n 
A 1 3   SER 3   3   3   SER SER A . n 
A 1 4   GLU 4   4   4   GLU GLU A . n 
A 1 5   GLY 5   5   5   GLY GLY A . n 
A 1 6   GLU 6   6   6   GLU GLU A . n 
A 1 7   TRP 7   7   7   TRP TRP A . n 
A 1 8   GLN 8   8   8   GLN GLN A . n 
A 1 9   LEU 9   9   9   LEU LEU A . n 
A 1 10  VAL 10  10  10  VAL VAL A . n 
A 1 11  LEU 11  11  11  LEU LEU A . n 
A 1 12  HIS 12  12  12  HIS HIS A . n 
A 1 13  VAL 13  13  13  VAL VAL A . n 
A 1 14  TRP 14  14  14  TRP TRP A . n 
A 1 15  ALA 15  15  15  ALA ALA A . n 
A 1 16  LYS 16  16  16  LYS LYS A . n 
A 1 17  VAL 17  17  17  VAL VAL A . n 
A 1 18  GLU 18  18  18  GLU GLU A . n 
A 1 19  ALA 19  19  19  ALA ALA A . n 
A 1 20  ASP 20  20  20  ASP ASP A . n 
A 1 21  VAL 21  21  21  VAL VAL A . n 
A 1 22  ALA 22  22  22  ALA ALA A . n 
A 1 23  GLY 23  23  23  GLY GLY A . n 
A 1 24  HIS 24  24  24  HIS HIS A . n 
A 1 25  GLY 25  25  25  GLY GLY A . n 
A 1 26  GLN 26  26  26  GLN GLN A . n 
A 1 27  ASP 27  27  27  ASP ASP A . n 
A 1 28  ILE 28  28  28  ILE ILE A . n 
A 1 29  LEU 29  29  29  LEU LEU A . n 
A 1 30  ILE 30  30  30  ILE ILE A . n 
A 1 31  ARG 31  31  31  ARG ARG A . n 
A 1 32  LEU 32  32  32  LEU LEU A . n 
A 1 33  PHE 33  33  33  PHE PHE A . n 
A 1 34  LYS 34  34  34  LYS LYS A . n 
A 1 35  SER 35  35  35  SER SER A . n 
A 1 36  HIS 36  36  36  HIS HIS A . n 
A 1 37  PRO 37  37  37  PRO PRO A . n 
A 1 38  GLU 38  38  38  GLU GLU A . n 
A 1 39  THR 39  39  39  THR THR A . n 
A 1 40  LEU 40  40  40  LEU LEU A . n 
A 1 41  GLU 41  41  41  GLU GLU A . n 
A 1 42  LYS 42  42  42  LYS LYS A . n 
A 1 43  PHE 43  43  43  PHE PHE A . n 
A 1 44  ASP 44  44  44  ASP ASP A . n 
A 1 45  ARG 45  45  45  ARG ARG A . n 
A 1 46  PHE 46  46  46  PHE PHE A . n 
A 1 47  LYS 47  47  47  LYS LYS A . n 
A 1 48  HIS 48  48  48  HIS HIS A . n 
A 1 49  LEU 49  49  49  LEU LEU A . n 
A 1 50  LYS 50  50  50  LYS LYS A . n 
A 1 51  THR 51  51  51  THR THR A . n 
A 1 52  GLU 52  52  52  GLU GLU A . n 
A 1 53  ALA 53  53  53  ALA ALA A . n 
A 1 54  GLU 54  54  54  GLU GLU A . n 
A 1 55  MET 55  55  55  MET MET A . n 
A 1 56  LYS 56  56  56  LYS LYS A . n 
A 1 57  ALA 57  57  57  ALA ALA A . n 
A 1 58  SER 58  58  58  SER SER A . n 
A 1 59  GLU 59  59  59  GLU GLU A . n 
A 1 60  ASP 60  60  60  ASP ASP A . n 
A 1 61  LEU 61  61  61  LEU LEU A . n 
A 1 62  LYS 62  62  62  LYS LYS A . n 
A 1 63  LYS 63  63  63  LYS LYS A . n 
A 1 64  HIS 64  64  64  HIS HIS A . n 
A 1 65  GLY 65  65  65  GLY GLY A . n 
A 1 66  VAL 66  66  66  VAL VAL A . n 
A 1 67  THR 67  67  67  THR THR A . n 
A 1 68  VAL 68  68  68  VAL VAL A . n 
A 1 69  LEU 69  69  69  LEU LEU A . n 
A 1 70  THR 70  70  70  THR THR A . n 
A 1 71  ALA 71  71  71  ALA ALA A . n 
A 1 72  LEU 72  72  72  LEU LEU A . n 
A 1 73  GLY 73  73  73  GLY GLY A . n 
A 1 74  ALA 74  74  74  ALA ALA A . n 
A 1 75  ILE 75  75  75  ILE ILE A . n 
A 1 76  LEU 76  76  76  LEU LEU A . n 
A 1 77  LYS 77  77  77  LYS LYS A . n 
A 1 78  LYS 78  78  78  LYS LYS A . n 
A 1 79  LYS 79  79  79  LYS LYS A . n 
A 1 80  GLY 80  80  80  GLY GLY A . n 
A 1 81  HIS 81  81  81  HIS HIS A . n 
A 1 82  HIS 82  82  82  HIS HIS A . n 
A 1 83  GLU 83  83  83  GLU GLU A . n 
A 1 84  ALA 84  84  84  ALA ALA A . n 
A 1 85  GLU 85  85  85  GLU GLU A . n 
A 1 86  LEU 86  86  86  LEU LEU A . n 
A 1 87  LYS 87  87  87  LYS LYS A . n 
A 1 88  PRO 88  88  88  PRO PRO A . n 
A 1 89  LEU 89  89  89  LEU LEU A . n 
A 1 90  ALA 90  90  90  ALA ALA A . n 
A 1 91  GLN 91  91  91  GLN GLN A . n 
A 1 92  SER 92  92  92  SER SER A . n 
A 1 93  HIS 93  93  93  HIS HIS A . n 
A 1 94  ALA 94  94  94  ALA ALA A . n 
A 1 95  THR 95  95  95  THR THR A . n 
A 1 96  LYS 96  96  96  LYS LYS A . n 
A 1 97  HIS 97  97  97  HIS HIS A . n 
A 1 98  LYS 98  98  98  LYS LYS A . n 
A 1 99  ILE 99  99  99  ILE ILE A . n 
A 1 100 PRO 100 100 100 PRO PRO A . n 
A 1 101 ILE 101 101 101 ILE ILE A . n 
A 1 102 LYS 102 102 102 LYS LYS A . n 
A 1 103 TYR 103 103 103 TYR TYR A . n 
A 1 104 LEU 104 104 104 LEU LEU A . n 
A 1 105 GLU 105 105 105 GLU GLU A . n 
A 1 106 PHE 106 106 106 PHE PHE A . n 
A 1 107 ILE 107 107 107 ILE ILE A . n 
A 1 108 SER 108 108 108 SER SER A . n 
A 1 109 GLU 109 109 109 GLU GLU A . n 
A 1 110 ALA 110 110 110 ALA ALA A . n 
A 1 111 ILE 111 111 111 ILE ILE A . n 
A 1 112 ILE 112 112 112 ILE ILE A . n 
A 1 113 HIS 113 113 113 HIS HIS A . n 
A 1 114 VAL 114 114 114 VAL VAL A . n 
A 1 115 LEU 115 115 115 LEU LEU A . n 
A 1 116 HIS 116 116 116 HIS HIS A . n 
A 1 117 SER 117 117 117 SER SER A . n 
A 1 118 ARG 118 118 118 ARG ARG A . n 
A 1 119 HIS 119 119 119 HIS HIS A . n 
A 1 120 PRO 120 120 120 PRO PRO A . n 
A 1 121 GLY 121 121 121 GLY GLY A . n 
A 1 122 ASP 122 122 122 ASP ASP A . n 
A 1 123 PHE 123 123 123 PHE PHE A . n 
A 1 124 GLY 124 124 124 GLY GLY A . n 
A 1 125 ALA 125 125 125 ALA ALA A . n 
A 1 126 ASP 126 126 126 ASP ASP A . n 
A 1 127 ALA 127 127 127 ALA ALA A . n 
A 1 128 GLN 128 128 128 GLN GLN A . n 
A 1 129 GLY 129 129 129 GLY GLY A . n 
A 1 130 ALA 130 130 130 ALA ALA A . n 
A 1 131 MET 131 131 131 MET MET A . n 
A 1 132 ASN 132 132 132 ASN ASN A . n 
A 1 133 LYS 133 133 133 LYS LYS A . n 
A 1 134 ALA 134 134 134 ALA ALA A . n 
A 1 135 LEU 135 135 135 LEU LEU A . n 
A 1 136 GLU 136 136 136 GLU GLU A . n 
A 1 137 LEU 137 137 137 LEU LEU A . n 
A 1 138 PHE 138 138 138 PHE PHE A . n 
A 1 139 ARG 139 139 139 ARG ARG A . n 
A 1 140 LYS 140 140 140 LYS LYS A . n 
A 1 141 ASP 141 141 141 ASP ASP A . n 
A 1 142 ILE 142 142 142 ILE ILE A . n 
A 1 143 ALA 143 143 143 ALA ALA A . n 
A 1 144 ALA 144 144 144 ALA ALA A . n 
A 1 145 LYS 145 145 145 LYS LYS A . n 
A 1 146 TYR 146 146 146 TYR TYR A . n 
A 1 147 LYS 147 147 147 LYS LYS A . n 
A 1 148 GLU 148 148 148 GLU GLU A . n 
A 1 149 LEU 149 149 149 LEU LEU A . n 
A 1 150 GLY 150 150 150 GLY GLY A . n 
A 1 151 TYR 151 151 151 TYR TYR A . n 
A 1 152 GLN 152 152 152 GLN GLN A . n 
A 1 153 GLY 153 153 153 GLY GLY A . n 
# 
loop_
_pdbx_nonpoly_scheme.asym_id 
_pdbx_nonpoly_scheme.entity_id 
_pdbx_nonpoly_scheme.mon_id 
_pdbx_nonpoly_scheme.ndb_seq_num 
_pdbx_nonpoly_scheme.pdb_seq_num 
_pdbx_nonpoly_scheme.auth_seq_num 
_pdbx_nonpoly_scheme.pdb_mon_id 
_pdbx_nonpoly_scheme.auth_mon_id 
_pdbx_nonpoly_scheme.pdb_strand_id 
_pdbx_nonpoly_scheme.pdb_ins_code 
B 2 SO4 1   157 157 SO4 SO4 A . 
C 3 HEM 1   155 155 HEM HEM A . 
D 4 NBN 1   156 156 NBN NBN A . 
E 5 HOH 1   201 201 HOH HOH A . 
E 5 HOH 2   202 202 HOH HOH A . 
E 5 HOH 3   203 203 HOH HOH A . 
E 5 HOH 4   204 204 HOH HOH A . 
E 5 HOH 5   205 205 HOH HOH A . 
E 5 HOH 6   206 206 HOH HOH A . 
E 5 HOH 7   207 207 HOH HOH A . 
E 5 HOH 8   208 208 HOH HOH A . 
E 5 HOH 9   209 209 HOH HOH A . 
E 5 HOH 10  210 210 HOH HOH A . 
E 5 HOH 11  211 211 HOH HOH A . 
E 5 HOH 12  212 212 HOH HOH A . 
E 5 HOH 13  213 213 HOH HOH A . 
E 5 HOH 14  214 214 HOH HOH A . 
E 5 HOH 15  215 215 HOH HOH A . 
E 5 HOH 16  216 216 HOH HOH A . 
E 5 HOH 17  217 217 HOH HOH A . 
E 5 HOH 18  218 218 HOH HOH A . 
E 5 HOH 19  219 219 HOH HOH A . 
E 5 HOH 20  220 220 HOH HOH A . 
E 5 HOH 21  221 221 HOH HOH A . 
E 5 HOH 22  222 222 HOH HOH A . 
E 5 HOH 23  223 223 HOH HOH A . 
E 5 HOH 24  224 224 HOH HOH A . 
E 5 HOH 25  225 225 HOH HOH A . 
E 5 HOH 26  226 226 HOH HOH A . 
E 5 HOH 27  227 227 HOH HOH A . 
E 5 HOH 28  228 228 HOH HOH A . 
E 5 HOH 29  229 229 HOH HOH A . 
E 5 HOH 30  230 230 HOH HOH A . 
E 5 HOH 31  231 231 HOH HOH A . 
E 5 HOH 32  232 232 HOH HOH A . 
E 5 HOH 33  233 233 HOH HOH A . 
E 5 HOH 34  234 234 HOH HOH A . 
E 5 HOH 35  235 235 HOH HOH A . 
E 5 HOH 36  236 236 HOH HOH A . 
E 5 HOH 37  237 237 HOH HOH A . 
E 5 HOH 38  238 238 HOH HOH A . 
E 5 HOH 39  239 239 HOH HOH A . 
E 5 HOH 40  240 240 HOH HOH A . 
E 5 HOH 41  241 241 HOH HOH A . 
E 5 HOH 42  242 242 HOH HOH A . 
E 5 HOH 43  243 243 HOH HOH A . 
E 5 HOH 44  244 244 HOH HOH A . 
E 5 HOH 45  245 245 HOH HOH A . 
E 5 HOH 46  246 246 HOH HOH A . 
E 5 HOH 47  247 247 HOH HOH A . 
E 5 HOH 48  248 248 HOH HOH A . 
E 5 HOH 49  249 249 HOH HOH A . 
E 5 HOH 50  250 250 HOH HOH A . 
E 5 HOH 51  251 251 HOH HOH A . 
E 5 HOH 52  252 252 HOH HOH A . 
E 5 HOH 53  253 253 HOH HOH A . 
E 5 HOH 54  254 254 HOH HOH A . 
E 5 HOH 55  255 255 HOH HOH A . 
E 5 HOH 56  256 256 HOH HOH A . 
E 5 HOH 57  257 257 HOH HOH A . 
E 5 HOH 58  258 258 HOH HOH A . 
E 5 HOH 59  259 259 HOH HOH A . 
E 5 HOH 60  260 260 HOH HOH A . 
E 5 HOH 61  261 261 HOH HOH A . 
E 5 HOH 62  262 262 HOH HOH A . 
E 5 HOH 63  263 263 HOH HOH A . 
E 5 HOH 64  264 264 HOH HOH A . 
E 5 HOH 65  265 265 HOH HOH A . 
E 5 HOH 66  266 266 HOH HOH A . 
E 5 HOH 67  267 267 HOH HOH A . 
E 5 HOH 68  268 268 HOH HOH A . 
E 5 HOH 69  269 269 HOH HOH A . 
E 5 HOH 70  270 270 HOH HOH A . 
E 5 HOH 71  271 271 HOH HOH A . 
E 5 HOH 72  272 272 HOH HOH A . 
E 5 HOH 73  273 273 HOH HOH A . 
E 5 HOH 74  274 274 HOH HOH A . 
E 5 HOH 75  275 275 HOH HOH A . 
E 5 HOH 76  276 276 HOH HOH A . 
E 5 HOH 77  277 277 HOH HOH A . 
E 5 HOH 78  278 278 HOH HOH A . 
E 5 HOH 79  279 279 HOH HOH A . 
E 5 HOH 80  280 280 HOH HOH A . 
E 5 HOH 81  281 281 HOH HOH A . 
E 5 HOH 82  282 282 HOH HOH A . 
E 5 HOH 83  283 283 HOH HOH A . 
E 5 HOH 84  284 284 HOH HOH A . 
E 5 HOH 85  285 285 HOH HOH A . 
E 5 HOH 86  286 286 HOH HOH A . 
E 5 HOH 87  287 287 HOH HOH A . 
E 5 HOH 88  288 288 HOH HOH A . 
E 5 HOH 89  289 289 HOH HOH A . 
E 5 HOH 90  290 290 HOH HOH A . 
E 5 HOH 91  291 291 HOH HOH A . 
E 5 HOH 92  292 292 HOH HOH A . 
E 5 HOH 93  293 293 HOH HOH A . 
E 5 HOH 94  294 294 HOH HOH A . 
E 5 HOH 95  295 295 HOH HOH A . 
E 5 HOH 96  296 296 HOH HOH A . 
E 5 HOH 97  297 297 HOH HOH A . 
E 5 HOH 98  298 298 HOH HOH A . 
E 5 HOH 99  299 299 HOH HOH A . 
E 5 HOH 100 300 300 HOH HOH A . 
E 5 HOH 101 301 301 HOH HOH A . 
E 5 HOH 102 302 302 HOH HOH A . 
E 5 HOH 103 303 303 HOH HOH A . 
E 5 HOH 104 304 304 HOH HOH A . 
E 5 HOH 105 305 305 HOH HOH A . 
E 5 HOH 106 306 306 HOH HOH A . 
E 5 HOH 107 307 307 HOH HOH A . 
E 5 HOH 108 308 308 HOH HOH A . 
E 5 HOH 109 309 309 HOH HOH A . 
E 5 HOH 110 310 310 HOH HOH A . 
E 5 HOH 111 311 311 HOH HOH A . 
E 5 HOH 112 312 312 HOH HOH A . 
E 5 HOH 113 313 313 HOH HOH A . 
E 5 HOH 114 314 314 HOH HOH A . 
E 5 HOH 115 315 315 HOH HOH A . 
E 5 HOH 116 316 316 HOH HOH A . 
E 5 HOH 117 317 317 HOH HOH A . 
E 5 HOH 118 318 318 HOH HOH A . 
E 5 HOH 119 319 319 HOH HOH A . 
E 5 HOH 120 320 320 HOH HOH A . 
E 5 HOH 121 321 321 HOH HOH A . 
E 5 HOH 122 322 322 HOH HOH A . 
E 5 HOH 123 323 323 HOH HOH A . 
E 5 HOH 124 324 324 HOH HOH A . 
E 5 HOH 125 325 325 HOH HOH A . 
E 5 HOH 126 326 326 HOH HOH A . 
E 5 HOH 127 327 327 HOH HOH A . 
E 5 HOH 128 328 328 HOH HOH A . 
E 5 HOH 129 329 329 HOH HOH A . 
E 5 HOH 130 330 330 HOH HOH A . 
E 5 HOH 131 331 331 HOH HOH A . 
E 5 HOH 132 332 332 HOH HOH A . 
E 5 HOH 133 333 333 HOH HOH A . 
E 5 HOH 134 334 334 HOH HOH A . 
E 5 HOH 135 335 335 HOH HOH A . 
E 5 HOH 136 336 336 HOH HOH A . 
E 5 HOH 137 337 337 HOH HOH A . 
E 5 HOH 138 338 338 HOH HOH A . 
E 5 HOH 139 339 339 HOH HOH A . 
E 5 HOH 140 340 340 HOH HOH A . 
E 5 HOH 141 341 341 HOH HOH A . 
E 5 HOH 142 342 342 HOH HOH A . 
E 5 HOH 143 343 343 HOH HOH A . 
E 5 HOH 144 344 344 HOH HOH A . 
E 5 HOH 145 345 345 HOH HOH A . 
E 5 HOH 146 346 346 HOH HOH A . 
E 5 HOH 147 347 347 HOH HOH A . 
E 5 HOH 148 348 348 HOH HOH A . 
E 5 HOH 149 349 349 HOH HOH A . 
E 5 HOH 150 350 350 HOH HOH A . 
E 5 HOH 151 351 351 HOH HOH A . 
E 5 HOH 152 352 352 HOH HOH A . 
E 5 HOH 153 353 353 HOH HOH A . 
E 5 HOH 154 354 354 HOH HOH A . 
E 5 HOH 155 355 355 HOH HOH A . 
E 5 HOH 156 356 356 HOH HOH A . 
E 5 HOH 157 357 357 HOH HOH A . 
E 5 HOH 158 358 358 HOH HOH A . 
E 5 HOH 159 359 359 HOH HOH A . 
E 5 HOH 160 360 360 HOH HOH A . 
E 5 HOH 161 361 361 HOH HOH A . 
E 5 HOH 162 362 362 HOH HOH A . 
E 5 HOH 163 363 363 HOH HOH A . 
E 5 HOH 164 364 364 HOH HOH A . 
E 5 HOH 165 365 365 HOH HOH A . 
E 5 HOH 166 366 366 HOH HOH A . 
E 5 HOH 167 367 367 HOH HOH A . 
E 5 HOH 168 368 368 HOH HOH A . 
E 5 HOH 169 369 369 HOH HOH A . 
E 5 HOH 170 370 370 HOH HOH A . 
E 5 HOH 171 371 371 HOH HOH A . 
E 5 HOH 172 372 372 HOH HOH A . 
E 5 HOH 173 373 373 HOH HOH A . 
E 5 HOH 174 374 374 HOH HOH A . 
E 5 HOH 175 375 375 HOH HOH A . 
E 5 HOH 176 376 376 HOH HOH A . 
E 5 HOH 177 377 377 HOH HOH A . 
E 5 HOH 178 378 378 HOH HOH A . 
E 5 HOH 179 379 379 HOH HOH A . 
# 
loop_
_software.name 
_software.classification 
_software.version 
_software.citation_id 
_software.pdbx_ordinal 
X-PLOR 'model building' 3.851 ? 1 
X-PLOR refinement       3.851 ? 2 
XDS    'data reduction' .     ? 3 
XSCALE 'data scaling'   .     ? 4 
X-PLOR phasing          3.851 ? 5 
# 
_cell.entry_id           104M 
_cell.length_a           64.730 
_cell.length_b           30.910 
_cell.length_c           34.828 
_cell.angle_alpha        90.00 
_cell.angle_beta         105.41 
_cell.angle_gamma        90.00 
_cell.Z_PDB              2 
_cell.pdbx_unique_axis   ? 
# 
_symmetry.entry_id                         104M 
_symmetry.space_group_name_H-M             'P 1 21 1' 
_symmetry.pdbx_full_space_group_name_H-M   ? 
_symmetry.cell_setting                     ? 
_symmetry.Int_Tables_number                4 
# 
_exptl.entry_id          104M 
_exptl.method            'X-RAY DIFFRACTION' 
_exptl.crystals_number   1 
# 
_exptl_crystal.id                    1 
_exptl_crystal.density_meas          ? 
_exptl_crystal.density_Matthews      1.87 
_exptl_crystal.density_percent_sol   34.3 
_exptl_crystal.description           ? 
# 
_exptl_crystal_grow.crystal_id      1 
_exptl_crystal_grow.method          ? 
_exptl_crystal_grow.temp            ? 
_exptl_crystal_grow.temp_details    ? 
_exptl_crystal_grow.pH              7.0 
_exptl_crystal_grow.pdbx_pH_range   ? 
_exptl_crystal_grow.pdbx_details    '3.0 M AMMONIUM SULFATE, UNBUFFERED, pH 7.0' 
# 
_diffrn.id                     1 
_diffrn.ambient_temp           292 
_diffrn.ambient_temp_details   ? 
_diffrn.crystal_id             1 
# 
_diffrn_detector.diffrn_id              1 
_diffrn_detector.detector               'IMAGE PLATE' 
_diffrn_detector.type                   RIGAKU 
_diffrn_detector.pdbx_collection_date   1994-03 
_diffrn_detector.details                'PINHOLE COLLIMATOR' 
# 
_diffrn_radiation.diffrn_id                        1 
_diffrn_radiation.wavelength_id                    1 
_diffrn_radiation.pdbx_monochromatic_or_laue_m_l   M 
_diffrn_radiation.monochromator                    'GRAPHITE(002)' 
_diffrn_radiation.pdbx_diffrn_protocol             ? 
_diffrn_radiation.pdbx_scattering_type             x-ray 
# 
_diffrn_radiation_wavelength.id           1 
_diffrn_radiation_wavelength.wavelength   1.5418 
_diffrn_radiation_wavelength.wt           1.0 
# 
_diffrn_source.diffrn_id                   1 
_diffrn_source.source                      'ROTATING ANODE' 
_diffrn_source.type                        SIEMENS 
_diffrn_source.pdbx_synchrotron_site       ? 
_diffrn_source.pdbx_synchrotron_beamline   ? 
_diffrn_source.pdbx_wavelength             1.5418 
_diffrn_source.pdbx_wavelength_list        ? 
# 
_reflns.entry_id                     104M 
_reflns.observed_criterion_sigma_I   0. 
_reflns.observed_criterion_sigma_F   ? 
_reflns.d_resolution_low             6.00 
_reflns.d_resolution_high            1.71 
_reflns.number_obs                   13484 
_reflns.number_all                   ? 
_reflns.percent_possible_obs         92.0 
_reflns.pdbx_Rmerge_I_obs            0.0400000 
_reflns.pdbx_Rsym_value              ? 
_reflns.pdbx_netI_over_sigmaI        ? 
_reflns.B_iso_Wilson_estimate        15.2 
_reflns.pdbx_redundancy              3.19 
_reflns.pdbx_diffrn_id               1 
_reflns.pdbx_ordinal                 1 
# 
_reflns_shell.d_res_high             1.71 
_reflns_shell.d_res_low              1.72 
_reflns_shell.percent_possible_all   92.4 
_reflns_shell.Rmerge_I_obs           0.1720000 
_reflns_shell.pdbx_Rsym_value        ? 
_reflns_shell.meanI_over_sigI_obs    ? 
_reflns_shell.pdbx_redundancy        3.03 
_reflns_shell.pdbx_diffrn_id         ? 
_reflns_shell.pdbx_ordinal           1 
# 
_refine.entry_id                                 104M 
_refine.ls_number_reflns_obs                     12792 
_refine.ls_number_reflns_all                     ? 
_refine.pdbx_ls_sigma_I                          ? 
_refine.pdbx_ls_sigma_F                          0.0 
_refine.pdbx_data_cutoff_high_absF               10000000.00 
_refine.pdbx_data_cutoff_low_absF                0.00100 
_refine.pdbx_data_cutoff_high_rms_absF           ? 
_refine.ls_d_res_low                             5.00 
_refine.ls_d_res_high                            1.71 
_refine.ls_percent_reflns_obs                    91.3 
_refine.ls_R_factor_obs                          0.1540000 
_refine.ls_R_factor_all                          ? 
_refine.ls_R_factor_R_work                       0.1540000 
_refine.ls_R_factor_R_free                       0.2250000 
_refine.ls_R_factor_R_free_error                 0.006 
_refine.ls_R_factor_R_free_error_details         ? 
_refine.ls_percent_reflns_R_free                 9.8 
_refine.ls_number_reflns_R_free                  1258 
_refine.ls_number_parameters                     ? 
_refine.ls_number_restraints                     ? 
_refine.occupancy_min                            ? 
_refine.occupancy_max                            ? 
_refine.B_iso_mean                               16.5 
_refine.aniso_B[1][1]                            ? 
_refine.aniso_B[2][2]                            ? 
_refine.aniso_B[3][3]                            ? 
_refine.aniso_B[1][2]                            ? 
_refine.aniso_B[1][3]                            ? 
_refine.aniso_B[2][3]                            ? 
_refine.solvent_model_details                    ? 
_refine.solvent_model_param_ksol                 ? 
_refine.solvent_model_param_bsol                 ? 
_refine.pdbx_ls_cross_valid_method               THROUGHOUT 
_refine.details                                  ? 
_refine.pdbx_starting_model                      'SPERM WHALE MYOGLOBIN NBNC MINUS LIGAND' 
_refine.pdbx_method_to_determine_struct          'MOLECULAR REPLACEMENT' 
_refine.pdbx_isotropic_thermal_model             RESTRAINED 
_refine.pdbx_stereochemistry_target_values       ? 
_refine.pdbx_stereochem_target_val_spec_case     ? 
_refine.pdbx_R_Free_selection_details            RANDOM 
_refine.pdbx_overall_ESU_R                       ? 
_refine.pdbx_overall_ESU_R_Free                  ? 
_refine.overall_SU_ML                            ? 
_refine.overall_SU_B                             ? 
_refine.pdbx_refine_id                           'X-RAY DIFFRACTION' 
_refine.pdbx_diffrn_id                           1 
_refine.pdbx_TLS_residual_ADP_flag               ? 
_refine.correlation_coeff_Fo_to_Fc               ? 
_refine.correlation_coeff_Fo_to_Fc_free          ? 
_refine.pdbx_solvent_vdw_probe_radii             ? 
_refine.pdbx_solvent_ion_probe_radii             ? 
_refine.pdbx_solvent_shrinkage_radii             ? 
_refine.pdbx_overall_phase_error                 ? 
_refine.overall_SU_R_Cruickshank_DPI             ? 
_refine.pdbx_overall_SU_R_free_Cruickshank_DPI   ? 
_refine.pdbx_overall_SU_R_Blow_DPI               ? 
_refine.pdbx_overall_SU_R_free_Blow_DPI          ? 
# 
_refine_analyze.entry_id                        104M 
_refine_analyze.Luzzati_coordinate_error_obs    0.16 
_refine_analyze.Luzzati_sigma_a_obs             0.16 
_refine_analyze.Luzzati_d_res_low_obs           5.00 
_refine_analyze.Luzzati_coordinate_error_free   0.21 
_refine_analyze.Luzzati_sigma_a_free            0.11 
_refine_analyze.Luzzati_d_res_low_free          ? 
_refine_analyze.number_disordered_residues      ? 
_refine_analyze.occupancy_sum_hydrogen          ? 
_refine_analyze.occupancy_sum_non_hydrogen      ? 
_refine_analyze.pdbx_refine_id                  'X-RAY DIFFRACTION' 
# 
_refine_hist.pdbx_refine_id                   'X-RAY DIFFRACTION' 
_refine_hist.cycle_id                         LAST 
_refine_hist.pdbx_number_atoms_protein        1217 
_refine_hist.pdbx_number_atoms_nucleic_acid   0 
_refine_hist.pdbx_number_atoms_ligand         49 
_refine_hist.number_atoms_solvent             184 
_refine_hist.number_atoms_total               1450 
_refine_hist.d_res_high                       1.71 
_refine_hist.d_res_low                        5.00 
# 
loop_
_refine_ls_restr.type 
_refine_ls_restr.dev_ideal 
_refine_ls_restr.dev_ideal_target 
_refine_ls_restr.weight 
_refine_ls_restr.number 
_refine_ls_restr.pdbx_refine_id 
_refine_ls_restr.pdbx_restraint_function 
x_bond_d                0.009 ?    ? ? 'X-RAY DIFFRACTION' ? 
x_bond_d_na             ?     ?    ? ? 'X-RAY DIFFRACTION' ? 
x_bond_d_prot           ?     ?    ? ? 'X-RAY DIFFRACTION' ? 
x_angle_d               ?     ?    ? ? 'X-RAY DIFFRACTION' ? 
x_angle_d_na            ?     ?    ? ? 'X-RAY DIFFRACTION' ? 
x_angle_d_prot          ?     ?    ? ? 'X-RAY DIFFRACTION' ? 
x_angle_deg             1.4   ?    ? ? 'X-RAY DIFFRACTION' ? 
x_angle_deg_na          ?     ?    ? ? 'X-RAY DIFFRACTION' ? 
x_angle_deg_prot        ?     ?    ? ? 'X-RAY DIFFRACTION' ? 
x_dihedral_angle_d      18.8  ?    ? ? 'X-RAY DIFFRACTION' ? 
x_dihedral_angle_d_na   ?     ?    ? ? 'X-RAY DIFFRACTION' ? 
x_dihedral_angle_d_prot ?     ?    ? ? 'X-RAY DIFFRACTION' ? 
x_improper_angle_d      1.31  ?    ? ? 'X-RAY DIFFRACTION' ? 
x_improper_angle_d_na   ?     ?    ? ? 'X-RAY DIFFRACTION' ? 
x_improper_angle_d_prot ?     ?    ? ? 'X-RAY DIFFRACTION' ? 
x_mcbond_it             2.24  1.50 ? ? 'X-RAY DIFFRACTION' ? 
x_mcangle_it            2.58  2.00 ? ? 'X-RAY DIFFRACTION' ? 
x_scbond_it             6.46  2.50 ? ? 'X-RAY DIFFRACTION' ? 
x_scangle_it            9.11  2.50 ? ? 'X-RAY DIFFRACTION' ? 
# 
_refine_ls_shell.pdbx_total_number_of_bins_used   8 
_refine_ls_shell.d_res_high                       1.71 
_refine_ls_shell.d_res_low                        1.78 
_refine_ls_shell.number_reflns_R_work             1337 
_refine_ls_shell.R_factor_R_work                  0.2250000 
_refine_ls_shell.percent_reflns_obs               87.3 
_refine_ls_shell.R_factor_R_free                  0.2280000 
_refine_ls_shell.R_factor_R_free_error            0.018 
_refine_ls_shell.percent_reflns_R_free            10.8 
_refine_ls_shell.number_reflns_R_free             162 
_refine_ls_shell.pdbx_refine_id                   'X-RAY DIFFRACTION' 
_refine_ls_shell.number_reflns_all                ? 
_refine_ls_shell.R_factor_all                     ? 
# 
loop_
_pdbx_xplor_file.serial_no 
_pdbx_xplor_file.param_file 
_pdbx_xplor_file.topol_file 
_pdbx_xplor_file.pdbx_refine_id 
1 PARHCSDX.PRO   TOPHCSDX.PRO  'X-RAY DIFFRACTION' 
2 PARAMETER.HEME TOPOLOGY.HEME 'X-RAY DIFFRACTION' 
3 PARAMETER.NBNC TOPOLOGY.NBNC 'X-RAY DIFFRACTION' 
4 PARAM19.SOLV   TOPH19.SOLV   'X-RAY DIFFRACTION' 
# 
_struct.entry_id                  104M 
_struct.title                     'SPERM WHALE MYOGLOBIN N-BUTYL ISOCYANIDE AT PH 7.0' 
_struct.pdbx_model_details        ? 
_struct.pdbx_CASP_flag            ? 
_struct.pdbx_model_type_details   ? 
# 
_struct_keywords.entry_id        104M 
_struct_keywords.pdbx_keywords   'OXYGEN TRANSPORT' 
_struct_keywords.text            'LIGAND BINDING, OXYGEN STORAGE, OXYGEN BINDING, HEME, OXYGEN TRANSPORT' 
# 
loop_
_struct_asym.id 
_struct_asym.pdbx_blank_PDB_chainid_flag 
_struct_asym.pdbx_modified 
_struct_asym.entity_id 
_struct_asym.details 
A N N 1 ? 
B N N 2 ? 
C N N 3 ? 
D N N 4 ? 
E N N 5 ? 
# 
_struct_ref.id                         1 
_struct_ref.db_name                    UNP 
_struct_ref.db_code                    MYG_PHYCA 
_struct_ref.entity_id                  1 
_struct_ref.pdbx_db_accession          P02185 
_struct_ref.pdbx_align_begin           1 
_struct_ref.pdbx_seq_one_letter_code   
;VLSEGEWQLVLHVWAKVEADVAGHGQDILIRLFKSHPETLEKFDRFKHLKTEAEMKASEDLKKHGVTVLTALGAILKKKG
HHEAELKPLAQSHATKHKIPIKYLEFISEAIIHVLHSRHPGDFGADAQGAMNKALELFRKDIAAKYKELGYQG
;
_struct_ref.pdbx_db_isoform            ? 
# 
_struct_ref_seq.align_id                      1 
_struct_ref_seq.ref_id                        1 
_struct_ref_seq.pdbx_PDB_id_code              104M 
_struct_ref_seq.pdbx_strand_id                A 
_struct_ref_seq.seq_align_beg                 1 
_struct_ref_seq.pdbx_seq_align_beg_ins_code   ? 
_struct_ref_seq.seq_align_end                 153 
_struct_ref_seq.pdbx_seq_align_end_ins_code   ? 
_struct_ref_seq.pdbx_db_accession             P02185 
_struct_ref_seq.db_align_beg                  1 
_struct_ref_seq.pdbx_db_align_beg_ins_code    ? 
_struct_ref_seq.db_align_end                  153 
_struct_ref_seq.pdbx_db_align_end_ins_code    ? 
_struct_ref_seq.pdbx_auth_seq_align_beg       1 
_struct_ref_seq.pdbx_auth_seq_align_end       153 
# 
_pdbx_struct_assembly.id                   1 
_pdbx_struct_assembly.details              author_defined_assembly 
_pdbx_struct_assembly.method_details       ? 
_pdbx_struct_assembly.oligomeric_details   monomeric 
_pdbx_struct_assembly.oligomeric_count     1 
# 
_pdbx_struct_assembly_gen.assembly_id       1 
_pdbx_struct_assembly_gen.oper_expression   1 
_pdbx_struct_assembly_gen.asym_id_list      A,B,C,D,E 
# 
_pdbx_struct_oper_list.id                   1 
_pdbx_struct_oper_list.type                 'identity operation' 
_pdbx_struct_oper_list.name                 1_555 
_pdbx_struct_oper_list.symmetry_operation   x,y,z 
_pdbx_struct_oper_list.matrix[1][1]         1.0000000000 
_pdbx_struct_oper_list.matrix[1][2]         0.0000000000 
_pdbx_struct_oper_list.matrix[1][3]         0.0000000000 
_pdbx_struct_oper_list.vector[1]            0.0000000000 
_pdbx_struct_oper_list.matrix[2][1]         0.0000000000 
_pdbx_struct_oper_list.matrix[2][2]         1.0000000000 
_pdbx_struct_oper_list.matrix[2][3]         0.0000000000 
_pdbx_struct_oper_list.vector[2]            0.0000000000 
_pdbx_struct_oper_list.matrix[3][1]         0.0000000000 
_pdbx_struct_oper_list.matrix[3][2]         0.0000000000 
_pdbx_struct_oper_list.matrix[3][3]         1.0000000000 
_pdbx_struct_oper_list.vector[3]            0.0000000000 
# 
_struct_biol.id   1 
# 
loop_
_struct_conf.conf_type_id 
_struct_conf.id 
_struct_conf.pdbx_PDB_helix_id 
_struct_conf.beg_label_comp_id 
_struct_conf.beg_label_asym_id 
_struct_conf.beg_label_seq_id 
_struct_conf.pdbx_beg_PDB_ins_code 
_struct_conf.end_label_comp_id 
_struct_conf.end_label_asym_id 
_struct_conf.end_label_seq_id 
_struct_conf.pdbx_end_PDB_ins_code 
_struct_conf.beg_auth_comp_id 
_struct_conf.beg_auth_asym_id 
_struct_conf.beg_auth_seq_id 
_struct_conf.end_auth_comp_id 
_struct_conf.end_auth_asym_id 
_struct_conf.end_auth_seq_id 
_struct_conf.pdbx_PDB_helix_class 
_struct_conf.details 
_struct_conf.pdbx_PDB_helix_length 
HELX_P HELX_P1 1 SER A 3   ? GLU A 18  ? SER A 3   GLU A 18  1 ? 16 
HELX_P HELX_P2 2 ASP A 20  ? SER A 35  ? ASP A 20  SER A 35  1 ? 16 
HELX_P HELX_P3 3 HIS A 36  ? LYS A 42  ? HIS A 36  LYS A 42  1 ? 7  
HELX_P HELX_P4 4 THR A 51  ? ALA A 57  ? THR A 51  ALA A 57  1 ? 7  
HELX_P HELX_P5 5 SER A 58  ? LYS A 77  ? SER A 58  LYS A 77  1 ? 20 
HELX_P HELX_P6 6 LEU A 86  ? ALA A 94  ? LEU A 86  ALA A 94  1 ? 9  
HELX_P HELX_P7 7 PRO A 100 ? ARG A 118 ? PRO A 100 ARG A 118 1 ? 19 
HELX_P HELX_P8 8 GLY A 124 ? LEU A 149 ? GLY A 124 LEU A 149 1 ? 26 
# 
_struct_conf_type.id          HELX_P 
_struct_conf_type.criteria    ? 
_struct_conf_type.reference   ? 
# 
loop_
_struct_conn.id 
_struct_conn.conn_type_id 
_struct_conn.pdbx_leaving_atom_flag 
_struct_conn.pdbx_PDB_id 
_struct_conn.ptnr1_label_asym_id 
_struct_conn.ptnr1_label_comp_id 
_struct_conn.ptnr1_label_seq_id 
_struct_conn.ptnr1_label_atom_id 
_struct_conn.pdbx_ptnr1_label_alt_id 
_struct_conn.pdbx_ptnr1_PDB_ins_code 
_struct_conn.pdbx_ptnr1_standard_comp_id 
_struct_conn.ptnr1_symmetry 
_struct_conn.ptnr2_label_asym_id 
_struct_conn.ptnr2_label_comp_id 
_struct_conn.ptnr2_label_seq_id 
_struct_conn.ptnr2_label_atom_id 
_struct_conn.pdbx_ptnr2_label_alt_id 
_struct_conn.pdbx_ptnr2_PDB_ins_code 
_struct_conn.ptnr1_auth_asym_id 
_struct_conn.ptnr1_auth_comp_id 
_struct_conn.ptnr1_auth_seq_id 
_struct_conn.ptnr2_auth_asym_id 
_struct_conn.ptnr2_auth_comp_id 
_struct_conn.ptnr2_auth_seq_id 
_struct_conn.ptnr2_symmetry 
_struct_conn.pdbx_ptnr3_label_atom_id 
_struct_conn.pdbx_ptnr3_label_seq_id 
_struct_conn.pdbx_ptnr3_label_comp_id 
_struct_conn.pdbx_ptnr3_label_asym_id 
_struct_conn.pdbx_ptnr3_label_alt_id 
_struct_conn.pdbx_ptnr3_PDB_ins_code 
_struct_conn.details 
_struct_conn.pdbx_dist_value 
_struct_conn.pdbx_value_order 
_struct_conn.pdbx_role 
metalc1 metalc ? ? A HIS 93 NE2 ? ? ? 1_555 C HEM . FE ? ? A HIS 93  A HEM 155 1_555 ? ? ? ? ? ? ? 2.184 ? ? 
metalc2 metalc ? ? C HEM .  FE  ? ? ? 1_555 D NBN . C  ? ? A HEM 155 A NBN 156 1_555 ? ? ? ? ? ? ? 2.128 ? ? 
# 
_struct_conn_type.id          metalc 
_struct_conn_type.criteria    ? 
_struct_conn_type.reference   ? 
# 
loop_
_pdbx_struct_conn_angle.id 
_pdbx_struct_conn_angle.ptnr1_label_atom_id 
_pdbx_struct_conn_angle.ptnr1_label_alt_id 
_pdbx_struct_conn_angle.ptnr1_label_asym_id 
_pdbx_struct_conn_angle.ptnr1_label_comp_id 
_pdbx_struct_conn_angle.ptnr1_label_seq_id 
_pdbx_struct_conn_angle.ptnr1_auth_atom_id 
_pdbx_struct_conn_angle.ptnr1_auth_asym_id 
_pdbx_struct_conn_angle.ptnr1_auth_comp_id 
_pdbx_struct_conn_angle.ptnr1_auth_seq_id 
_pdbx_struct_conn_angle.ptnr1_PDB_ins_code 
_pdbx_struct_conn_angle.ptnr1_symmetry 
_pdbx_struct_conn_angle.ptnr2_label_atom_id 
_pdbx_struct_conn_angle.ptnr2_label_alt_id 
_pdbx_struct_conn_angle.ptnr2_label_asym_id 
_pdbx_struct_conn_angle.ptnr2_label_comp_id 
_pdbx_struct_conn_angle.ptnr2_label_seq_id 
_pdbx_struct_conn_angle.ptnr2_auth_atom_id 
_pdbx_struct_conn_angle.ptnr2_auth_asym_id 
_pdbx_struct_conn_angle.ptnr2_auth_comp_id 
_pdbx_struct_conn_angle.ptnr2_auth_seq_id 
_pdbx_struct_conn_angle.ptnr2_PDB_ins_code 
_pdbx_struct_conn_angle.ptnr2_symmetry 
_pdbx_struct_conn_angle.ptnr3_label_atom_id 
_pdbx_struct_conn_angle.ptnr3_label_alt_id 
_pdbx_struct_conn_angle.ptnr3_label_asym_id 
_pdbx_struct_conn_angle.ptnr3_label_comp_id 
_pdbx_struct_conn_angle.ptnr3_label_seq_id 
_pdbx_struct_conn_angle.ptnr3_auth_atom_id 
_pdbx_struct_conn_angle.ptnr3_auth_asym_id 
_pdbx_struct_conn_angle.ptnr3_auth_comp_id 
_pdbx_struct_conn_angle.ptnr3_auth_seq_id 
_pdbx_struct_conn_angle.ptnr3_PDB_ins_code 
_pdbx_struct_conn_angle.ptnr3_symmetry 
_pdbx_struct_conn_angle.value 
_pdbx_struct_conn_angle.value_esd 
1  NE2 ? A HIS 93 ? A HIS 93  ? 1_555 FE ? C HEM . ? A HEM 155 ? 1_555 NA ? C HEM . ? A HEM 155 ? 1_555 88.6  ? 
2  NE2 ? A HIS 93 ? A HIS 93  ? 1_555 FE ? C HEM . ? A HEM 155 ? 1_555 NB ? C HEM . ? A HEM 155 ? 1_555 88.6  ? 
3  NA  ? C HEM .  ? A HEM 155 ? 1_555 FE ? C HEM . ? A HEM 155 ? 1_555 NB ? C HEM . ? A HEM 155 ? 1_555 87.6  ? 
4  NE2 ? A HIS 93 ? A HIS 93  ? 1_555 FE ? C HEM . ? A HEM 155 ? 1_555 NC ? C HEM . ? A HEM 155 ? 1_555 89.6  ? 
5  NA  ? C HEM .  ? A HEM 155 ? 1_555 FE ? C HEM . ? A HEM 155 ? 1_555 NC ? C HEM . ? A HEM 155 ? 1_555 178.1 ? 
6  NB  ? C HEM .  ? A HEM 155 ? 1_555 FE ? C HEM . ? A HEM 155 ? 1_555 NC ? C HEM . ? A HEM 155 ? 1_555 92.8  ? 
7  NE2 ? A HIS 93 ? A HIS 93  ? 1_555 FE ? C HEM . ? A HEM 155 ? 1_555 ND ? C HEM . ? A HEM 155 ? 1_555 88.4  ? 
8  NA  ? C HEM .  ? A HEM 155 ? 1_555 FE ? C HEM . ? A HEM 155 ? 1_555 ND ? C HEM . ? A HEM 155 ? 1_555 87.5  ? 
9  NB  ? C HEM .  ? A HEM 155 ? 1_555 FE ? C HEM . ? A HEM 155 ? 1_555 ND ? C HEM . ? A HEM 155 ? 1_555 174.4 ? 
10 NC  ? C HEM .  ? A HEM 155 ? 1_555 FE ? C HEM . ? A HEM 155 ? 1_555 ND ? C HEM . ? A HEM 155 ? 1_555 91.9  ? 
11 NE2 ? A HIS 93 ? A HIS 93  ? 1_555 FE ? C HEM . ? A HEM 155 ? 1_555 C  ? D NBN . ? A NBN 156 ? 1_555 178.0 ? 
12 NA  ? C HEM .  ? A HEM 155 ? 1_555 FE ? C HEM . ? A HEM 155 ? 1_555 C  ? D NBN . ? A NBN 156 ? 1_555 89.5  ? 
13 NB  ? C HEM .  ? A HEM 155 ? 1_555 FE ? C HEM . ? A HEM 155 ? 1_555 C  ? D NBN . ? A NBN 156 ? 1_555 91.8  ? 
14 NC  ? C HEM .  ? A HEM 155 ? 1_555 FE ? C HEM . ? A HEM 155 ? 1_555 C  ? D NBN . ? A NBN 156 ? 1_555 92.3  ? 
15 ND  ? C HEM .  ? A HEM 155 ? 1_555 FE ? C HEM . ? A HEM 155 ? 1_555 C  ? D NBN . ? A NBN 156 ? 1_555 91.0  ? 
# 
loop_
_struct_site.id 
_struct_site.pdbx_evidence_code 
_struct_site.pdbx_auth_asym_id 
_struct_site.pdbx_auth_comp_id 
_struct_site.pdbx_auth_seq_id 
_struct_site.pdbx_auth_ins_code 
_struct_site.pdbx_num_residues 
_struct_site.details 
HEM Unknown  ? ?   ?   ? 1  'LIGAND BINDING SITE.'               
AC1 Software A SO4 157 ? 6  'BINDING SITE FOR RESIDUE SO4 A 157' 
AC2 Software A HEM 155 ? 15 'BINDING SITE FOR RESIDUE HEM A 155' 
AC3 Software A NBN 156 ? 5  'BINDING SITE FOR RESIDUE NBN A 156' 
# 
loop_
_struct_site_gen.id 
_struct_site_gen.site_id 
_struct_site_gen.pdbx_num_res 
_struct_site_gen.label_comp_id 
_struct_site_gen.label_asym_id 
_struct_site_gen.label_seq_id 
_struct_site_gen.pdbx_auth_ins_code 
_struct_site_gen.auth_comp_id 
_struct_site_gen.auth_asym_id 
_struct_site_gen.auth_seq_id 
_struct_site_gen.label_atom_id 
_struct_site_gen.label_alt_id 
_struct_site_gen.symmetry 
_struct_site_gen.details 
1  HEM 1  HEM C .   ? HEM A 155 . ? 1_555 ? 
2  AC1 6  SER A 58  ? SER A 58  . ? 1_555 ? 
3  AC1 6  GLU A 59  ? GLU A 59  . ? 1_555 ? 
4  AC1 6  ASP A 60  ? ASP A 60  . ? 1_555 ? 
5  AC1 6  HOH E .   ? HOH A 222 . ? 1_555 ? 
6  AC1 6  HOH E .   ? HOH A 281 . ? 1_555 ? 
7  AC1 6  HOH E .   ? HOH A 282 . ? 1_555 ? 
8  AC2 15 LYS A 42  ? LYS A 42  . ? 1_555 ? 
9  AC2 15 PHE A 43  ? PHE A 43  . ? 1_555 ? 
10 AC2 15 ARG A 45  ? ARG A 45  . ? 1_555 ? 
11 AC2 15 VAL A 68  ? VAL A 68  . ? 1_555 ? 
12 AC2 15 SER A 92  ? SER A 92  . ? 1_555 ? 
13 AC2 15 HIS A 93  ? HIS A 93  . ? 1_555 ? 
14 AC2 15 HIS A 97  ? HIS A 97  . ? 1_555 ? 
15 AC2 15 ILE A 99  ? ILE A 99  . ? 1_555 ? 
16 AC2 15 TYR A 103 ? TYR A 103 . ? 1_555 ? 
17 AC2 15 NBN D .   ? NBN A 156 . ? 1_555 ? 
18 AC2 15 HOH E .   ? HOH A 207 . ? 1_555 ? 
19 AC2 15 HOH E .   ? HOH A 235 . ? 1_555 ? 
20 AC2 15 HOH E .   ? HOH A 242 . ? 1_555 ? 
21 AC2 15 HOH E .   ? HOH A 336 . ? 1_555 ? 
22 AC2 15 HOH E .   ? HOH A 350 . ? 1_555 ? 
23 AC3 5  PHE A 43  ? PHE A 43  . ? 1_555 ? 
24 AC3 5  HIS A 64  ? HIS A 64  . ? 1_555 ? 
25 AC3 5  THR A 67  ? THR A 67  . ? 1_555 ? 
26 AC3 5  VAL A 68  ? VAL A 68  . ? 1_555 ? 
27 AC3 5  HEM C .   ? HEM A 155 . ? 1_555 ? 
# 
loop_
_pdbx_validate_torsion.id 
_pdbx_validate_torsion.PDB_model_num 
_pdbx_validate_torsion.auth_comp_id 
_pdbx_validate_torsion.auth_asym_id 
_pdbx_validate_torsion.auth_seq_id 
_pdbx_validate_torsion.PDB_ins_code 
_pdbx_validate_torsion.label_alt_id 
_pdbx_validate_torsion.phi 
_pdbx_validate_torsion.psi 
1 1 ASP A 20  ? ? -153.01 70.00 
2 1 GLN A 152 ? ? -53.54  95.79 
# 
loop_
_chem_comp_atom.comp_id 
_chem_comp_atom.atom_id 
_chem_comp_atom.type_symbol 
_chem_comp_atom.pdbx_aromatic_flag 
_chem_comp_atom.pdbx_stereo_config 
_chem_comp_atom.pdbx_ordinal 
ALA N    N  N N 1   
ALA CA   C  N S 2   
ALA C    C  N N 3   
ALA O    O  N N 4   
ALA CB   C  N N 5   
ALA OXT  O  N N 6   
ALA H    H  N N 7   
ALA H2   H  N N 8   
ALA HA   H  N N 9   
ALA HB1  H  N N 10  
ALA HB2  H  N N 11  
ALA HB3  H  N N 12  
ALA HXT  H  N N 13  
ARG N    N  N N 14  
ARG CA   C  N S 15  
ARG C    C  N N 16  
ARG O    O  N N 17  
ARG CB   C  N N 18  
ARG CG   C  N N 19  
ARG CD   C  N N 20  
ARG NE   N  N N 21  
ARG CZ   C  N N 22  
ARG NH1  N  N N 23  
ARG NH2  N  N N 24  
ARG OXT  O  N N 25  
ARG H    H  N N 26  
ARG H2   H  N N 27  
ARG HA   H  N N 28  
ARG HB2  H  N N 29  
ARG HB3  H  N N 30  
ARG HG2  H  N N 31  
ARG HG3  H  N N 32  
ARG HD2  H  N N 33  
ARG HD3  H  N N 34  
ARG HE   H  N N 35  
ARG HH11 H  N N 36  
ARG HH12 H  N N 37  
ARG HH21 H  N N 38  
ARG HH22 H  N N 39  
ARG HXT  H  N N 40  
ASN N    N  N N 41  
ASN CA   C  N S 42  
ASN C    C  N N 43  
ASN O    O  N N 44  
ASN CB   C  N N 45  
ASN CG   C  N N 46  
ASN OD1  O  N N 47  
ASN ND2  N  N N 48  
ASN OXT  O  N N 49  
ASN H    H  N N 50  
ASN H2   H  N N 51  
ASN HA   H  N N 52  
ASN HB2  H  N N 53  
ASN HB3  H  N N 54  
ASN HD21 H  N N 55  
ASN HD22 H  N N 56  
ASN HXT  H  N N 57  
ASP N    N  N N 58  
ASP CA   C  N S 59  
ASP C    C  N N 60  
ASP O    O  N N 61  
ASP CB   C  N N 62  
ASP CG   C  N N 63  
ASP OD1  O  N N 64  
ASP OD2  O  N N 65  
ASP OXT  O  N N 66  
ASP H    H  N N 67  
ASP H2   H  N N 68  
ASP HA   H  N N 69  
ASP HB2  H  N N 70  
ASP HB3  H  N N 71  
ASP HD2  H  N N 72  
ASP HXT  H  N N 73  
GLN N    N  N N 74  
GLN CA   C  N S 75  
GLN C    C  N N 76  
GLN O    O  N N 77  
GLN CB   C  N N 78  
GLN CG   C  N N 79  
GLN CD   C  N N 80  
GLN OE1  O  N N 81  
GLN NE2  N  N N 82  
GLN OXT  O  N N 83  
GLN H    H  N N 84  
GLN H2   H  N N 85  
GLN HA   H  N N 86  
GLN HB2  H  N N 87  
GLN HB3  H  N N 88  
GLN HG2  H  N N 89  
GLN HG3  H  N N 90  
GLN HE21 H  N N 91  
GLN HE22 H  N N 92  
GLN HXT  H  N N 93  
GLU N    N  N N 94  
GLU CA   C  N S 95  
GLU C    C  N N 96  
GLU O    O  N N 97  
GLU CB   C  N N 98  
GLU CG   C  N N 99  
GLU CD   C  N N 100 
GLU OE1  O  N N 101 
GLU OE2  O  N N 102 
GLU OXT  O  N N 103 
GLU H    H  N N 104 
GLU H2   H  N N 105 
GLU HA   H  N N 106 
GLU HB2  H  N N 107 
GLU HB3  H  N N 108 
GLU HG2  H  N N 109 
GLU HG3  H  N N 110 
GLU HE2  H  N N 111 
GLU HXT  H  N N 112 
GLY N    N  N N 113 
GLY CA   C  N N 114 
GLY C    C  N N 115 
GLY O    O  N N 116 
GLY OXT  O  N N 117 
GLY H    H  N N 118 
GLY H2   H  N N 119 
GLY HA2  H  N N 120 
GLY HA3  H  N N 121 
GLY HXT  H  N N 122 
HEM CHA  C  N N 123 
HEM CHB  C  N N 124 
HEM CHC  C  N N 125 
HEM CHD  C  N N 126 
HEM C1A  C  Y N 127 
HEM C2A  C  Y N 128 
HEM C3A  C  Y N 129 
HEM C4A  C  Y N 130 
HEM CMA  C  N N 131 
HEM CAA  C  N N 132 
HEM CBA  C  N N 133 
HEM CGA  C  N N 134 
HEM O1A  O  N N 135 
HEM O2A  O  N N 136 
HEM C1B  C  N N 137 
HEM C2B  C  N N 138 
HEM C3B  C  N N 139 
HEM C4B  C  N N 140 
HEM CMB  C  N N 141 
HEM CAB  C  N N 142 
HEM CBB  C  N N 143 
HEM C1C  C  Y N 144 
HEM C2C  C  Y N 145 
HEM C3C  C  Y N 146 
HEM C4C  C  Y N 147 
HEM CMC  C  N N 148 
HEM CAC  C  N N 149 
HEM CBC  C  N N 150 
HEM C1D  C  N N 151 
HEM C2D  C  N N 152 
HEM C3D  C  N N 153 
HEM C4D  C  N N 154 
HEM CMD  C  N N 155 
HEM CAD  C  N N 156 
HEM CBD  C  N N 157 
HEM CGD  C  N N 158 
HEM O1D  O  N N 159 
HEM O2D  O  N N 160 
HEM NA   N  Y N 161 
HEM NB   N  N N 162 
HEM NC   N  Y N 163 
HEM ND   N  N N 164 
HEM FE   FE N N 165 
HEM HHB  H  N N 166 
HEM HHC  H  N N 167 
HEM HHD  H  N N 168 
HEM HMA  H  N N 169 
HEM HMAA H  N N 170 
HEM HMAB H  N N 171 
HEM HAA  H  N N 172 
HEM HAAA H  N N 173 
HEM HBA  H  N N 174 
HEM HBAA H  N N 175 
HEM HMB  H  N N 176 
HEM HMBA H  N N 177 
HEM HMBB H  N N 178 
HEM HAB  H  N N 179 
HEM HBB  H  N N 180 
HEM HBBA H  N N 181 
HEM HMC  H  N N 182 
HEM HMCA H  N N 183 
HEM HMCB H  N N 184 
HEM HAC  H  N N 185 
HEM HBC  H  N N 186 
HEM HBCA H  N N 187 
HEM HMD  H  N N 188 
HEM HMDA H  N N 189 
HEM HMDB H  N N 190 
HEM HAD  H  N N 191 
HEM HADA H  N N 192 
HEM HBD  H  N N 193 
HEM HBDA H  N N 194 
HEM H2A  H  N N 195 
HEM H2D  H  N N 196 
HEM HHA  H  N N 197 
HIS N    N  N N 198 
HIS CA   C  N S 199 
HIS C    C  N N 200 
HIS O    O  N N 201 
HIS CB   C  N N 202 
HIS CG   C  Y N 203 
HIS ND1  N  Y N 204 
HIS CD2  C  Y N 205 
HIS CE1  C  Y N 206 
HIS NE2  N  Y N 207 
HIS OXT  O  N N 208 
HIS H    H  N N 209 
HIS H2   H  N N 210 
HIS HA   H  N N 211 
HIS HB2  H  N N 212 
HIS HB3  H  N N 213 
HIS HD1  H  N N 214 
HIS HD2  H  N N 215 
HIS HE1  H  N N 216 
HIS HE2  H  N N 217 
HIS HXT  H  N N 218 
HOH O    O  N N 219 
HOH H1   H  N N 220 
HOH H2   H  N N 221 
ILE N    N  N N 222 
ILE CA   C  N S 223 
ILE C    C  N N 224 
ILE O    O  N N 225 
ILE CB   C  N S 226 
ILE CG1  C  N N 227 
ILE CG2  C  N N 228 
ILE CD1  C  N N 229 
ILE OXT  O  N N 230 
ILE H    H  N N 231 
ILE H2   H  N N 232 
ILE HA   H  N N 233 
ILE HB   H  N N 234 
ILE HG12 H  N N 235 
ILE HG13 H  N N 236 
ILE HG21 H  N N 237 
ILE HG22 H  N N 238 
ILE HG23 H  N N 239 
ILE HD11 H  N N 240 
ILE HD12 H  N N 241 
ILE HD13 H  N N 242 
ILE HXT  H  N N 243 
LEU N    N  N N 244 
LEU CA   C  N S 245 
LEU C    C  N N 246 
LEU O    O  N N 247 
LEU CB   C  N N 248 
LEU CG   C  N N 249 
LEU CD1  C  N N 250 
LEU CD2  C  N N 251 
LEU OXT  O  N N 252 
LEU H    H  N N 253 
LEU H2   H  N N 254 
LEU HA   H  N N 255 
LEU HB2  H  N N 256 
LEU HB3  H  N N 257 
LEU HG   H  N N 258 
LEU HD11 H  N N 259 
LEU HD12 H  N N 260 
LEU HD13 H  N N 261 
LEU HD21 H  N N 262 
LEU HD22 H  N N 263 
LEU HD23 H  N N 264 
LEU HXT  H  N N 265 
LYS N    N  N N 266 
LYS CA   C  N S 267 
LYS C    C  N N 268 
LYS O    O  N N 269 
LYS CB   C  N N 270 
LYS CG   C  N N 271 
LYS CD   C  N N 272 
LYS CE   C  N N 273 
LYS NZ   N  N N 274 
LYS OXT  O  N N 275 
LYS H    H  N N 276 
LYS H2   H  N N 277 
LYS HA   H  N N 278 
LYS HB2  H  N N 279 
LYS HB3  H  N N 280 
LYS HG2  H  N N 281 
LYS HG3  H  N N 282 
LYS HD2  H  N N 283 
LYS HD3  H  N N 284 
LYS HE2  H  N N 285 
LYS HE3  H  N N 286 
LYS HZ1  H  N N 287 
LYS HZ2  H  N N 288 
LYS HZ3  H  N N 289 
LYS HXT  H  N N 290 
MET N    N  N N 291 
MET CA   C  N S 292 
MET C    C  N N 293 
MET O    O  N N 294 
MET CB   C  N N 295 
MET CG   C  N N 296 
MET SD   S  N N 297 
MET CE   C  N N 298 
MET OXT  O  N N 299 
MET H    H  N N 300 
MET H2   H  N N 301 
MET HA   H  N N 302 
MET HB2  H  N N 303 
MET HB3  H  N N 304 
MET HG2  H  N N 305 
MET HG3  H  N N 306 
MET HE1  H  N N 307 
MET HE2  H  N N 308 
MET HE3  H  N N 309 
MET HXT  H  N N 310 
NBN C    C  N N 311 
NBN N    N  N N 312 
NBN C1   C  N N 313 
NBN C2   C  N N 314 
NBN C3   C  N N 315 
NBN C4   C  N N 316 
NBN H11  H  N N 317 
NBN H12  H  N N 318 
NBN H21  H  N N 319 
NBN H22  H  N N 320 
NBN H31  H  N N 321 
NBN H32  H  N N 322 
NBN H41  H  N N 323 
NBN H42  H  N N 324 
NBN H43  H  N N 325 
PHE N    N  N N 326 
PHE CA   C  N S 327 
PHE C    C  N N 328 
PHE O    O  N N 329 
PHE CB   C  N N 330 
PHE CG   C  Y N 331 
PHE CD1  C  Y N 332 
PHE CD2  C  Y N 333 
PHE CE1  C  Y N 334 
PHE CE2  C  Y N 335 
PHE CZ   C  Y N 336 
PHE OXT  O  N N 337 
PHE H    H  N N 338 
PHE H2   H  N N 339 
PHE HA   H  N N 340 
PHE HB2  H  N N 341 
PHE HB3  H  N N 342 
PHE HD1  H  N N 343 
PHE HD2  H  N N 344 
PHE HE1  H  N N 345 
PHE HE2  H  N N 346 
PHE HZ   H  N N 347 
PHE HXT  H  N N 348 
PRO N    N  N N 349 
PRO CA   C  N S 350 
PRO C    C  N N 351 
PRO O    O  N N 352 
PRO CB   C  N N 353 
PRO CG   C  N N 354 
PRO CD   C  N N 355 
PRO OXT  O  N N 356 
PRO H    H  N N 357 
PRO HA   H  N N 358 
PRO HB2  H  N N 359 
PRO HB3  H  N N 360 
PRO HG2  H  N N 361 
PRO HG3  H  N N 362 
PRO HD2  H  N N 363 
PRO HD3  H  N N 364 
PRO HXT  H  N N 365 
SER N    N  N N 366 
SER CA   C  N S 367 
SER C    C  N N 368 
SER O    O  N N 369 
SER CB   C  N N 370 
SER OG   O  N N 371 
SER OXT  O  N N 372 
SER H    H  N N 373 
SER H2   H  N N 374 
SER HA   H  N N 375 
SER HB2  H  N N 376 
SER HB3  H  N N 377 
SER HG   H  N N 378 
SER HXT  H  N N 379 
SO4 S    S  N N 380 
SO4 O1   O  N N 381 
SO4 O2   O  N N 382 
SO4 O3   O  N N 383 
SO4 O4   O  N N 384 
THR N    N  N N 385 
THR CA   C  N S 386 
THR C    C  N N 387 
THR O    O  N N 388 
THR CB   C  N R 389 
THR OG1  O  N N 390 
THR CG2  C  N N 391 
THR OXT  O  N N 392 
THR H    H  N N 393 
THR H2   H  N N 394 
THR HA   H  N N 395 
THR HB   H  N N 396 
THR HG1  H  N N 397 
THR HG21 H  N N 398 
THR HG22 H  N N 399 
THR HG23 H  N N 400 
THR HXT  H  N N 401 
TRP N    N  N N 402 
TRP CA   C  N S 403 
TRP C    C  N N 404 
TRP O    O  N N 405 
TRP CB   C  N N 406 
TRP CG   C  Y N 407 
TRP CD1  C  Y N 408 
TRP CD2  C  Y N 409 
TRP NE1  N  Y N 410 
TRP CE2  C  Y N 411 
TRP CE3  C  Y N 412 
TRP CZ2  C  Y N 413 
TRP CZ3  C  Y N 414 
TRP CH2  C  Y N 415 
TRP OXT  O  N N 416 
TRP H    H  N N 417 
TRP H2   H  N N 418 
TRP HA   H  N N 419 
TRP HB2  H  N N 420 
TRP HB3  H  N N 421 
TRP HD1  H  N N 422 
TRP HE1  H  N N 423 
TRP HE3  H  N N 424 
TRP HZ2  H  N N 425 
TRP HZ3  H  N N 426 
TRP HH2  H  N N 427 
TRP HXT  H  N N 428 
TYR N    N  N N 429 
TYR CA   C  N S 430 
TYR C    C  N N 431 
TYR O    O  N N 432 
TYR CB   C  N N 433 
TYR CG   C  Y N 434 
TYR CD1  C  Y N 435 
TYR CD2  C  Y N 436 
TYR CE1  C  Y N 437 
TYR CE2  C  Y N 438 
TYR CZ   C  Y N 439 
TYR OH   O  N N 440 
TYR OXT  O  N N 441 
TYR H    H  N N 442 
TYR H2   H  N N 443 
TYR HA   H  N N 444 
TYR HB2  H  N N 445 
TYR HB3  H  N N 446 
TYR HD1  H  N N 447 
TYR HD2  H  N N 448 
TYR HE1  H  N N 449 
TYR HE2  H  N N 450 
TYR HH   H  N N 451 
TYR HXT  H  N N 452 
VAL N    N  N N 453 
VAL CA   C  N S 454 
VAL C    C  N N 455 
VAL O    O  N N 456 
VAL CB   C  N N 457 
VAL CG1  C  N N 458 
VAL CG2  C  N N 459 
VAL OXT  O  N N 460 
VAL H    H  N N 461 
VAL H2   H  N N 462 
VAL HA   H  N N 463 
VAL HB   H  N N 464 
VAL HG11 H  N N 465 
VAL HG12 H  N N 466 
VAL HG13 H  N N 467 
VAL HG21 H  N N 468 
VAL HG22 H  N N 469 
VAL HG23 H  N N 470 
VAL HXT  H  N N 471 
# 
loop_
_chem_comp_bond.comp_id 
_chem_comp_bond.atom_id_1 
_chem_comp_bond.atom_id_2 
_chem_comp_bond.value_order 
_chem_comp_bond.pdbx_aromatic_flag 
_chem_comp_bond.pdbx_stereo_config 
_chem_comp_bond.pdbx_ordinal 
ALA N   CA   sing N N 1   
ALA N   H    sing N N 2   
ALA N   H2   sing N N 3   
ALA CA  C    sing N N 4   
ALA CA  CB   sing N N 5   
ALA CA  HA   sing N N 6   
ALA C   O    doub N N 7   
ALA C   OXT  sing N N 8   
ALA CB  HB1  sing N N 9   
ALA CB  HB2  sing N N 10  
ALA CB  HB3  sing N N 11  
ALA OXT HXT  sing N N 12  
ARG N   CA   sing N N 13  
ARG N   H    sing N N 14  
ARG N   H2   sing N N 15  
ARG CA  C    sing N N 16  
ARG CA  CB   sing N N 17  
ARG CA  HA   sing N N 18  
ARG C   O    doub N N 19  
ARG C   OXT  sing N N 20  
ARG CB  CG   sing N N 21  
ARG CB  HB2  sing N N 22  
ARG CB  HB3  sing N N 23  
ARG CG  CD   sing N N 24  
ARG CG  HG2  sing N N 25  
ARG CG  HG3  sing N N 26  
ARG CD  NE   sing N N 27  
ARG CD  HD2  sing N N 28  
ARG CD  HD3  sing N N 29  
ARG NE  CZ   sing N N 30  
ARG NE  HE   sing N N 31  
ARG CZ  NH1  sing N N 32  
ARG CZ  NH2  doub N N 33  
ARG NH1 HH11 sing N N 34  
ARG NH1 HH12 sing N N 35  
ARG NH2 HH21 sing N N 36  
ARG NH2 HH22 sing N N 37  
ARG OXT HXT  sing N N 38  
ASN N   CA   sing N N 39  
ASN N   H    sing N N 40  
ASN N   H2   sing N N 41  
ASN CA  C    sing N N 42  
ASN CA  CB   sing N N 43  
ASN CA  HA   sing N N 44  
ASN C   O    doub N N 45  
ASN C   OXT  sing N N 46  
ASN CB  CG   sing N N 47  
ASN CB  HB2  sing N N 48  
ASN CB  HB3  sing N N 49  
ASN CG  OD1  doub N N 50  
ASN CG  ND2  sing N N 51  
ASN ND2 HD21 sing N N 52  
ASN ND2 HD22 sing N N 53  
ASN OXT HXT  sing N N 54  
ASP N   CA   sing N N 55  
ASP N   H    sing N N 56  
ASP N   H2   sing N N 57  
ASP CA  C    sing N N 58  
ASP CA  CB   sing N N 59  
ASP CA  HA   sing N N 60  
ASP C   O    doub N N 61  
ASP C   OXT  sing N N 62  
ASP CB  CG   sing N N 63  
ASP CB  HB2  sing N N 64  
ASP CB  HB3  sing N N 65  
ASP CG  OD1  doub N N 66  
ASP CG  OD2  sing N N 67  
ASP OD2 HD2  sing N N 68  
ASP OXT HXT  sing N N 69  
GLN N   CA   sing N N 70  
GLN N   H    sing N N 71  
GLN N   H2   sing N N 72  
GLN CA  C    sing N N 73  
GLN CA  CB   sing N N 74  
GLN CA  HA   sing N N 75  
GLN C   O    doub N N 76  
GLN C   OXT  sing N N 77  
GLN CB  CG   sing N N 78  
GLN CB  HB2  sing N N 79  
GLN CB  HB3  sing N N 80  
GLN CG  CD   sing N N 81  
GLN CG  HG2  sing N N 82  
GLN CG  HG3  sing N N 83  
GLN CD  OE1  doub N N 84  
GLN CD  NE2  sing N N 85  
GLN NE2 HE21 sing N N 86  
GLN NE2 HE22 sing N N 87  
GLN OXT HXT  sing N N 88  
GLU N   CA   sing N N 89  
GLU N   H    sing N N 90  
GLU N   H2   sing N N 91  
GLU CA  C    sing N N 92  
GLU CA  CB   sing N N 93  
GLU CA  HA   sing N N 94  
GLU C   O    doub N N 95  
GLU C   OXT  sing N N 96  
GLU CB  CG   sing N N 97  
GLU CB  HB2  sing N N 98  
GLU CB  HB3  sing N N 99  
GLU CG  CD   sing N N 100 
GLU CG  HG2  sing N N 101 
GLU CG  HG3  sing N N 102 
GLU CD  OE1  doub N N 103 
GLU CD  OE2  sing N N 104 
GLU OE2 HE2  sing N N 105 
GLU OXT HXT  sing N N 106 
GLY N   CA   sing N N 107 
GLY N   H    sing N N 108 
GLY N   H2   sing N N 109 
GLY CA  C    sing N N 110 
GLY CA  HA2  sing N N 111 
GLY CA  HA3  sing N N 112 
GLY C   O    doub N N 113 
GLY C   OXT  sing N N 114 
GLY OXT HXT  sing N N 115 
HEM CHA C1A  sing N N 116 
HEM CHA C4D  doub N N 117 
HEM CHA HHA  sing N N 118 
HEM CHB C4A  sing N N 119 
HEM CHB C1B  doub N N 120 
HEM CHB HHB  sing N N 121 
HEM CHC C4B  sing N N 122 
HEM CHC C1C  doub N N 123 
HEM CHC HHC  sing N N 124 
HEM CHD C4C  doub N N 125 
HEM CHD C1D  sing N N 126 
HEM CHD HHD  sing N N 127 
HEM C1A C2A  doub Y N 128 
HEM C1A NA   sing Y N 129 
HEM C2A C3A  sing Y N 130 
HEM C2A CAA  sing N N 131 
HEM C3A C4A  doub Y N 132 
HEM C3A CMA  sing N N 133 
HEM C4A NA   sing Y N 134 
HEM CMA HMA  sing N N 135 
HEM CMA HMAA sing N N 136 
HEM CMA HMAB sing N N 137 
HEM CAA CBA  sing N N 138 
HEM CAA HAA  sing N N 139 
HEM CAA HAAA sing N N 140 
HEM CBA CGA  sing N N 141 
HEM CBA HBA  sing N N 142 
HEM CBA HBAA sing N N 143 
HEM CGA O1A  doub N N 144 
HEM CGA O2A  sing N N 145 
HEM C1B C2B  sing N N 146 
HEM C1B NB   sing N N 147 
HEM C2B C3B  doub N N 148 
HEM C2B CMB  sing N N 149 
HEM C3B C4B  sing N N 150 
HEM C3B CAB  sing N N 151 
HEM C4B NB   doub N N 152 
HEM CMB HMB  sing N N 153 
HEM CMB HMBA sing N N 154 
HEM CMB HMBB sing N N 155 
HEM CAB CBB  doub N N 156 
HEM CAB HAB  sing N N 157 
HEM CBB HBB  sing N N 158 
HEM CBB HBBA sing N N 159 
HEM C1C C2C  sing Y N 160 
HEM C1C NC   sing Y N 161 
HEM C2C C3C  doub Y N 162 
HEM C2C CMC  sing N N 163 
HEM C3C C4C  sing Y N 164 
HEM C3C CAC  sing N N 165 
HEM C4C NC   sing Y N 166 
HEM CMC HMC  sing N N 167 
HEM CMC HMCA sing N N 168 
HEM CMC HMCB sing N N 169 
HEM CAC CBC  doub N N 170 
HEM CAC HAC  sing N N 171 
HEM CBC HBC  sing N N 172 
HEM CBC HBCA sing N N 173 
HEM C1D C2D  sing N N 174 
HEM C1D ND   doub N N 175 
HEM C2D C3D  doub N N 176 
HEM C2D CMD  sing N N 177 
HEM C3D C4D  sing N N 178 
HEM C3D CAD  sing N N 179 
HEM C4D ND   sing N N 180 
HEM CMD HMD  sing N N 181 
HEM CMD HMDA sing N N 182 
HEM CMD HMDB sing N N 183 
HEM CAD CBD  sing N N 184 
HEM CAD HAD  sing N N 185 
HEM CAD HADA sing N N 186 
HEM CBD CGD  sing N N 187 
HEM CBD HBD  sing N N 188 
HEM CBD HBDA sing N N 189 
HEM CGD O1D  doub N N 190 
HEM CGD O2D  sing N N 191 
HEM O2A H2A  sing N N 192 
HEM O2D H2D  sing N N 193 
HEM FE  NA   sing N N 194 
HEM FE  NB   sing N N 195 
HEM FE  NC   sing N N 196 
HEM FE  ND   sing N N 197 
HIS N   CA   sing N N 198 
HIS N   H    sing N N 199 
HIS N   H2   sing N N 200 
HIS CA  C    sing N N 201 
HIS CA  CB   sing N N 202 
HIS CA  HA   sing N N 203 
HIS C   O    doub N N 204 
HIS C   OXT  sing N N 205 
HIS CB  CG   sing N N 206 
HIS CB  HB2  sing N N 207 
HIS CB  HB3  sing N N 208 
HIS CG  ND1  sing Y N 209 
HIS CG  CD2  doub Y N 210 
HIS ND1 CE1  doub Y N 211 
HIS ND1 HD1  sing N N 212 
HIS CD2 NE2  sing Y N 213 
HIS CD2 HD2  sing N N 214 
HIS CE1 NE2  sing Y N 215 
HIS CE1 HE1  sing N N 216 
HIS NE2 HE2  sing N N 217 
HIS OXT HXT  sing N N 218 
HOH O   H1   sing N N 219 
HOH O   H2   sing N N 220 
ILE N   CA   sing N N 221 
ILE N   H    sing N N 222 
ILE N   H2   sing N N 223 
ILE CA  C    sing N N 224 
ILE CA  CB   sing N N 225 
ILE CA  HA   sing N N 226 
ILE C   O    doub N N 227 
ILE C   OXT  sing N N 228 
ILE CB  CG1  sing N N 229 
ILE CB  CG2  sing N N 230 
ILE CB  HB   sing N N 231 
ILE CG1 CD1  sing N N 232 
ILE CG1 HG12 sing N N 233 
ILE CG1 HG13 sing N N 234 
ILE CG2 HG21 sing N N 235 
ILE CG2 HG22 sing N N 236 
ILE CG2 HG23 sing N N 237 
ILE CD1 HD11 sing N N 238 
ILE CD1 HD12 sing N N 239 
ILE CD1 HD13 sing N N 240 
ILE OXT HXT  sing N N 241 
LEU N   CA   sing N N 242 
LEU N   H    sing N N 243 
LEU N   H2   sing N N 244 
LEU CA  C    sing N N 245 
LEU CA  CB   sing N N 246 
LEU CA  HA   sing N N 247 
LEU C   O    doub N N 248 
LEU C   OXT  sing N N 249 
LEU CB  CG   sing N N 250 
LEU CB  HB2  sing N N 251 
LEU CB  HB3  sing N N 252 
LEU CG  CD1  sing N N 253 
LEU CG  CD2  sing N N 254 
LEU CG  HG   sing N N 255 
LEU CD1 HD11 sing N N 256 
LEU CD1 HD12 sing N N 257 
LEU CD1 HD13 sing N N 258 
LEU CD2 HD21 sing N N 259 
LEU CD2 HD22 sing N N 260 
LEU CD2 HD23 sing N N 261 
LEU OXT HXT  sing N N 262 
LYS N   CA   sing N N 263 
LYS N   H    sing N N 264 
LYS N   H2   sing N N 265 
LYS CA  C    sing N N 266 
LYS CA  CB   sing N N 267 
LYS CA  HA   sing N N 268 
LYS C   O    doub N N 269 
LYS C   OXT  sing N N 270 
LYS CB  CG   sing N N 271 
LYS CB  HB2  sing N N 272 
LYS CB  HB3  sing N N 273 
LYS CG  CD   sing N N 274 
LYS CG  HG2  sing N N 275 
LYS CG  HG3  sing N N 276 
LYS CD  CE   sing N N 277 
LYS CD  HD2  sing N N 278 
LYS CD  HD3  sing N N 279 
LYS CE  NZ   sing N N 280 
LYS CE  HE2  sing N N 281 
LYS CE  HE3  sing N N 282 
LYS NZ  HZ1  sing N N 283 
LYS NZ  HZ2  sing N N 284 
LYS NZ  HZ3  sing N N 285 
LYS OXT HXT  sing N N 286 
MET N   CA   sing N N 287 
MET N   H    sing N N 288 
MET N   H2   sing N N 289 
MET CA  C    sing N N 290 
MET CA  CB   sing N N 291 
MET CA  HA   sing N N 292 
MET C   O    doub N N 293 
MET C   OXT  sing N N 294 
MET CB  CG   sing N N 295 
MET CB  HB2  sing N N 296 
MET CB  HB3  sing N N 297 
MET CG  SD   sing N N 298 
MET CG  HG2  sing N N 299 
MET CG  HG3  sing N N 300 
MET SD  CE   sing N N 301 
MET CE  HE1  sing N N 302 
MET CE  HE2  sing N N 303 
MET CE  HE3  sing N N 304 
MET OXT HXT  sing N N 305 
NBN C   N    trip N N 306 
NBN N   C1   sing N N 307 
NBN C1  C2   sing N N 308 
NBN C1  H11  sing N N 309 
NBN C1  H12  sing N N 310 
NBN C2  C3   sing N N 311 
NBN C2  H21  sing N N 312 
NBN C2  H22  sing N N 313 
NBN C3  C4   sing N N 314 
NBN C3  H31  sing N N 315 
NBN C3  H32  sing N N 316 
NBN C4  H41  sing N N 317 
NBN C4  H42  sing N N 318 
NBN C4  H43  sing N N 319 
PHE N   CA   sing N N 320 
PHE N   H    sing N N 321 
PHE N   H2   sing N N 322 
PHE CA  C    sing N N 323 
PHE CA  CB   sing N N 324 
PHE CA  HA   sing N N 325 
PHE C   O    doub N N 326 
PHE C   OXT  sing N N 327 
PHE CB  CG   sing N N 328 
PHE CB  HB2  sing N N 329 
PHE CB  HB3  sing N N 330 
PHE CG  CD1  doub Y N 331 
PHE CG  CD2  sing Y N 332 
PHE CD1 CE1  sing Y N 333 
PHE CD1 HD1  sing N N 334 
PHE CD2 CE2  doub Y N 335 
PHE CD2 HD2  sing N N 336 
PHE CE1 CZ   doub Y N 337 
PHE CE1 HE1  sing N N 338 
PHE CE2 CZ   sing Y N 339 
PHE CE2 HE2  sing N N 340 
PHE CZ  HZ   sing N N 341 
PHE OXT HXT  sing N N 342 
PRO N   CA   sing N N 343 
PRO N   CD   sing N N 344 
PRO N   H    sing N N 345 
PRO CA  C    sing N N 346 
PRO CA  CB   sing N N 347 
PRO CA  HA   sing N N 348 
PRO C   O    doub N N 349 
PRO C   OXT  sing N N 350 
PRO CB  CG   sing N N 351 
PRO CB  HB2  sing N N 352 
PRO CB  HB3  sing N N 353 
PRO CG  CD   sing N N 354 
PRO CG  HG2  sing N N 355 
PRO CG  HG3  sing N N 356 
PRO CD  HD2  sing N N 357 
PRO CD  HD3  sing N N 358 
PRO OXT HXT  sing N N 359 
SER N   CA   sing N N 360 
SER N   H    sing N N 361 
SER N   H2   sing N N 362 
SER CA  C    sing N N 363 
SER CA  CB   sing N N 364 
SER CA  HA   sing N N 365 
SER C   O    doub N N 366 
SER C   OXT  sing N N 367 
SER CB  OG   sing N N 368 
SER CB  HB2  sing N N 369 
SER CB  HB3  sing N N 370 
SER OG  HG   sing N N 371 
SER OXT HXT  sing N N 372 
SO4 S   O1   doub N N 373 
SO4 S   O2   doub N N 374 
SO4 S   O3   sing N N 375 
SO4 S   O4   sing N N 376 
THR N   CA   sing N N 377 
THR N   H    sing N N 378 
THR N   H2   sing N N 379 
THR CA  C    sing N N 380 
THR CA  CB   sing N N 381 
THR CA  HA   sing N N 382 
THR C   O    doub N N 383 
THR C   OXT  sing N N 384 
THR CB  OG1  sing N N 385 
THR CB  CG2  sing N N 386 
THR CB  HB   sing N N 387 
THR OG1 HG1  sing N N 388 
THR CG2 HG21 sing N N 389 
THR CG2 HG22 sing N N 390 
THR CG2 HG23 sing N N 391 
THR OXT HXT  sing N N 392 
TRP N   CA   sing N N 393 
TRP N   H    sing N N 394 
TRP N   H2   sing N N 395 
TRP CA  C    sing N N 396 
TRP CA  CB   sing N N 397 
TRP CA  HA   sing N N 398 
TRP C   O    doub N N 399 
TRP C   OXT  sing N N 400 
TRP CB  CG   sing N N 401 
TRP CB  HB2  sing N N 402 
TRP CB  HB3  sing N N 403 
TRP CG  CD1  doub Y N 404 
TRP CG  CD2  sing Y N 405 
TRP CD1 NE1  sing Y N 406 
TRP CD1 HD1  sing N N 407 
TRP CD2 CE2  doub Y N 408 
TRP CD2 CE3  sing Y N 409 
TRP NE1 CE2  sing Y N 410 
TRP NE1 HE1  sing N N 411 
TRP CE2 CZ2  sing Y N 412 
TRP CE3 CZ3  doub Y N 413 
TRP CE3 HE3  sing N N 414 
TRP CZ2 CH2  doub Y N 415 
TRP CZ2 HZ2  sing N N 416 
TRP CZ3 CH2  sing Y N 417 
TRP CZ3 HZ3  sing N N 418 
TRP CH2 HH2  sing N N 419 
TRP OXT HXT  sing N N 420 
TYR N   CA   sing N N 421 
TYR N   H    sing N N 422 
TYR N   H2   sing N N 423 
TYR CA  C    sing N N 424 
TYR CA  CB   sing N N 425 
TYR CA  HA   sing N N 426 
TYR C   O    doub N N 427 
TYR C   OXT  sing N N 428 
TYR CB  CG   sing N N 429 
TYR CB  HB2  sing N N 430 
TYR CB  HB3  sing N N 431 
TYR CG  CD1  doub Y N 432 
TYR CG  CD2  sing Y N 433 
TYR CD1 CE1  sing Y N 434 
TYR CD1 HD1  sing N N 435 
TYR CD2 CE2  doub Y N 436 
TYR CD2 HD2  sing N N 437 
TYR CE1 CZ   doub Y N 438 
TYR CE1 HE1  sing N N 439 
TYR CE2 CZ   sing Y N 440 
TYR CE2 HE2  sing N N 441 
TYR CZ  OH   sing N N 442 
TYR OH  HH   sing N N 443 
TYR OXT HXT  sing N N 444 
VAL N   CA   sing N N 445 
VAL N   H    sing N N 446 
VAL N   H2   sing N N 447 
VAL CA  C    sing N N 448 
VAL CA  CB   sing N N 449 
VAL CA  HA   sing N N 450 
VAL C   O    doub N N 451 
VAL C   OXT  sing N N 452 
VAL CB  CG1  sing N N 453 
VAL CB  CG2  sing N N 454 
VAL CB  HB   sing N N 455 
VAL CG1 HG11 sing N N 456 
VAL CG1 HG12 sing N N 457 
VAL CG1 HG13 sing N N 458 
VAL CG2 HG21 sing N N 459 
VAL CG2 HG22 sing N N 460 
VAL CG2 HG23 sing N N 461 
VAL OXT HXT  sing N N 462 
# 
_pdbx_initial_refinement_model.accession_code   ? 
_pdbx_initial_refinement_model.id               1 
_pdbx_initial_refinement_model.entity_id_list   ? 
_pdbx_initial_refinement_model.type             'experimental model' 
_pdbx_initial_refinement_model.source_name      Other 
_pdbx_initial_refinement_model.details          'SPERM WHALE MYOGLOBIN NBNC MINUS LIGAND' 
# 
_atom_sites.entry_id                    104M 
_atom_sites.fract_transf_matrix[1][1]   0.00440194 
_atom_sites.fract_transf_matrix[1][2]   0.00850387 
_atom_sites.fract_transf_matrix[1][3]   -0.01284948 
_atom_sites.fract_transf_matrix[2][1]   -0.02983759 
_atom_sites.fract_transf_matrix[2][2]   -0.00292548 
_atom_sites.fract_transf_matrix[2][3]   -0.01215779 
_atom_sites.fract_transf_matrix[3][1]   -0.00563391 
_atom_sites.fract_transf_matrix[3][2]   0.02839672 
_atom_sites.fract_transf_matrix[3][3]   0.00699374 
_atom_sites.fract_transf_vector[1]      0.248550 
_atom_sites.fract_transf_vector[2]      0.665713 
_atom_sites.fract_transf_vector[3]      0.249438 
# 
loop_
_atom_type.symbol 
C  
FE 
N  
O  
S  
# 
loop_
_atom_site.group_PDB 
_atom_site.id 
_atom_site.type_symbol 
_atom_site.label_atom_id 
_atom_site.label_alt_id 
_atom_site.label_comp_id 
_atom_site.label_asym_id 
_atom_site.label_entity_id 
_atom_site.label_seq_id 
_atom_site.pdbx_PDB_ins_code 
_atom_site.Cartn_x 
_atom_site.Cartn_y 
_atom_site.Cartn_z 
_atom_site.occupancy 
_atom_site.B_iso_or_equiv 
_atom_site.pdbx_formal_charge 
_atom_site.auth_seq_id 
_atom_site.auth_comp_id 
_atom_site.auth_asym_id 
_atom_site.auth_atom_id 
_atom_site.pdbx_PDB_model_num 
ATOM   1    N  N   . VAL A 1 1   ? -1.823  0.901   19.229  1.00 21.25 ? 1   VAL A N   1 
ATOM   2    C  CA  . VAL A 1 1   ? -2.349  2.203   18.734  1.00 20.50 ? 1   VAL A CA  1 
ATOM   3    C  C   . VAL A 1 1   ? -1.217  3.212   18.598  1.00 19.55 ? 1   VAL A C   1 
ATOM   4    O  O   . VAL A 1 1   ? -0.329  3.295   19.459  1.00 20.11 ? 1   VAL A O   1 
ATOM   5    C  CB  . VAL A 1 1   ? -3.409  2.793   19.696  1.00 21.32 ? 1   VAL A CB  1 
ATOM   6    C  CG1 . VAL A 1 1   ? -4.585  1.840   19.840  1.00 21.96 ? 1   VAL A CG1 1 
ATOM   7    C  CG2 . VAL A 1 1   ? -2.795  3.034   21.055  1.00 22.04 ? 1   VAL A CG2 1 
ATOM   8    N  N   . LEU A 1 2   ? -1.235  3.966   17.506  1.00 17.36 ? 2   LEU A N   1 
ATOM   9    C  CA  . LEU A 1 2   ? -0.216  4.977   17.296  1.00 15.95 ? 2   LEU A CA  1 
ATOM   10   C  C   . LEU A 1 2   ? -0.541  6.209   18.115  1.00 15.27 ? 2   LEU A C   1 
ATOM   11   O  O   . LEU A 1 2   ? -1.708  6.584   18.266  1.00 15.85 ? 2   LEU A O   1 
ATOM   12   C  CB  . LEU A 1 2   ? -0.125  5.384   15.824  1.00 14.61 ? 2   LEU A CB  1 
ATOM   13   C  CG  . LEU A 1 2   ? 0.572   4.467   14.811  1.00 14.41 ? 2   LEU A CG  1 
ATOM   14   C  CD1 . LEU A 1 2   ? -0.265  3.217   14.529  1.00 13.31 ? 2   LEU A CD1 1 
ATOM   15   C  CD2 . LEU A 1 2   ? 0.780   5.260   13.520  1.00 13.39 ? 2   LEU A CD2 1 
ATOM   16   N  N   . SER A 1 3   ? 0.500   6.838   18.634  1.00 14.41 ? 3   SER A N   1 
ATOM   17   C  CA  . SER A 1 3   ? 0.350   8.063   19.400  1.00 13.90 ? 3   SER A CA  1 
ATOM   18   C  C   . SER A 1 3   ? 0.096   9.196   18.403  1.00 14.07 ? 3   SER A C   1 
ATOM   19   O  O   . SER A 1 3   ? 0.288   9.036   17.189  1.00 13.65 ? 3   SER A O   1 
ATOM   20   C  CB  . SER A 1 3   ? 1.635   8.361   20.172  1.00 13.78 ? 3   SER A CB  1 
ATOM   21   O  OG  . SER A 1 3   ? 2.723   8.572   19.286  1.00 12.99 ? 3   SER A OG  1 
ATOM   22   N  N   . GLU A 1 4   ? -0.277  10.352  18.934  1.00 13.18 ? 4   GLU A N   1 
ATOM   23   C  CA  . GLU A 1 4   ? -0.542  11.529  18.129  1.00 12.39 ? 4   GLU A CA  1 
ATOM   24   C  C   . GLU A 1 4   ? 0.757   11.909  17.424  1.00 11.27 ? 4   GLU A C   1 
ATOM   25   O  O   . GLU A 1 4   ? 0.747   12.312  16.255  1.00 12.20 ? 4   GLU A O   1 
ATOM   26   C  CB  . GLU A 1 4   ? -0.993  12.660  19.048  1.00 14.01 ? 4   GLU A CB  1 
ATOM   27   C  CG  . GLU A 1 4   ? -1.756  13.757  18.384  1.00 28.63 ? 4   GLU A CG  1 
ATOM   28   C  CD  . GLU A 1 4   ? -3.025  13.262  17.724  1.00 34.18 ? 4   GLU A CD  1 
ATOM   29   O  OE1 . GLU A 1 4   ? -3.957  12.785  18.415  1.00 31.53 ? 4   GLU A OE1 1 
ATOM   30   O  OE2 . GLU A 1 4   ? -3.080  13.351  16.495  1.00 21.94 ? 4   GLU A OE2 1 
ATOM   31   N  N   . GLY A 1 5   ? 1.872   11.765  18.140  1.00 13.42 ? 5   GLY A N   1 
ATOM   32   C  CA  . GLY A 1 5   ? 3.178   12.075  17.585  1.00 13.69 ? 5   GLY A CA  1 
ATOM   33   C  C   . GLY A 1 5   ? 3.538   11.161  16.427  1.00 14.11 ? 5   GLY A C   1 
ATOM   34   O  O   . GLY A 1 5   ? 4.149   11.602  15.449  1.00 14.06 ? 5   GLY A O   1 
ATOM   35   N  N   . GLU A 1 6   ? 3.148   9.888   16.527  1.00 9.72  ? 6   GLU A N   1 
ATOM   36   C  CA  . GLU A 1 6   ? 3.439   8.928   15.460  1.00 10.71 ? 6   GLU A CA  1 
ATOM   37   C  C   . GLU A 1 6   ? 2.587   9.214   14.223  1.00 10.51 ? 6   GLU A C   1 
ATOM   38   O  O   . GLU A 1 6   ? 3.078   9.151   13.104  1.00 9.21  ? 6   GLU A O   1 
ATOM   39   C  CB  . GLU A 1 6   ? 3.254   7.503   15.976  1.00 14.44 ? 6   GLU A CB  1 
ATOM   40   C  CG  . GLU A 1 6   ? 4.298   7.153   17.053  1.00 18.33 ? 6   GLU A CG  1 
ATOM   41   C  CD  . GLU A 1 6   ? 4.056   5.809   17.711  1.00 16.63 ? 6   GLU A CD  1 
ATOM   42   O  OE1 . GLU A 1 6   ? 2.893   5.472   18.001  1.00 14.36 ? 6   GLU A OE1 1 
ATOM   43   O  OE2 . GLU A 1 6   ? 5.041   5.088   17.948  1.00 25.02 ? 6   GLU A OE2 1 
ATOM   44   N  N   . TRP A 1 7   ? 1.321   9.574   14.426  1.00 10.38 ? 7   TRP A N   1 
ATOM   45   C  CA  . TRP A 1 7   ? 0.451   9.916   13.294  1.00 9.55  ? 7   TRP A CA  1 
ATOM   46   C  C   . TRP A 1 7   ? 0.982   11.153  12.575  1.00 9.56  ? 7   TRP A C   1 
ATOM   47   O  O   . TRP A 1 7   ? 0.915   11.232  11.348  1.00 9.04  ? 7   TRP A O   1 
ATOM   48   C  CB  . TRP A 1 7   ? -0.988  10.166  13.741  1.00 9.88  ? 7   TRP A CB  1 
ATOM   49   C  CG  . TRP A 1 7   ? -1.764  8.893   13.981  1.00 10.13 ? 7   TRP A CG  1 
ATOM   50   C  CD1 . TRP A 1 7   ? -2.309  8.477   15.163  1.00 10.66 ? 7   TRP A CD1 1 
ATOM   51   C  CD2 . TRP A 1 7   ? -2.045  7.867   13.023  1.00 10.46 ? 7   TRP A CD2 1 
ATOM   52   N  NE1 . TRP A 1 7   ? -2.901  7.251   15.000  1.00 10.99 ? 7   TRP A NE1 1 
ATOM   53   C  CE2 . TRP A 1 7   ? -2.750  6.849   13.699  1.00 11.01 ? 7   TRP A CE2 1 
ATOM   54   C  CE3 . TRP A 1 7   ? -1.758  7.706   11.655  1.00 10.56 ? 7   TRP A CE3 1 
ATOM   55   C  CZ2 . TRP A 1 7   ? -3.173  5.671   13.059  1.00 11.74 ? 7   TRP A CZ2 1 
ATOM   56   C  CZ3 . TRP A 1 7   ? -2.174  6.539   11.015  1.00 11.32 ? 7   TRP A CZ3 1 
ATOM   57   C  CH2 . TRP A 1 7   ? -2.876  5.530   11.721  1.00 11.55 ? 7   TRP A CH2 1 
ATOM   58   N  N   . GLN A 1 8   ? 1.519   12.109  13.336  1.00 9.17  ? 8   GLN A N   1 
ATOM   59   C  CA  . GLN A 1 8   ? 2.068   13.330  12.741  1.00 9.48  ? 8   GLN A CA  1 
ATOM   60   C  C   . GLN A 1 8   ? 3.213   13.013  11.777  1.00 9.11  ? 8   GLN A C   1 
ATOM   61   O  O   . GLN A 1 8   ? 3.291   13.588  10.691  1.00 8.75  ? 8   GLN A O   1 
ATOM   62   C  CB  . GLN A 1 8   ? 2.549   14.303  13.822  1.00 11.21 ? 8   GLN A CB  1 
ATOM   63   C  CG  . GLN A 1 8   ? 1.465   15.244  14.315  1.00 24.20 ? 8   GLN A CG  1 
ATOM   64   C  CD  . GLN A 1 8   ? 1.932   16.174  15.432  1.00 35.78 ? 8   GLN A CD  1 
ATOM   65   O  OE1 . GLN A 1 8   ? 1.159   16.525  16.337  1.00 40.14 ? 8   GLN A OE1 1 
ATOM   66   N  NE2 . GLN A 1 8   ? 3.197   16.587  15.369  1.00 25.94 ? 8   GLN A NE2 1 
ATOM   67   N  N   . LEU A 1 9   ? 4.079   12.083  12.172  1.00 8.67  ? 9   LEU A N   1 
ATOM   68   C  CA  . LEU A 1 9   ? 5.202   11.666  11.336  1.00 8.95  ? 9   LEU A CA  1 
ATOM   69   C  C   . LEU A 1 9   ? 4.692   11.015  10.053  1.00 8.63  ? 9   LEU A C   1 
ATOM   70   O  O   . LEU A 1 9   ? 5.221   11.251  8.968   1.00 8.80  ? 9   LEU A O   1 
ATOM   71   C  CB  . LEU A 1 9   ? 6.098   10.681  12.087  1.00 9.90  ? 9   LEU A CB  1 
ATOM   72   C  CG  . LEU A 1 9   ? 6.912   11.292  13.237  1.00 11.26 ? 9   LEU A CG  1 
ATOM   73   C  CD1 . LEU A 1 9   ? 7.517   10.196  14.104  1.00 11.67 ? 9   LEU A CD1 1 
ATOM   74   C  CD2 . LEU A 1 9   ? 8.000   12.211  12.667  1.00 11.52 ? 9   LEU A CD2 1 
ATOM   75   N  N   . VAL A 1 10  ? 3.665   10.185  10.196  1.00 8.46  ? 10  VAL A N   1 
ATOM   76   C  CA  . VAL A 1 10  ? 3.075   9.483   9.059   1.00 8.67  ? 10  VAL A CA  1 
ATOM   77   C  C   . VAL A 1 10  ? 2.435   10.461  8.063   1.00 9.00  ? 10  VAL A C   1 
ATOM   78   O  O   . VAL A 1 10  ? 2.723   10.433  6.868   1.00 8.28  ? 10  VAL A O   1 
ATOM   79   C  CB  . VAL A 1 10  ? 2.011   8.457   9.550   1.00 9.53  ? 10  VAL A CB  1 
ATOM   80   C  CG1 . VAL A 1 10  ? 1.205   7.906   8.370   1.00 9.71  ? 10  VAL A CG1 1 
ATOM   81   C  CG2 . VAL A 1 10  ? 2.689   7.316   10.311  1.00 9.14  ? 10  VAL A CG2 1 
ATOM   82   N  N   . LEU A 1 11  ? 1.582   11.336  8.568   1.00 8.86  ? 11  LEU A N   1 
ATOM   83   C  CA  . LEU A 1 11  ? 0.878   12.291  7.724   1.00 9.64  ? 11  LEU A CA  1 
ATOM   84   C  C   . LEU A 1 11  ? 1.771   13.373  7.111   1.00 10.14 ? 11  LEU A C   1 
ATOM   85   O  O   . LEU A 1 11  ? 1.485   13.865  6.019   1.00 10.26 ? 11  LEU A O   1 
ATOM   86   C  CB  . LEU A 1 11  ? -0.305  12.890  8.475   1.00 9.99  ? 11  LEU A CB  1 
ATOM   87   C  CG  . LEU A 1 11  ? -1.390  11.850  8.788   1.00 11.02 ? 11  LEU A CG  1 
ATOM   88   C  CD1 . LEU A 1 11  ? -2.532  12.501  9.544   1.00 11.78 ? 11  LEU A CD1 1 
ATOM   89   C  CD2 . LEU A 1 11  ? -1.916  11.235  7.487   1.00 12.18 ? 11  LEU A CD2 1 
ATOM   90   N  N   . HIS A 1 12  ? 2.853   13.723  7.802   1.00 9.89  ? 12  HIS A N   1 
ATOM   91   C  CA  . HIS A 1 12  ? 3.800   14.699  7.281   1.00 10.56 ? 12  HIS A CA  1 
ATOM   92   C  C   . HIS A 1 12  ? 4.441   14.138  5.991   1.00 10.68 ? 12  HIS A C   1 
ATOM   93   O  O   . HIS A 1 12  ? 4.459   14.816  4.971   1.00 11.14 ? 12  HIS A O   1 
ATOM   94   C  CB  . HIS A 1 12  ? 4.873   15.020  8.320   1.00 10.42 ? 12  HIS A CB  1 
ATOM   95   C  CG  . HIS A 1 12  ? 5.829   16.079  7.879   1.00 15.82 ? 12  HIS A CG  1 
ATOM   96   N  ND1 . HIS A 1 12  ? 5.495   17.409  7.736   1.00 18.87 ? 12  HIS A ND1 1 
ATOM   97   C  CD2 . HIS A 1 12  ? 7.130   15.981  7.505   1.00 15.89 ? 12  HIS A CD2 1 
ATOM   98   C  CE1 . HIS A 1 12  ? 6.573   18.071  7.282   1.00 18.41 ? 12  HIS A CE1 1 
ATOM   99   N  NE2 . HIS A 1 12  ? 7.593   17.253  7.125   1.00 22.42 ? 12  HIS A NE2 1 
ATOM   100  N  N   . VAL A 1 13  ? 4.929   12.898  6.014   1.00 10.71 ? 13  VAL A N   1 
ATOM   101  C  CA  . VAL A 1 13  ? 5.509   12.349  4.787   1.00 11.30 ? 13  VAL A CA  1 
ATOM   102  C  C   . VAL A 1 13  ? 4.444   12.072  3.724   1.00 10.73 ? 13  VAL A C   1 
ATOM   103  O  O   . VAL A 1 13  ? 4.719   12.189  2.525   1.00 10.47 ? 13  VAL A O   1 
ATOM   104  C  CB  . VAL A 1 13  ? 6.345   11.057  4.994   1.00 11.77 ? 13  VAL A CB  1 
ATOM   105  C  CG1 . VAL A 1 13  ? 7.440   11.325  5.954   1.00 15.49 ? 13  VAL A CG1 1 
ATOM   106  C  CG2 . VAL A 1 13  ? 5.481   9.880   5.465   1.00 12.93 ? 13  VAL A CG2 1 
ATOM   107  N  N   . TRP A 1 14  ? 3.234   11.714  4.160   1.00 9.78  ? 14  TRP A N   1 
ATOM   108  C  CA  . TRP A 1 14  ? 2.183   11.436  3.199   1.00 9.71  ? 14  TRP A CA  1 
ATOM   109  C  C   . TRP A 1 14  ? 1.814   12.697  2.415   1.00 9.46  ? 14  TRP A C   1 
ATOM   110  O  O   . TRP A 1 14  ? 1.544   12.606  1.226   1.00 9.17  ? 14  TRP A O   1 
ATOM   111  C  CB  . TRP A 1 14  ? 0.938   10.828  3.845   1.00 10.03 ? 14  TRP A CB  1 
ATOM   112  C  CG  . TRP A 1 14  ? 0.086   10.126  2.826   1.00 10.84 ? 14  TRP A CG  1 
ATOM   113  C  CD1 . TRP A 1 14  ? -1.034  10.612  2.209   1.00 11.24 ? 14  TRP A CD1 1 
ATOM   114  C  CD2 . TRP A 1 14  ? 0.351   8.852   2.233   1.00 11.00 ? 14  TRP A CD2 1 
ATOM   115  N  NE1 . TRP A 1 14  ? -1.474  9.723   1.259   1.00 11.70 ? 14  TRP A NE1 1 
ATOM   116  C  CE2 . TRP A 1 14  ? -0.646  8.632   1.251   1.00 10.91 ? 14  TRP A CE2 1 
ATOM   117  C  CE3 . TRP A 1 14  ? 1.336   7.873   2.431   1.00 11.08 ? 14  TRP A CE3 1 
ATOM   118  C  CZ2 . TRP A 1 14  ? -0.689  7.476   0.468   1.00 11.85 ? 14  TRP A CZ2 1 
ATOM   119  C  CZ3 . TRP A 1 14  ? 1.295   6.710   1.645   1.00 12.25 ? 14  TRP A CZ3 1 
ATOM   120  C  CH2 . TRP A 1 14  ? 0.287   6.527   0.676   1.00 11.37 ? 14  TRP A CH2 1 
ATOM   121  N  N   . ALA A 1 15  ? 1.873   13.865  3.062   1.00 9.52  ? 15  ALA A N   1 
ATOM   122  C  CA  . ALA A 1 15  ? 1.558   15.123  2.382   1.00 10.33 ? 15  ALA A CA  1 
ATOM   123  C  C   . ALA A 1 15  ? 2.542   15.325  1.232   1.00 11.19 ? 15  ALA A C   1 
ATOM   124  O  O   . ALA A 1 15  ? 2.183   15.917  0.214   1.00 11.76 ? 15  ALA A O   1 
ATOM   125  C  CB  . ALA A 1 15  ? 1.637   16.299  3.341   1.00 10.62 ? 15  ALA A CB  1 
ATOM   126  N  N   . LYS A 1 16  ? 3.781   14.854  1.413   1.00 12.05 ? 16  LYS A N   1 
ATOM   127  C  CA  . LYS A 1 16  ? 4.813   14.944  0.373   1.00 17.58 ? 16  LYS A CA  1 
ATOM   128  C  C   . LYS A 1 16  ? 4.477   13.942  -0.726  1.00 11.91 ? 16  LYS A C   1 
ATOM   129  O  O   . LYS A 1 16  ? 4.709   14.204  -1.892  1.00 16.15 ? 16  LYS A O   1 
ATOM   130  C  CB  . LYS A 1 16  ? 6.207   14.601  0.912   1.00 17.93 ? 16  LYS A CB  1 
ATOM   131  C  CG  . LYS A 1 16  ? 6.651   15.328  2.166   1.00 23.72 ? 16  LYS A CG  1 
ATOM   132  C  CD  . LYS A 1 16  ? 6.768   16.807  1.968   1.00 23.41 ? 16  LYS A CD  1 
ATOM   133  C  CE  . LYS A 1 16  ? 7.575   17.409  3.105   1.00 18.62 ? 16  LYS A CE  1 
ATOM   134  N  NZ  . LYS A 1 16  ? 7.761   18.863  2.920   1.00 28.09 ? 16  LYS A NZ  1 
ATOM   135  N  N   . VAL A 1 17  ? 3.985   12.769  -0.341  1.00 12.86 ? 17  VAL A N   1 
ATOM   136  C  CA  . VAL A 1 17  ? 3.609   11.741  -1.315  1.00 13.03 ? 17  VAL A CA  1 
ATOM   137  C  C   . VAL A 1 17  ? 2.522   12.299  -2.237  1.00 13.10 ? 17  VAL A C   1 
ATOM   138  O  O   . VAL A 1 17  ? 2.518   12.046  -3.437  1.00 13.34 ? 17  VAL A O   1 
ATOM   139  C  CB  . VAL A 1 17  ? 3.053   10.464  -0.617  1.00 12.71 ? 17  VAL A CB  1 
ATOM   140  C  CG1 . VAL A 1 17  ? 2.439   9.500   -1.643  1.00 12.41 ? 17  VAL A CG1 1 
ATOM   141  C  CG2 . VAL A 1 17  ? 4.152   9.774   0.154   1.00 12.05 ? 17  VAL A CG2 1 
ATOM   142  N  N   . GLU A 1 18  ? 1.629   13.097  -1.672  1.00 8.52  ? 18  GLU A N   1 
ATOM   143  C  CA  . GLU A 1 18  ? 0.542   13.653  -2.449  1.00 13.54 ? 18  GLU A CA  1 
ATOM   144  C  C   . GLU A 1 18  ? 0.971   14.693  -3.474  1.00 16.61 ? 18  GLU A C   1 
ATOM   145  O  O   . GLU A 1 18  ? 0.181   15.079  -4.339  1.00 16.13 ? 18  GLU A O   1 
ATOM   146  C  CB  . GLU A 1 18  ? -0.565  14.161  -1.530  1.00 17.71 ? 18  GLU A CB  1 
ATOM   147  C  CG  . GLU A 1 18  ? -1.163  13.029  -0.695  1.00 15.62 ? 18  GLU A CG  1 
ATOM   148  C  CD  . GLU A 1 18  ? -2.464  13.397  -0.025  1.00 21.28 ? 18  GLU A CD  1 
ATOM   149  O  OE1 . GLU A 1 18  ? -2.651  14.576  0.332   1.00 28.59 ? 18  GLU A OE1 1 
ATOM   150  O  OE2 . GLU A 1 18  ? -3.314  12.494  0.130   1.00 31.92 ? 18  GLU A OE2 1 
ATOM   151  N  N   . ALA A 1 19  ? 2.242   15.086  -3.418  1.00 16.57 ? 19  ALA A N   1 
ATOM   152  C  CA  . ALA A 1 19  ? 2.781   16.052  -4.376  1.00 16.98 ? 19  ALA A CA  1 
ATOM   153  C  C   . ALA A 1 19  ? 2.959   15.379  -5.741  1.00 17.10 ? 19  ALA A C   1 
ATOM   154  O  O   . ALA A 1 19  ? 2.924   16.033  -6.779  1.00 17.13 ? 19  ALA A O   1 
ATOM   155  C  CB  . ALA A 1 19  ? 4.126   16.610  -3.883  1.00 17.23 ? 19  ALA A CB  1 
ATOM   156  N  N   . ASP A 1 20  ? 3.119   14.063  -5.729  1.00 9.83  ? 20  ASP A N   1 
ATOM   157  C  CA  . ASP A 1 20  ? 3.312   13.301  -6.951  1.00 16.73 ? 20  ASP A CA  1 
ATOM   158  C  C   . ASP A 1 20  ? 2.799   11.877  -6.711  1.00 6.42  ? 20  ASP A C   1 
ATOM   159  O  O   . ASP A 1 20  ? 3.575   10.919  -6.663  1.00 11.72 ? 20  ASP A O   1 
ATOM   160  C  CB  . ASP A 1 20  ? 4.799   13.289  -7.328  1.00 14.94 ? 20  ASP A CB  1 
ATOM   161  C  CG  . ASP A 1 20  ? 5.079   12.570  -8.651  1.00 14.68 ? 20  ASP A CG  1 
ATOM   162  O  OD1 . ASP A 1 20  ? 4.142   12.325  -9.429  1.00 13.20 ? 20  ASP A OD1 1 
ATOM   163  O  OD2 . ASP A 1 20  ? 6.253   12.240  -8.906  1.00 25.40 ? 20  ASP A OD2 1 
ATOM   164  N  N   . VAL A 1 21  ? 1.483   11.755  -6.592  1.00 10.75 ? 21  VAL A N   1 
ATOM   165  C  CA  . VAL A 1 21  ? 0.863   10.460  -6.336  1.00 10.89 ? 21  VAL A CA  1 
ATOM   166  C  C   . VAL A 1 21  ? 1.156   9.448   -7.444  1.00 10.66 ? 21  VAL A C   1 
ATOM   167  O  O   . VAL A 1 21  ? 1.485   8.299   -7.164  1.00 10.33 ? 21  VAL A O   1 
ATOM   168  C  CB  . VAL A 1 21  ? -0.659  10.600  -6.141  1.00 11.26 ? 21  VAL A CB  1 
ATOM   169  C  CG1 . VAL A 1 21  ? -1.284  9.243   -5.771  1.00 12.19 ? 21  VAL A CG1 1 
ATOM   170  C  CG2 . VAL A 1 21  ? -0.950  11.631  -5.049  1.00 12.62 ? 21  VAL A CG2 1 
ATOM   171  N  N   . ALA A 1 22  ? 1.063   9.883   -8.697  1.00 10.76 ? 22  ALA A N   1 
ATOM   172  C  CA  . ALA A 1 22  ? 1.309   8.994   -9.836  1.00 11.05 ? 22  ALA A CA  1 
ATOM   173  C  C   . ALA A 1 22  ? 2.728   8.415   -9.880  1.00 10.96 ? 22  ALA A C   1 
ATOM   174  O  O   . ALA A 1 22  ? 2.912   7.210   -10.124 1.00 11.28 ? 22  ALA A O   1 
ATOM   175  C  CB  . ALA A 1 22  ? 0.968   9.712   -11.156 1.00 11.42 ? 22  ALA A CB  1 
ATOM   176  N  N   . GLY A 1 23  ? 3.730   9.261   -9.654  1.00 11.18 ? 23  GLY A N   1 
ATOM   177  C  CA  . GLY A 1 23  ? 5.107   8.789   -9.657  1.00 10.43 ? 23  GLY A CA  1 
ATOM   178  C  C   . GLY A 1 23  ? 5.335   7.796   -8.525  1.00 10.51 ? 23  GLY A C   1 
ATOM   179  O  O   . GLY A 1 23  ? 5.995   6.769   -8.705  1.00 10.55 ? 23  GLY A O   1 
ATOM   180  N  N   . HIS A 1 24  ? 4.785   8.106   -7.349  1.00 10.02 ? 24  HIS A N   1 
ATOM   181  C  CA  . HIS A 1 24  ? 4.914   7.224   -6.189  1.00 9.75  ? 24  HIS A CA  1 
ATOM   182  C  C   . HIS A 1 24  ? 4.218   5.890   -6.436  1.00 9.21  ? 24  HIS A C   1 
ATOM   183  O  O   . HIS A 1 24  ? 4.746   4.832   -6.078  1.00 7.96  ? 24  HIS A O   1 
ATOM   184  C  CB  . HIS A 1 24  ? 4.318   7.878   -4.938  1.00 9.84  ? 24  HIS A CB  1 
ATOM   185  C  CG  . HIS A 1 24  ? 5.214   8.897   -4.310  1.00 10.62 ? 24  HIS A CG  1 
ATOM   186  N  ND1 . HIS A 1 24  ? 5.267   10.223  -4.692  1.00 8.11  ? 24  HIS A ND1 1 
ATOM   187  C  CD2 . HIS A 1 24  ? 6.100   8.771   -3.291  1.00 9.75  ? 24  HIS A CD2 1 
ATOM   188  C  CE1 . HIS A 1 24  ? 6.159   10.853  -3.903  1.00 9.01  ? 24  HIS A CE1 1 
ATOM   189  N  NE2 . HIS A 1 24  ? 6.695   10.014  -3.037  1.00 12.97 ? 24  HIS A NE2 1 
ATOM   190  N  N   . GLY A 1 25  ? 3.038   5.952   -7.046  1.00 9.42  ? 25  GLY A N   1 
ATOM   191  C  CA  . GLY A 1 25  ? 2.274   4.742   -7.323  1.00 10.26 ? 25  GLY A CA  1 
ATOM   192  C  C   . GLY A 1 25  ? 3.015   3.799   -8.242  1.00 10.76 ? 25  GLY A C   1 
ATOM   193  O  O   . GLY A 1 25  ? 3.019   2.587   -8.047  1.00 10.73 ? 25  GLY A O   1 
ATOM   194  N  N   . GLN A 1 26  ? 3.650   4.366   -9.258  1.00 11.82 ? 26  GLN A N   1 
ATOM   195  C  CA  . GLN A 1 26  ? 4.412   3.573   -10.209 1.00 12.56 ? 26  GLN A CA  1 
ATOM   196  C  C   . GLN A 1 26  ? 5.574   2.853   -9.546  1.00 12.61 ? 26  GLN A C   1 
ATOM   197  O  O   . GLN A 1 26  ? 5.787   1.660   -9.776  1.00 12.55 ? 26  GLN A O   1 
ATOM   198  C  CB  . GLN A 1 26  ? 5.017   4.460   -11.291 1.00 14.41 ? 26  GLN A CB  1 
ATOM   199  C  CG  . GLN A 1 26  ? 4.088   4.916   -12.349 1.00 21.76 ? 26  GLN A CG  1 
ATOM   200  C  CD  . GLN A 1 26  ? 4.829   5.711   -13.400 1.00 31.20 ? 26  GLN A CD  1 
ATOM   201  O  OE1 . GLN A 1 26  ? 5.048   5.234   -14.515 1.00 25.98 ? 26  GLN A OE1 1 
ATOM   202  N  NE2 . GLN A 1 26  ? 5.250   6.922   -13.038 1.00 29.41 ? 26  GLN A NE2 1 
ATOM   203  N  N   . ASP A 1 27  ? 6.352   3.605   -8.772  1.00 9.16  ? 27  ASP A N   1 
ATOM   204  C  CA  . ASP A 1 27  ? 7.524   3.055   -8.112  1.00 11.13 ? 27  ASP A CA  1 
ATOM   205  C  C   . ASP A 1 27  ? 7.141   1.915   -7.194  1.00 13.78 ? 27  ASP A C   1 
ATOM   206  O  O   . ASP A 1 27  ? 7.806   0.880   -7.171  1.00 8.13  ? 27  ASP A O   1 
ATOM   207  C  CB  . ASP A 1 27  ? 8.262   4.133   -7.310  1.00 9.93  ? 27  ASP A CB  1 
ATOM   208  C  CG  . ASP A 1 27  ? 8.910   5.205   -8.197  1.00 16.27 ? 27  ASP A CG  1 
ATOM   209  O  OD1 . ASP A 1 27  ? 8.893   5.075   -9.434  1.00 12.75 ? 27  ASP A OD1 1 
ATOM   210  O  OD2 . ASP A 1 27  ? 9.463   6.172   -7.640  1.00 16.35 ? 27  ASP A OD2 1 
ATOM   211  N  N   . ILE A 1 28  ? 6.059   2.115   -6.446  1.00 7.60  ? 28  ILE A N   1 
ATOM   212  C  CA  . ILE A 1 28  ? 5.585   1.101   -5.502  1.00 7.77  ? 28  ILE A CA  1 
ATOM   213  C  C   . ILE A 1 28  ? 5.112   -0.180  -6.195  1.00 7.90  ? 28  ILE A C   1 
ATOM   214  O  O   . ILE A 1 28  ? 5.554   -1.268  -5.839  1.00 8.74  ? 28  ILE A O   1 
ATOM   215  C  CB  . ILE A 1 28  ? 4.499   1.670   -4.590  1.00 7.54  ? 28  ILE A CB  1 
ATOM   216  C  CG1 . ILE A 1 28  ? 5.101   2.780   -3.722  1.00 7.26  ? 28  ILE A CG1 1 
ATOM   217  C  CG2 . ILE A 1 28  ? 3.886   0.565   -3.743  1.00 6.96  ? 28  ILE A CG2 1 
ATOM   218  C  CD1 . ILE A 1 28  ? 4.079   3.565   -2.894  1.00 8.17  ? 28  ILE A CD1 1 
ATOM   219  N  N   . LEU A 1 29  ? 4.251   -0.059  -7.199  1.00 7.99  ? 29  LEU A N   1 
ATOM   220  C  CA  . LEU A 1 29  ? 3.781   -1.252  -7.904  1.00 7.74  ? 29  LEU A CA  1 
ATOM   221  C  C   . LEU A 1 29  ? 4.917   -1.966  -8.627  1.00 7.98  ? 29  LEU A C   1 
ATOM   222  O  O   . LEU A 1 29  ? 4.979   -3.197  -8.601  1.00 8.03  ? 29  LEU A O   1 
ATOM   223  C  CB  . LEU A 1 29  ? 2.640   -0.915  -8.868  1.00 8.60  ? 29  LEU A CB  1 
ATOM   224  C  CG  . LEU A 1 29  ? 1.340   -0.524  -8.151  1.00 9.30  ? 29  LEU A CG  1 
ATOM   225  C  CD1 . LEU A 1 29  ? 0.241   -0.270  -9.166  1.00 10.65 ? 29  LEU A CD1 1 
ATOM   226  C  CD2 . LEU A 1 29  ? 0.928   -1.628  -7.186  1.00 9.93  ? 29  LEU A CD2 1 
ATOM   227  N  N   . ILE A 1 30  ? 5.833   -1.213  -9.245  1.00 7.69  ? 30  ILE A N   1 
ATOM   228  C  CA  . ILE A 1 30  ? 6.950   -1.841  -9.952  1.00 8.44  ? 30  ILE A CA  1 
ATOM   229  C  C   . ILE A 1 30  ? 7.858   -2.589  -8.971  1.00 8.67  ? 30  ILE A C   1 
ATOM   230  O  O   . ILE A 1 30  ? 8.313   -3.699  -9.261  1.00 9.07  ? 30  ILE A O   1 
ATOM   231  C  CB  . ILE A 1 30  ? 7.756   -0.808  -10.780 1.00 9.22  ? 30  ILE A CB  1 
ATOM   232  C  CG1 . ILE A 1 30  ? 6.911   -0.348  -11.982 1.00 9.84  ? 30  ILE A CG1 1 
ATOM   233  C  CG2 . ILE A 1 30  ? 9.096   -1.405  -11.252 1.00 9.75  ? 30  ILE A CG2 1 
ATOM   234  C  CD1 . ILE A 1 30  ? 7.592   0.716   -12.855 1.00 9.95  ? 30  ILE A CD1 1 
ATOM   235  N  N   . ARG A 1 31  ? 8.089   -2.000  -7.796  1.00 8.43  ? 31  ARG A N   1 
ATOM   236  C  CA  . ARG A 1 31  ? 8.912   -2.660  -6.784  1.00 8.72  ? 31  ARG A CA  1 
ATOM   237  C  C   . ARG A 1 31  ? 8.233   -3.946  -6.319  1.00 8.74  ? 31  ARG A C   1 
ATOM   238  O  O   . ARG A 1 31  ? 8.876   -4.982  -6.188  1.00 9.08  ? 31  ARG A O   1 
ATOM   239  C  CB  . ARG A 1 31  ? 9.175   -1.737  -5.588  1.00 7.65  ? 31  ARG A CB  1 
ATOM   240  C  CG  . ARG A 1 31  ? 9.839   -2.488  -4.422  1.00 14.71 ? 31  ARG A CG  1 
ATOM   241  C  CD  . ARG A 1 31  ? 10.738  -1.621  -3.577  1.00 24.09 ? 31  ARG A CD  1 
ATOM   242  N  NE  . ARG A 1 31  ? 12.089  -1.523  -4.128  1.00 42.79 ? 31  ARG A NE  1 
ATOM   243  C  CZ  . ARG A 1 31  ? 13.133  -2.226  -3.691  1.00 35.65 ? 31  ARG A CZ  1 
ATOM   244  N  NH1 . ARG A 1 31  ? 12.998  -3.089  -2.691  1.00 44.85 ? 31  ARG A NH1 1 
ATOM   245  N  NH2 . ARG A 1 31  ? 14.321  -2.050  -4.249  1.00 46.05 ? 31  ARG A NH2 1 
ATOM   246  N  N   . LEU A 1 32  ? 6.921   -3.886  -6.114  1.00 8.48  ? 32  LEU A N   1 
ATOM   247  C  CA  . LEU A 1 32  ? 6.169   -5.053  -5.672  1.00 8.59  ? 32  LEU A CA  1 
ATOM   248  C  C   . LEU A 1 32  ? 6.263   -6.194  -6.698  1.00 8.53  ? 32  LEU A C   1 
ATOM   249  O  O   . LEU A 1 32  ? 6.507   -7.357  -6.347  1.00 7.66  ? 32  LEU A O   1 
ATOM   250  C  CB  . LEU A 1 32  ? 4.696   -4.679  -5.485  1.00 8.88  ? 32  LEU A CB  1 
ATOM   251  C  CG  . LEU A 1 32  ? 3.750   -5.833  -5.134  1.00 10.07 ? 32  LEU A CG  1 
ATOM   252  C  CD1 . LEU A 1 32  ? 4.056   -6.365  -3.711  1.00 9.73  ? 32  LEU A CD1 1 
ATOM   253  C  CD2 . LEU A 1 32  ? 2.286   -5.373  -5.259  1.00 10.29 ? 32  LEU A CD2 1 
ATOM   254  N  N   . PHE A 1 33  ? 6.063   -5.843  -7.968  1.00 7.89  ? 33  PHE A N   1 
ATOM   255  C  CA  . PHE A 1 33  ? 6.079   -6.838  -9.035  1.00 8.30  ? 33  PHE A CA  1 
ATOM   256  C  C   . PHE A 1 33  ? 7.446   -7.459  -9.288  1.00 8.77  ? 33  PHE A C   1 
ATOM   257  O  O   . PHE A 1 33  ? 7.539   -8.620  -9.680  1.00 9.77  ? 33  PHE A O   1 
ATOM   258  C  CB  . PHE A 1 33  ? 5.541   -6.233  -10.332 1.00 8.46  ? 33  PHE A CB  1 
ATOM   259  C  CG  . PHE A 1 33  ? 4.099   -5.795  -10.262 1.00 9.04  ? 33  PHE A CG  1 
ATOM   260  C  CD1 . PHE A 1 33  ? 3.218   -6.337  -9.332  1.00 8.89  ? 33  PHE A CD1 1 
ATOM   261  C  CD2 . PHE A 1 33  ? 3.620   -4.842  -11.158 1.00 9.60  ? 33  PHE A CD2 1 
ATOM   262  C  CE1 . PHE A 1 33  ? 1.870   -5.929  -9.297  1.00 10.47 ? 33  PHE A CE1 1 
ATOM   263  C  CE2 . PHE A 1 33  ? 2.292   -4.431  -11.131 1.00 10.67 ? 33  PHE A CE2 1 
ATOM   264  C  CZ  . PHE A 1 33  ? 1.409   -4.973  -10.202 1.00 10.04 ? 33  PHE A CZ  1 
ATOM   265  N  N   . LYS A 1 34  ? 8.505   -6.678  -9.123  1.00 6.41  ? 34  LYS A N   1 
ATOM   266  C  CA  . LYS A 1 34  ? 9.844   -7.206  -9.343  1.00 7.72  ? 34  LYS A CA  1 
ATOM   267  C  C   . LYS A 1 34  ? 10.342  -8.054  -8.175  1.00 14.32 ? 34  LYS A C   1 
ATOM   268  O  O   . LYS A 1 34  ? 10.974  -9.090  -8.379  1.00 11.88 ? 34  LYS A O   1 
ATOM   269  C  CB  . LYS A 1 34  ? 10.818  -6.074  -9.617  1.00 12.49 ? 34  LYS A CB  1 
ATOM   270  C  CG  . LYS A 1 34  ? 10.547  -5.357  -10.926 1.00 19.82 ? 34  LYS A CG  1 
ATOM   271  C  CD  . LYS A 1 34  ? 11.652  -4.360  -11.229 1.00 54.42 ? 34  LYS A CD  1 
ATOM   272  C  CE  . LYS A 1 34  ? 12.984  -5.069  -11.457 1.00 48.63 ? 34  LYS A CE  1 
ATOM   273  N  NZ  . LYS A 1 34  ? 14.120  -4.112  -11.492 1.00 34.88 ? 34  LYS A NZ  1 
ATOM   274  N  N   . SER A 1 35  ? 10.011  -7.630  -6.957  1.00 11.11 ? 35  SER A N   1 
ATOM   275  C  CA  . SER A 1 35  ? 10.445  -8.317  -5.748  1.00 10.77 ? 35  SER A CA  1 
ATOM   276  C  C   . SER A 1 35  ? 9.656   -9.566  -5.440  1.00 10.57 ? 35  SER A C   1 
ATOM   277  O  O   . SER A 1 35  ? 10.194  -10.505 -4.859  1.00 10.46 ? 35  SER A O   1 
ATOM   278  C  CB  . SER A 1 35  ? 10.365  -7.374  -4.559  1.00 11.78 ? 35  SER A CB  1 
ATOM   279  O  OG  . SER A 1 35  ? 11.151  -6.219  -4.790  1.00 14.82 ? 35  SER A OG  1 
ATOM   280  N  N   . HIS A 1 36  ? 8.382   -9.578  -5.820  1.00 9.83  ? 36  HIS A N   1 
ATOM   281  C  CA  . HIS A 1 36  ? 7.499   -10.723 -5.570  1.00 9.08  ? 36  HIS A CA  1 
ATOM   282  C  C   . HIS A 1 36  ? 6.651   -10.947 -6.827  1.00 9.48  ? 36  HIS A C   1 
ATOM   283  O  O   . HIS A 1 36  ? 5.471   -10.581 -6.871  1.00 8.77  ? 36  HIS A O   1 
ATOM   284  C  CB  . HIS A 1 36  ? 6.612   -10.422 -4.352  1.00 9.23  ? 36  HIS A CB  1 
ATOM   285  C  CG  . HIS A 1 36  ? 7.389   -10.036 -3.130  1.00 9.24  ? 36  HIS A CG  1 
ATOM   286  N  ND1 . HIS A 1 36  ? 8.021   -10.936 -2.301  1.00 9.95  ? 36  HIS A ND1 1 
ATOM   287  C  CD2 . HIS A 1 36  ? 7.722   -8.811  -2.656  1.00 12.46 ? 36  HIS A CD2 1 
ATOM   288  C  CE1 . HIS A 1 36  ? 8.708   -10.250 -1.385  1.00 10.24 ? 36  HIS A CE1 1 
ATOM   289  N  NE2 . HIS A 1 36  ? 8.556   -8.951  -1.559  1.00 10.84 ? 36  HIS A NE2 1 
ATOM   290  N  N   . PRO A 1 37  ? 7.244   -11.578 -7.865  1.00 9.86  ? 37  PRO A N   1 
ATOM   291  C  CA  . PRO A 1 37  ? 6.601   -11.871 -9.158  1.00 10.22 ? 37  PRO A CA  1 
ATOM   292  C  C   . PRO A 1 37  ? 5.223   -12.522 -9.077  1.00 10.54 ? 37  PRO A C   1 
ATOM   293  O  O   . PRO A 1 37  ? 4.384   -12.312 -9.956  1.00 10.98 ? 37  PRO A O   1 
ATOM   294  C  CB  . PRO A 1 37  ? 7.618   -12.790 -9.843  1.00 10.66 ? 37  PRO A CB  1 
ATOM   295  C  CG  . PRO A 1 37  ? 8.910   -12.310 -9.283  1.00 10.67 ? 37  PRO A CG  1 
ATOM   296  C  CD  . PRO A 1 37  ? 8.601   -12.144 -7.831  1.00 10.31 ? 37  PRO A CD  1 
ATOM   297  N  N   . GLU A 1 38  ? 5.004   -13.337 -8.051  1.00 7.87  ? 38  GLU A N   1 
ATOM   298  C  CA  . GLU A 1 38  ? 3.712   -13.991 -7.875  1.00 13.24 ? 38  GLU A CA  1 
ATOM   299  C  C   . GLU A 1 38  ? 2.558   -12.983 -7.722  1.00 14.99 ? 38  GLU A C   1 
ATOM   300  O  O   . GLU A 1 38  ? 1.416   -13.300 -8.055  1.00 14.35 ? 38  GLU A O   1 
ATOM   301  C  CB  . GLU A 1 38  ? 3.747   -14.968 -6.682  1.00 9.27  ? 38  GLU A CB  1 
ATOM   302  C  CG  . GLU A 1 38  ? 3.819   -14.341 -5.299  1.00 8.43  ? 38  GLU A CG  1 
ATOM   303  C  CD  . GLU A 1 38  ? 5.228   -14.048 -4.816  1.00 10.77 ? 38  GLU A CD  1 
ATOM   304  O  OE1 . GLU A 1 38  ? 6.124   -13.737 -5.625  1.00 11.83 ? 38  GLU A OE1 1 
ATOM   305  O  OE2 . GLU A 1 38  ? 5.445   -14.127 -3.597  1.00 11.81 ? 38  GLU A OE2 1 
ATOM   306  N  N   . THR A 1 39  ? 2.863   -11.766 -7.263  1.00 11.27 ? 39  THR A N   1 
ATOM   307  C  CA  . THR A 1 39  ? 1.841   -10.732 -7.075  1.00 11.67 ? 39  THR A CA  1 
ATOM   308  C  C   . THR A 1 39  ? 1.296   -10.216 -8.415  1.00 12.05 ? 39  THR A C   1 
ATOM   309  O  O   . THR A 1 39  ? 0.122   -9.861  -8.533  1.00 12.22 ? 39  THR A O   1 
ATOM   310  C  CB  . THR A 1 39  ? 2.360   -9.519  -6.222  1.00 11.70 ? 39  THR A CB  1 
ATOM   311  O  OG1 . THR A 1 39  ? 3.409   -8.831  -6.909  1.00 11.08 ? 39  THR A OG1 1 
ATOM   312  C  CG2 . THR A 1 39  ? 2.870   -9.990  -4.869  1.00 11.62 ? 39  THR A CG2 1 
ATOM   313  N  N   . LEU A 1 40  ? 2.162   -10.168 -9.421  1.00 12.38 ? 40  LEU A N   1 
ATOM   314  C  CA  . LEU A 1 40  ? 1.751   -9.707  -10.737 1.00 12.54 ? 40  LEU A CA  1 
ATOM   315  C  C   . LEU A 1 40  ? 0.680   -10.645 -11.321 1.00 12.87 ? 40  LEU A C   1 
ATOM   316  O  O   . LEU A 1 40  ? -0.246  -10.190 -11.991 1.00 13.20 ? 40  LEU A O   1 
ATOM   317  C  CB  . LEU A 1 40  ? 2.976   -9.621  -11.653 1.00 13.19 ? 40  LEU A CB  1 
ATOM   318  C  CG  . LEU A 1 40  ? 2.751   -9.116  -13.074 1.00 13.73 ? 40  LEU A CG  1 
ATOM   319  C  CD1 . LEU A 1 40  ? 2.073   -7.762  -13.006 1.00 14.11 ? 40  LEU A CD1 1 
ATOM   320  C  CD2 . LEU A 1 40  ? 4.091   -9.010  -13.821 1.00 14.12 ? 40  LEU A CD2 1 
ATOM   321  N  N   . GLU A 1 41  ? 0.765   -11.938 -11.001 1.00 11.19 ? 41  GLU A N   1 
ATOM   322  C  CA  . GLU A 1 41  ? -0.207  -12.921 -11.491 1.00 15.81 ? 41  GLU A CA  1 
ATOM   323  C  C   . GLU A 1 41  ? -1.649  -12.667 -11.081 1.00 12.76 ? 41  GLU A C   1 
ATOM   324  O  O   . GLU A 1 41  ? -2.568  -13.150 -11.722 1.00 17.96 ? 41  GLU A O   1 
ATOM   325  C  CB  . GLU A 1 41  ? 0.192   -14.330 -11.069 1.00 15.82 ? 41  GLU A CB  1 
ATOM   326  C  CG  . GLU A 1 41  ? 1.273   -14.916 -11.907 1.00 37.61 ? 41  GLU A CG  1 
ATOM   327  C  CD  . GLU A 1 41  ? 0.865   -15.092 -13.355 1.00 28.96 ? 41  GLU A CD  1 
ATOM   328  O  OE1 . GLU A 1 41  ? -0.097  -15.840 -13.624 1.00 37.53 ? 41  GLU A OE1 1 
ATOM   329  O  OE2 . GLU A 1 41  ? 1.518   -14.490 -14.227 1.00 42.30 ? 41  GLU A OE2 1 
ATOM   330  N  N   . LYS A 1 42  ? -1.853  -11.946 -9.982  1.00 8.85  ? 42  LYS A N   1 
ATOM   331  C  CA  . LYS A 1 42  ? -3.202  -11.630 -9.526  1.00 11.51 ? 42  LYS A CA  1 
ATOM   332  C  C   . LYS A 1 42  ? -3.868  -10.563 -10.401 1.00 17.67 ? 42  LYS A C   1 
ATOM   333  O  O   . LYS A 1 42  ? -5.059  -10.291 -10.258 1.00 14.42 ? 42  LYS A O   1 
ATOM   334  C  CB  . LYS A 1 42  ? -3.160  -11.119 -8.082  1.00 14.32 ? 42  LYS A CB  1 
ATOM   335  C  CG  . LYS A 1 42  ? -2.852  -12.183 -7.053  1.00 14.57 ? 42  LYS A CG  1 
ATOM   336  C  CD  . LYS A 1 42  ? -3.985  -13.197 -6.991  1.00 18.29 ? 42  LYS A CD  1 
ATOM   337  C  CE  . LYS A 1 42  ? -3.786  -14.200 -5.879  1.00 30.11 ? 42  LYS A CE  1 
ATOM   338  N  NZ  . LYS A 1 42  ? -4.987  -15.070 -5.730  1.00 25.44 ? 42  LYS A NZ  1 
ATOM   339  N  N   . PHE A 1 43  ? -3.096  -9.937  -11.288 1.00 11.55 ? 43  PHE A N   1 
ATOM   340  C  CA  . PHE A 1 43  ? -3.638  -8.877  -12.141 1.00 11.85 ? 43  PHE A CA  1 
ATOM   341  C  C   . PHE A 1 43  ? -3.759  -9.294  -13.601 1.00 12.07 ? 43  PHE A C   1 
ATOM   342  O  O   . PHE A 1 43  ? -2.763  -9.287  -14.329 1.00 11.15 ? 43  PHE A O   1 
ATOM   343  C  CB  . PHE A 1 43  ? -2.750  -7.627  -12.066 1.00 11.99 ? 43  PHE A CB  1 
ATOM   344  C  CG  . PHE A 1 43  ? -2.747  -6.953  -10.715 1.00 12.35 ? 43  PHE A CG  1 
ATOM   345  C  CD1 . PHE A 1 43  ? -3.725  -6.018  -10.385 1.00 12.17 ? 43  PHE A CD1 1 
ATOM   346  C  CD2 . PHE A 1 43  ? -1.744  -7.228  -9.791  1.00 12.88 ? 43  PHE A CD2 1 
ATOM   347  C  CE1 . PHE A 1 43  ? -3.703  -5.364  -9.154  1.00 12.26 ? 43  PHE A CE1 1 
ATOM   348  C  CE2 . PHE A 1 43  ? -1.711  -6.578  -8.553  1.00 12.54 ? 43  PHE A CE2 1 
ATOM   349  C  CZ  . PHE A 1 43  ? -2.689  -5.646  -8.236  1.00 12.26 ? 43  PHE A CZ  1 
ATOM   350  N  N   . ASP A 1 44  ? -4.966  -9.664  -14.028 1.00 10.82 ? 44  ASP A N   1 
ATOM   351  C  CA  . ASP A 1 44  ? -5.165  -10.039 -15.430 1.00 11.63 ? 44  ASP A CA  1 
ATOM   352  C  C   . ASP A 1 44  ? -4.740  -8.872  -16.336 1.00 10.58 ? 44  ASP A C   1 
ATOM   353  O  O   . ASP A 1 44  ? -4.110  -9.095  -17.371 1.00 15.64 ? 44  ASP A O   1 
ATOM   354  C  CB  . ASP A 1 44  ? -6.638  -10.373 -15.723 1.00 16.91 ? 44  ASP A CB  1 
ATOM   355  C  CG  . ASP A 1 44  ? -7.067  -11.731 -15.166 1.00 35.21 ? 44  ASP A CG  1 
ATOM   356  O  OD1 . ASP A 1 44  ? -6.293  -12.713 -15.252 1.00 37.18 ? 44  ASP A OD1 1 
ATOM   357  O  OD2 . ASP A 1 44  ? -8.202  -11.819 -14.653 1.00 42.83 ? 44  ASP A OD2 1 
ATOM   358  N  N   . ARG A 1 45  ? -5.010  -7.640  -15.896 1.00 11.07 ? 45  ARG A N   1 
ATOM   359  C  CA  . ARG A 1 45  ? -4.683  -6.442  -16.682 1.00 10.70 ? 45  ARG A CA  1 
ATOM   360  C  C   . ARG A 1 45  ? -3.199  -6.100  -16.805 1.00 11.23 ? 45  ARG A C   1 
ATOM   361  O  O   . ARG A 1 45  ? -2.827  -5.285  -17.664 1.00 11.50 ? 45  ARG A O   1 
ATOM   362  C  CB  . ARG A 1 45  ? -5.444  -5.212  -16.163 1.00 11.71 ? 45  ARG A CB  1 
ATOM   363  C  CG  . ARG A 1 45  ? -4.902  -4.626  -14.875 1.00 11.30 ? 45  ARG A CG  1 
ATOM   364  C  CD  . ARG A 1 45  ? -5.937  -3.754  -14.175 1.00 20.78 ? 45  ARG A CD  1 
ATOM   365  N  NE  . ARG A 1 45  ? -6.341  -2.620  -14.992 1.00 26.45 ? 45  ARG A NE  1 
ATOM   366  C  CZ  . ARG A 1 45  ? -7.589  -2.374  -15.379 1.00 29.26 ? 45  ARG A CZ  1 
ATOM   367  N  NH1 . ARG A 1 45  ? -8.578  -3.177  -15.018 1.00 29.87 ? 45  ARG A NH1 1 
ATOM   368  N  NH2 . ARG A 1 45  ? -7.843  -1.333  -16.158 1.00 19.95 ? 45  ARG A NH2 1 
ATOM   369  N  N   . PHE A 1 46  ? -2.357  -6.684  -15.946 1.00 10.73 ? 46  PHE A N   1 
ATOM   370  C  CA  . PHE A 1 46  ? -0.911  -6.415  -15.986 1.00 10.56 ? 46  PHE A CA  1 
ATOM   371  C  C   . PHE A 1 46  ? -0.046  -7.621  -16.315 1.00 10.49 ? 46  PHE A C   1 
ATOM   372  O  O   . PHE A 1 46  ? 1.156   -7.484  -16.510 1.00 11.58 ? 46  PHE A O   1 
ATOM   373  C  CB  . PHE A 1 46  ? -0.427  -5.822  -14.661 1.00 9.70  ? 46  PHE A CB  1 
ATOM   374  C  CG  . PHE A 1 46  ? -1.114  -4.546  -14.272 1.00 9.70  ? 46  PHE A CG  1 
ATOM   375  C  CD1 . PHE A 1 46  ? -1.354  -3.548  -15.208 1.00 9.28  ? 46  PHE A CD1 1 
ATOM   376  C  CD2 . PHE A 1 46  ? -1.524  -4.341  -12.964 1.00 10.00 ? 46  PHE A CD2 1 
ATOM   377  C  CE1 . PHE A 1 46  ? -1.987  -2.395  -14.849 1.00 8.93  ? 46  PHE A CE1 1 
ATOM   378  C  CE2 . PHE A 1 46  ? -2.170  -3.171  -12.601 1.00 10.00 ? 46  PHE A CE2 1 
ATOM   379  C  CZ  . PHE A 1 46  ? -2.401  -2.198  -13.545 1.00 9.36  ? 46  PHE A CZ  1 
ATOM   380  N  N   . LYS A 1 47  ? -0.655  -8.799  -16.377 1.00 14.43 ? 47  LYS A N   1 
ATOM   381  C  CA  . LYS A 1 47  ? 0.055   -10.049 -16.659 1.00 16.24 ? 47  LYS A CA  1 
ATOM   382  C  C   . LYS A 1 47  ? 0.948   -10.066 -17.897 1.00 20.20 ? 47  LYS A C   1 
ATOM   383  O  O   . LYS A 1 47  ? 1.843   -10.902 -17.997 1.00 18.86 ? 47  LYS A O   1 
ATOM   384  C  CB  . LYS A 1 47  ? -0.940  -11.209 -16.786 1.00 32.95 ? 47  LYS A CB  1 
ATOM   385  C  CG  . LYS A 1 47  ? -1.389  -11.864 -15.500 1.00 40.01 ? 47  LYS A CG  1 
ATOM   386  C  CD  . LYS A 1 47  ? -1.943  -13.246 -15.836 1.00 54.86 ? 47  LYS A CD  1 
ATOM   387  C  CE  . LYS A 1 47  ? -2.524  -13.976 -14.638 1.00 45.65 ? 47  LYS A CE  1 
ATOM   388  N  NZ  . LYS A 1 47  ? -3.860  -13.453 -14.250 1.00 56.31 ? 47  LYS A NZ  1 
ATOM   389  N  N   . HIS A 1 48  ? 0.667   -9.200  -18.865 1.00 12.10 ? 48  HIS A N   1 
ATOM   390  C  CA  . HIS A 1 48  ? 1.460   -9.155  -20.087 1.00 12.80 ? 48  HIS A CA  1 
ATOM   391  C  C   . HIS A 1 48  ? 2.785   -8.411  -19.941 1.00 13.14 ? 48  HIS A C   1 
ATOM   392  O  O   . HIS A 1 48  ? 3.637   -8.507  -20.821 1.00 14.23 ? 48  HIS A O   1 
ATOM   393  C  CB  . HIS A 1 48  ? 0.661   -8.503  -21.217 1.00 13.27 ? 48  HIS A CB  1 
ATOM   394  C  CG  . HIS A 1 48  ? 0.312   -7.068  -20.965 1.00 11.64 ? 48  HIS A CG  1 
ATOM   395  N  ND1 . HIS A 1 48  ? -0.653  -6.659  -20.075 1.00 15.85 ? 48  HIS A ND1 1 
ATOM   396  C  CD2 . HIS A 1 48  ? 0.836   -5.932  -21.489 1.00 9.80  ? 48  HIS A CD2 1 
ATOM   397  C  CE1 . HIS A 1 48  ? -0.681  -5.317  -20.086 1.00 13.30 ? 48  HIS A CE1 1 
ATOM   398  N  NE2 . HIS A 1 48  ? 0.206   -4.833  -20.930 1.00 10.43 ? 48  HIS A NE2 1 
ATOM   399  N  N   . LEU A 1 49  ? 2.940   -7.638  -18.870 1.00 12.96 ? 49  LEU A N   1 
ATOM   400  C  CA  . LEU A 1 49  ? 4.162   -6.854  -18.633 1.00 13.18 ? 49  LEU A CA  1 
ATOM   401  C  C   . LEU A 1 49  ? 5.315   -7.756  -18.168 1.00 13.24 ? 49  LEU A C   1 
ATOM   402  O  O   . LEU A 1 49  ? 5.226   -8.413  -17.138 1.00 13.47 ? 49  LEU A O   1 
ATOM   403  C  CB  . LEU A 1 49  ? 3.875   -5.737  -17.625 1.00 12.49 ? 49  LEU A CB  1 
ATOM   404  C  CG  . LEU A 1 49  ? 2.800   -4.734  -18.073 1.00 12.52 ? 49  LEU A CG  1 
ATOM   405  C  CD1 . LEU A 1 49  ? 2.389   -3.830  -16.925 1.00 12.35 ? 49  LEU A CD1 1 
ATOM   406  C  CD2 . LEU A 1 49  ? 3.318   -3.907  -19.249 1.00 12.68 ? 49  LEU A CD2 1 
ATOM   407  N  N   . LYS A 1 50  ? 6.366   -7.830  -18.979 1.00 15.23 ? 50  LYS A N   1 
ATOM   408  C  CA  . LYS A 1 50  ? 7.510   -8.691  -18.694 1.00 15.54 ? 50  LYS A CA  1 
ATOM   409  C  C   . LYS A 1 50  ? 8.815   -8.012  -18.264 1.00 22.20 ? 50  LYS A C   1 
ATOM   410  O  O   . LYS A 1 50  ? 9.685   -8.657  -17.680 1.00 24.70 ? 50  LYS A O   1 
ATOM   411  C  CB  . LYS A 1 50  ? 7.774   -9.612  -19.889 1.00 20.01 ? 50  LYS A CB  1 
ATOM   412  C  CG  . LYS A 1 50  ? 6.582   -10.481 -20.240 1.00 18.76 ? 50  LYS A CG  1 
ATOM   413  C  CD  . LYS A 1 50  ? 6.978   -11.732 -20.992 1.00 48.62 ? 50  LYS A CD  1 
ATOM   414  C  CE  . LYS A 1 50  ? 7.368   -11.447 -22.431 1.00 55.22 ? 50  LYS A CE  1 
ATOM   415  N  NZ  . LYS A 1 50  ? 7.678   -12.724 -23.147 1.00 67.54 ? 50  LYS A NZ  1 
ATOM   416  N  N   . THR A 1 51  ? 8.976   -6.730  -18.570 1.00 8.76  ? 51  THR A N   1 
ATOM   417  C  CA  . THR A 1 51  ? 10.195  -6.030  -18.172 1.00 8.49  ? 51  THR A CA  1 
ATOM   418  C  C   . THR A 1 51  ? 9.853   -4.778  -17.372 1.00 8.45  ? 51  THR A C   1 
ATOM   419  O  O   . THR A 1 51  ? 8.727   -4.293  -17.400 1.00 8.34  ? 51  THR A O   1 
ATOM   420  C  CB  . THR A 1 51  ? 11.046  -5.581  -19.387 1.00 8.72  ? 51  THR A CB  1 
ATOM   421  O  OG1 . THR A 1 51  ? 10.366  -4.527  -20.075 1.00 9.46  ? 51  THR A OG1 1 
ATOM   422  C  CG2 . THR A 1 51  ? 11.308  -6.737  -20.351 1.00 8.58  ? 51  THR A CG2 1 
ATOM   423  N  N   . GLU A 1 52  ? 10.842  -4.238  -16.673 1.00 5.86  ? 52  GLU A N   1 
ATOM   424  C  CA  . GLU A 1 52  ? 10.628  -3.030  -15.902 1.00 7.13  ? 52  GLU A CA  1 
ATOM   425  C  C   . GLU A 1 52  ? 10.309  -1.855  -16.840 1.00 6.91  ? 52  GLU A C   1 
ATOM   426  O  O   . GLU A 1 52  ? 9.480   -0.992  -16.512 1.00 10.24 ? 52  GLU A O   1 
ATOM   427  C  CB  . GLU A 1 52  ? 11.865  -2.721  -15.061 1.00 12.59 ? 52  GLU A CB  1 
ATOM   428  C  CG  . GLU A 1 52  ? 11.755  -1.430  -14.314 1.00 7.67  ? 52  GLU A CG  1 
ATOM   429  C  CD  . GLU A 1 52  ? 12.821  -1.266  -13.268 1.00 16.46 ? 52  GLU A CD  1 
ATOM   430  O  OE1 . GLU A 1 52  ? 13.806  -2.032  -13.292 1.00 16.26 ? 52  GLU A OE1 1 
ATOM   431  O  OE2 . GLU A 1 52  ? 12.670  -0.358  -12.426 1.00 20.08 ? 52  GLU A OE2 1 
ATOM   432  N  N   . ALA A 1 53  ? 10.954  -1.835  -18.004 1.00 7.66  ? 53  ALA A N   1 
ATOM   433  C  CA  . ALA A 1 53  ? 10.717  -0.780  -18.993 1.00 7.79  ? 53  ALA A CA  1 
ATOM   434  C  C   . ALA A 1 53  ? 9.252   -0.777  -19.456 1.00 8.35  ? 53  ALA A C   1 
ATOM   435  O  O   . ALA A 1 53  ? 8.635   0.291   -19.567 1.00 9.04  ? 53  ALA A O   1 
ATOM   436  C  CB  . ALA A 1 53  ? 11.636  -0.964  -20.174 1.00 7.83  ? 53  ALA A CB  1 
ATOM   437  N  N   . GLU A 1 54  ? 8.700   -1.965  -19.716 1.00 6.21  ? 54  GLU A N   1 
ATOM   438  C  CA  . GLU A 1 54  ? 7.305   -2.087  -20.135 1.00 8.23  ? 54  GLU A CA  1 
ATOM   439  C  C   . GLU A 1 54  ? 6.377   -1.607  -19.021 1.00 9.99  ? 54  GLU A C   1 
ATOM   440  O  O   . GLU A 1 54  ? 5.385   -0.925  -19.275 1.00 6.95  ? 54  GLU A O   1 
ATOM   441  C  CB  . GLU A 1 54  ? 6.980   -3.531  -20.497 1.00 7.17  ? 54  GLU A CB  1 
ATOM   442  C  CG  . GLU A 1 54  ? 7.684   -4.006  -21.760 1.00 6.44  ? 54  GLU A CG  1 
ATOM   443  C  CD  . GLU A 1 54  ? 7.548   -5.495  -21.986 1.00 19.61 ? 54  GLU A CD  1 
ATOM   444  O  OE1 . GLU A 1 54  ? 7.067   -6.196  -21.071 1.00 15.50 ? 54  GLU A OE1 1 
ATOM   445  O  OE2 . GLU A 1 54  ? 7.926   -5.974  -23.076 1.00 19.78 ? 54  GLU A OE2 1 
ATOM   446  N  N   . MET A 1 55  ? 6.719   -1.940  -17.779 1.00 8.09  ? 55  MET A N   1 
ATOM   447  C  CA  . MET A 1 55  ? 5.907   -1.505  -16.644 1.00 8.32  ? 55  MET A CA  1 
ATOM   448  C  C   . MET A 1 55  ? 5.932   0.012   -16.551 1.00 7.92  ? 55  MET A C   1 
ATOM   449  O  O   . MET A 1 55  ? 4.907   0.647   -16.320 1.00 8.74  ? 55  MET A O   1 
ATOM   450  C  CB  . MET A 1 55  ? 6.447   -2.111  -15.344 1.00 8.40  ? 55  MET A CB  1 
ATOM   451  C  CG  . MET A 1 55  ? 6.261   -3.598  -15.266 1.00 9.14  ? 55  MET A CG  1 
ATOM   452  S  SD  . MET A 1 55  ? 7.004   -4.304  -13.747 1.00 11.32 ? 55  MET A SD  1 
ATOM   453  C  CE  . MET A 1 55  ? 6.789   -6.060  -14.100 1.00 11.66 ? 55  MET A CE  1 
ATOM   454  N  N   . LYS A 1 56  ? 7.109   0.596   -16.734 1.00 6.42  ? 56  LYS A N   1 
ATOM   455  C  CA  . LYS A 1 56  ? 7.252   2.045   -16.656 1.00 7.58  ? 56  LYS A CA  1 
ATOM   456  C  C   . LYS A 1 56  ? 6.515   2.791   -17.751 1.00 6.54  ? 56  LYS A C   1 
ATOM   457  O  O   . LYS A 1 56  ? 6.148   3.948   -17.573 1.00 12.42 ? 56  LYS A O   1 
ATOM   458  C  CB  . LYS A 1 56  ? 8.732   2.453   -16.669 1.00 15.22 ? 56  LYS A CB  1 
ATOM   459  C  CG  . LYS A 1 56  ? 9.455   2.097   -15.376 1.00 19.10 ? 56  LYS A CG  1 
ATOM   460  C  CD  . LYS A 1 56  ? 10.601  3.023   -15.048 1.00 27.12 ? 56  LYS A CD  1 
ATOM   461  C  CE  . LYS A 1 56  ? 11.173  2.662   -13.682 1.00 39.40 ? 56  LYS A CE  1 
ATOM   462  N  NZ  . LYS A 1 56  ? 12.017  3.736   -13.096 1.00 54.53 ? 56  LYS A NZ  1 
ATOM   463  N  N   . ALA A 1 57  ? 6.294   2.119   -18.875 1.00 8.34  ? 57  ALA A N   1 
ATOM   464  C  CA  . ALA A 1 57  ? 5.628   2.753   -20.008 1.00 8.47  ? 57  ALA A CA  1 
ATOM   465  C  C   . ALA A 1 57  ? 4.112   2.588   -20.005 1.00 8.81  ? 57  ALA A C   1 
ATOM   466  O  O   . ALA A 1 57  ? 3.421   3.209   -20.812 1.00 9.15  ? 57  ALA A O   1 
ATOM   467  C  CB  . ALA A 1 57  ? 6.210   2.231   -21.290 1.00 8.23  ? 57  ALA A CB  1 
ATOM   468  N  N   . SER A 1 58  ? 3.594   1.731   -19.126 1.00 8.49  ? 58  SER A N   1 
ATOM   469  C  CA  . SER A 1 58  ? 2.152   1.484   -19.066 1.00 8.23  ? 58  SER A CA  1 
ATOM   470  C  C   . SER A 1 58  ? 1.359   2.592   -18.377 1.00 8.69  ? 58  SER A C   1 
ATOM   471  O  O   . SER A 1 58  ? 1.536   2.850   -17.187 1.00 8.01  ? 58  SER A O   1 
ATOM   472  C  CB  . SER A 1 58  ? 1.850   0.148   -18.383 1.00 8.27  ? 58  SER A CB  1 
ATOM   473  O  OG  . SER A 1 58  ? 0.455   0.001   -18.174 1.00 8.29  ? 58  SER A OG  1 
ATOM   474  N  N   . GLU A 1 59  ? 0.475   3.245   -19.130 1.00 8.04  ? 59  GLU A N   1 
ATOM   475  C  CA  . GLU A 1 59  ? -0.336  4.298   -18.537 1.00 4.90  ? 59  GLU A CA  1 
ATOM   476  C  C   . GLU A 1 59  ? -1.404  3.685   -17.630 1.00 4.27  ? 59  GLU A C   1 
ATOM   477  O  O   . GLU A 1 59  ? -1.784  4.277   -16.618 1.00 6.22  ? 59  GLU A O   1 
ATOM   478  C  CB  . GLU A 1 59  ? -0.988  5.170   -19.616 1.00 10.94 ? 59  GLU A CB  1 
ATOM   479  C  CG  . GLU A 1 59  ? -1.688  6.428   -19.055 1.00 10.46 ? 59  GLU A CG  1 
ATOM   480  C  CD  . GLU A 1 59  ? -0.718  7.497   -18.549 1.00 10.65 ? 59  GLU A CD  1 
ATOM   481  O  OE1 . GLU A 1 59  ? 0.507   7.327   -18.678 1.00 12.29 ? 59  GLU A OE1 1 
ATOM   482  O  OE2 . GLU A 1 59  ? -1.184  8.529   -18.044 1.00 13.05 ? 59  GLU A OE2 1 
ATOM   483  N  N   . ASP A 1 60  ? -1.858  2.479   -17.956 1.00 8.92  ? 60  ASP A N   1 
ATOM   484  C  CA  . ASP A 1 60  ? -2.882  1.833   -17.135 1.00 8.59  ? 60  ASP A CA  1 
ATOM   485  C  C   . ASP A 1 60  ? -2.309  1.505   -15.752 1.00 13.31 ? 60  ASP A C   1 
ATOM   486  O  O   . ASP A 1 60  ? -3.003  1.615   -14.739 1.00 10.30 ? 60  ASP A O   1 
ATOM   487  C  CB  . ASP A 1 60  ? -3.389  0.562   -17.808 1.00 11.20 ? 60  ASP A CB  1 
ATOM   488  C  CG  . ASP A 1 60  ? -4.695  0.071   -17.208 1.00 9.51  ? 60  ASP A CG  1 
ATOM   489  O  OD1 . ASP A 1 60  ? -5.648  0.863   -17.072 1.00 15.07 ? 60  ASP A OD1 1 
ATOM   490  O  OD2 . ASP A 1 60  ? -4.771  -1.113  -16.889 1.00 15.47 ? 60  ASP A OD2 1 
ATOM   491  N  N   . LEU A 1 61  ? -1.042  1.094   -15.718 1.00 8.91  ? 61  LEU A N   1 
ATOM   492  C  CA  . LEU A 1 61  ? -0.385  0.777   -14.455 1.00 8.86  ? 61  LEU A CA  1 
ATOM   493  C  C   . LEU A 1 61  ? -0.246  2.060   -13.642 1.00 9.13  ? 61  LEU A C   1 
ATOM   494  O  O   . LEU A 1 61  ? -0.553  2.082   -12.455 1.00 9.35  ? 61  LEU A O   1 
ATOM   495  C  CB  . LEU A 1 61  ? 0.990   0.128   -14.704 1.00 9.07  ? 61  LEU A CB  1 
ATOM   496  C  CG  . LEU A 1 61  ? 1.748   -0.404  -13.484 1.00 10.45 ? 61  LEU A CG  1 
ATOM   497  C  CD1 . LEU A 1 61  ? 0.771   -1.123  -12.545 1.00 11.60 ? 61  LEU A CD1 1 
ATOM   498  C  CD2 . LEU A 1 61  ? 2.850   -1.359  -13.935 1.00 9.77  ? 61  LEU A CD2 1 
ATOM   499  N  N   . LYS A 1 62  ? 0.152   3.144   -14.301 1.00 5.76  ? 62  LYS A N   1 
ATOM   500  C  CA  . LYS A 1 62  ? 0.303   4.425   -13.627 1.00 7.40  ? 62  LYS A CA  1 
ATOM   501  C  C   . LYS A 1 62  ? -1.034  4.889   -13.046 1.00 7.02  ? 62  LYS A C   1 
ATOM   502  O  O   . LYS A 1 62  ? -1.098  5.340   -11.911 1.00 9.24  ? 62  LYS A O   1 
ATOM   503  C  CB  . LYS A 1 62  ? 0.831   5.471   -14.607 1.00 9.83  ? 62  LYS A CB  1 
ATOM   504  C  CG  . LYS A 1 62  ? 1.229   6.781   -13.965 1.00 17.72 ? 62  LYS A CG  1 
ATOM   505  C  CD  . LYS A 1 62  ? 1.654   7.781   -15.036 1.00 20.98 ? 62  LYS A CD  1 
ATOM   506  C  CE  . LYS A 1 62  ? 2.487   8.891   -14.445 1.00 37.75 ? 62  LYS A CE  1 
ATOM   507  N  NZ  . LYS A 1 62  ? 2.629   10.027  -15.398 1.00 33.45 ? 62  LYS A NZ  1 
ATOM   508  N  N   . LYS A 1 63  ? -2.101  4.765   -13.825 1.00 9.54  ? 63  LYS A N   1 
ATOM   509  C  CA  . LYS A 1 63  ? -3.434  5.161   -13.379 1.00 8.64  ? 63  LYS A CA  1 
ATOM   510  C  C   . LYS A 1 63  ? -3.911  4.355   -12.160 1.00 13.86 ? 63  LYS A C   1 
ATOM   511  O  O   . LYS A 1 63  ? -4.484  4.921   -11.238 1.00 12.89 ? 63  LYS A O   1 
ATOM   512  C  CB  . LYS A 1 63  ? -4.439  5.048   -14.537 1.00 15.06 ? 63  LYS A CB  1 
ATOM   513  C  CG  . LYS A 1 63  ? -5.845  5.464   -14.163 1.00 26.43 ? 63  LYS A CG  1 
ATOM   514  C  CD  . LYS A 1 63  ? -6.716  5.768   -15.380 1.00 39.47 ? 63  LYS A CD  1 
ATOM   515  C  CE  . LYS A 1 63  ? -7.000  4.534   -16.197 1.00 34.81 ? 63  LYS A CE  1 
ATOM   516  N  NZ  . LYS A 1 63  ? -8.000  4.809   -17.263 1.00 29.67 ? 63  LYS A NZ  1 
ATOM   517  N  N   . HIS A 1 64  ? -3.610  3.057   -12.138 1.00 11.27 ? 64  HIS A N   1 
ATOM   518  C  CA  . HIS A 1 64  ? -4.008  2.175   -11.045 1.00 12.03 ? 64  HIS A CA  1 
ATOM   519  C  C   . HIS A 1 64  ? -3.152  2.367   -9.791  1.00 12.19 ? 64  HIS A C   1 
ATOM   520  O  O   . HIS A 1 64  ? -3.588  2.067   -8.681  1.00 12.49 ? 64  HIS A O   1 
ATOM   521  C  CB  . HIS A 1 64  ? -4.038  0.726   -11.515 1.00 14.64 ? 64  HIS A CB  1 
ATOM   522  C  CG  . HIS A 1 64  ? -5.180  0.428   -12.440 0.53 18.37 ? 64  HIS A CG  1 
ATOM   523  N  ND1 . HIS A 1 64  ? -5.378  1.154   -13.591 0.53 22.66 ? 64  HIS A ND1 1 
ATOM   524  C  CD2 . HIS A 1 64  ? -6.236  -0.404  -12.252 0.53 23.90 ? 64  HIS A CD2 1 
ATOM   525  C  CE1 . HIS A 1 64  ? -6.542  0.760   -14.069 0.53 21.33 ? 64  HIS A CE1 1 
ATOM   526  N  NE2 . HIS A 1 64  ? -7.100  -0.181  -13.293 0.53 26.85 ? 64  HIS A NE2 1 
ATOM   527  N  N   . GLY A 1 65  ? -1.942  2.894   -9.980  1.00 11.39 ? 65  GLY A N   1 
ATOM   528  C  CA  . GLY A 1 65  ? -1.083  3.208   -8.856  1.00 10.80 ? 65  GLY A CA  1 
ATOM   529  C  C   . GLY A 1 65  ? -1.722  4.383   -8.114  1.00 10.14 ? 65  GLY A C   1 
ATOM   530  O  O   . GLY A 1 65  ? -1.630  4.477   -6.890  1.00 9.84  ? 65  GLY A O   1 
ATOM   531  N  N   . VAL A 1 66  ? -2.357  5.294   -8.853  1.00 9.66  ? 66  VAL A N   1 
ATOM   532  C  CA  . VAL A 1 66  ? -3.034  6.430   -8.225  1.00 9.76  ? 66  VAL A CA  1 
ATOM   533  C  C   . VAL A 1 66  ? -4.214  5.880   -7.411  1.00 9.86  ? 66  VAL A C   1 
ATOM   534  O  O   . VAL A 1 66  ? -4.476  6.326   -6.295  1.00 9.48  ? 66  VAL A O   1 
ATOM   535  C  CB  . VAL A 1 66  ? -3.538  7.467   -9.265  1.00 9.68  ? 66  VAL A CB  1 
ATOM   536  C  CG1 . VAL A 1 66  ? -4.409  8.517   -8.596  1.00 9.78  ? 66  VAL A CG1 1 
ATOM   537  C  CG2 . VAL A 1 66  ? -2.350  8.147   -9.936  1.00 10.50 ? 66  VAL A CG2 1 
ATOM   538  N  N   . THR A 1 67  ? -4.895  4.880   -7.966  1.00 9.87  ? 67  THR A N   1 
ATOM   539  C  CA  . THR A 1 67  ? -6.026  4.266   -7.283  1.00 10.62 ? 67  THR A CA  1 
ATOM   540  C  C   . THR A 1 67  ? -5.647  3.706   -5.913  1.00 10.28 ? 67  THR A C   1 
ATOM   541  O  O   . THR A 1 67  ? -6.311  4.005   -4.912  1.00 10.37 ? 67  THR A O   1 
ATOM   542  C  CB  . THR A 1 67  ? -6.652  3.162   -8.150  1.00 11.31 ? 67  THR A CB  1 
ATOM   543  O  OG1 . THR A 1 67  ? -7.188  3.766   -9.343  1.00 12.28 ? 67  THR A OG1 1 
ATOM   544  C  CG2 . THR A 1 67  ? -7.778  2.443   -7.396  1.00 12.04 ? 67  THR A CG2 1 
ATOM   545  N  N   . VAL A 1 68  ? -4.572  2.921   -5.861  1.00 9.56  ? 68  VAL A N   1 
ATOM   546  C  CA  . VAL A 1 68  ? -4.135  2.317   -4.598  1.00 9.93  ? 68  VAL A CA  1 
ATOM   547  C  C   . VAL A 1 68  ? -3.732  3.349   -3.554  1.00 9.45  ? 68  VAL A C   1 
ATOM   548  O  O   . VAL A 1 68  ? -4.157  3.280   -2.408  1.00 8.77  ? 68  VAL A O   1 
ATOM   549  C  CB  . VAL A 1 68  ? -2.928  1.360   -4.793  1.00 10.41 ? 68  VAL A CB  1 
ATOM   550  C  CG1 . VAL A 1 68  ? -2.505  0.756   -3.452  1.00 12.00 ? 68  VAL A CG1 1 
ATOM   551  C  CG2 . VAL A 1 68  ? -3.286  0.268   -5.730  1.00 11.95 ? 68  VAL A CG2 1 
ATOM   552  N  N   . LEU A 1 69  ? -2.913  4.316   -3.961  1.00 8.95  ? 69  LEU A N   1 
ATOM   553  C  CA  . LEU A 1 69  ? -2.444  5.330   -3.036  1.00 8.98  ? 69  LEU A CA  1 
ATOM   554  C  C   . LEU A 1 69  ? -3.527  6.263   -2.549  1.00 8.99  ? 69  LEU A C   1 
ATOM   555  O  O   . LEU A 1 69  ? -3.472  6.725   -1.420  1.00 9.70  ? 69  LEU A O   1 
ATOM   556  C  CB  . LEU A 1 69  ? -1.264  6.107   -3.621  1.00 8.91  ? 69  LEU A CB  1 
ATOM   557  C  CG  . LEU A 1 69  ? -0.029  5.233   -3.904  1.00 9.55  ? 69  LEU A CG  1 
ATOM   558  C  CD1 . LEU A 1 69  ? 1.166   6.142   -4.142  1.00 10.31 ? 69  LEU A CD1 1 
ATOM   559  C  CD2 . LEU A 1 69  ? 0.255   4.294   -2.742  1.00 10.01 ? 69  LEU A CD2 1 
ATOM   560  N  N   . THR A 1 70  ? -4.523  6.526   -3.383  1.00 9.46  ? 70  THR A N   1 
ATOM   561  C  CA  . THR A 1 70  ? -5.618  7.417   -2.982  1.00 10.07 ? 70  THR A CA  1 
ATOM   562  C  C   . THR A 1 70  ? -6.477  6.753   -1.891  1.00 9.99  ? 70  THR A C   1 
ATOM   563  O  O   . THR A 1 70  ? -6.878  7.412   -0.922  1.00 9.60  ? 70  THR A O   1 
ATOM   564  C  CB  . THR A 1 70  ? -6.454  7.834   -4.203  1.00 10.97 ? 70  THR A CB  1 
ATOM   565  O  OG1 . THR A 1 70  ? -5.611  8.610   -5.076  1.00 12.71 ? 70  THR A OG1 1 
ATOM   566  C  CG2 . THR A 1 70  ? -7.649  8.693   -3.778  1.00 12.39 ? 70  THR A CG2 1 
ATOM   567  N  N   . ALA A 1 71  ? -6.706  5.446   -2.042  1.00 8.87  ? 71  ALA A N   1 
ATOM   568  C  CA  . ALA A 1 71  ? -7.481  4.671   -1.071  1.00 8.92  ? 71  ALA A CA  1 
ATOM   569  C  C   . ALA A 1 71  ? -6.681  4.576   0.238   1.00 8.78  ? 71  ALA A C   1 
ATOM   570  O  O   . ALA A 1 71  ? -7.225  4.782   1.321   1.00 8.98  ? 71  ALA A O   1 
ATOM   571  C  CB  . ALA A 1 71  ? -7.759  3.285   -1.613  1.00 8.42  ? 71  ALA A CB  1 
ATOM   572  N  N   . LEU A 1 72  ? -5.380  4.295   0.131   1.00 8.75  ? 72  LEU A N   1 
ATOM   573  C  CA  . LEU A 1 72  ? -4.537  4.207   1.325   1.00 8.55  ? 72  LEU A CA  1 
ATOM   574  C  C   . LEU A 1 72  ? -4.468  5.561   2.040   1.00 8.34  ? 72  LEU A C   1 
ATOM   575  O  O   . LEU A 1 72  ? -4.525  5.628   3.257   1.00 8.11  ? 72  LEU A O   1 
ATOM   576  C  CB  . LEU A 1 72  ? -3.123  3.718   0.970   1.00 8.52  ? 72  LEU A CB  1 
ATOM   577  C  CG  . LEU A 1 72  ? -2.200  3.475   2.178   1.00 9.39  ? 72  LEU A CG  1 
ATOM   578  C  CD1 . LEU A 1 72  ? -2.855  2.523   3.173   1.00 9.36  ? 72  LEU A CD1 1 
ATOM   579  C  CD2 . LEU A 1 72  ? -0.871  2.876   1.713   1.00 9.99  ? 72  LEU A CD2 1 
ATOM   580  N  N   . GLY A 1 73  ? -4.368  6.645   1.276   1.00 8.29  ? 73  GLY A N   1 
ATOM   581  C  CA  . GLY A 1 73  ? -4.297  7.966   1.876   1.00 8.78  ? 73  GLY A CA  1 
ATOM   582  C  C   . GLY A 1 73  ? -5.565  8.291   2.646   1.00 9.67  ? 73  GLY A C   1 
ATOM   583  O  O   . GLY A 1 73  ? -5.504  8.905   3.714   1.00 9.91  ? 73  GLY A O   1 
ATOM   584  N  N   . ALA A 1 74  ? -6.717  7.887   2.107   1.00 9.75  ? 74  ALA A N   1 
ATOM   585  C  CA  . ALA A 1 74  ? -7.997  8.119   2.779   1.00 10.20 ? 74  ALA A CA  1 
ATOM   586  C  C   . ALA A 1 74  ? -8.005  7.388   4.122   1.00 10.06 ? 74  ALA A C   1 
ATOM   587  O  O   . ALA A 1 74  ? -8.524  7.903   5.109   1.00 11.51 ? 74  ALA A O   1 
ATOM   588  C  CB  . ALA A 1 74  ? -9.153  7.635   1.910   1.00 10.53 ? 74  ALA A CB  1 
ATOM   589  N  N   . ILE A 1 75  ? -7.395  6.207   4.160   1.00 9.50  ? 75  ILE A N   1 
ATOM   590  C  CA  . ILE A 1 75  ? -7.331  5.402   5.389   1.00 9.36  ? 75  ILE A CA  1 
ATOM   591  C  C   . ILE A 1 75  ? -6.384  6.025   6.434   1.00 9.63  ? 75  ILE A C   1 
ATOM   592  O  O   . ILE A 1 75  ? -6.746  6.194   7.603   1.00 9.41  ? 75  ILE A O   1 
ATOM   593  C  CB  . ILE A 1 75  ? -6.904  3.933   5.064   1.00 9.59  ? 75  ILE A CB  1 
ATOM   594  C  CG1 . ILE A 1 75  ? -8.033  3.214   4.315   1.00 8.71  ? 75  ILE A CG1 1 
ATOM   595  C  CG2 . ILE A 1 75  ? -6.508  3.171   6.339   1.00 9.88  ? 75  ILE A CG2 1 
ATOM   596  C  CD1 . ILE A 1 75  ? -7.588  1.949   3.617   1.00 9.96  ? 75  ILE A CD1 1 
ATOM   597  N  N   . LEU A 1 76  ? -5.171  6.377   6.007   1.00 9.36  ? 76  LEU A N   1 
ATOM   598  C  CA  . LEU A 1 76  ? -4.197  6.977   6.911   1.00 9.30  ? 76  LEU A CA  1 
ATOM   599  C  C   . LEU A 1 76  ? -4.714  8.245   7.568   1.00 9.37  ? 76  LEU A C   1 
ATOM   600  O  O   . LEU A 1 76  ? -4.492  8.459   8.760   1.00 9.93  ? 76  LEU A O   1 
ATOM   601  C  CB  . LEU A 1 76  ? -2.868  7.263   6.190   1.00 9.18  ? 76  LEU A CB  1 
ATOM   602  C  CG  . LEU A 1 76  ? -2.079  6.028   5.727   1.00 10.08 ? 76  LEU A CG  1 
ATOM   603  C  CD1 . LEU A 1 76  ? -0.765  6.447   5.061   1.00 9.76  ? 76  LEU A CD1 1 
ATOM   604  C  CD2 . LEU A 1 76  ? -1.806  5.076   6.897   1.00 9.82  ? 76  LEU A CD2 1 
ATOM   605  N  N   . LYS A 1 77  ? -5.420  9.072   6.805   1.00 8.42  ? 77  LYS A N   1 
ATOM   606  C  CA  . LYS A 1 77  ? -5.948  10.327  7.334   1.00 5.10  ? 77  LYS A CA  1 
ATOM   607  C  C   . LYS A 1 77  ? -7.044  10.151  8.387   1.00 6.69  ? 77  LYS A C   1 
ATOM   608  O  O   . LYS A 1 77  ? -7.388  11.101  9.090   1.00 11.91 ? 77  LYS A O   1 
ATOM   609  C  CB  . LYS A 1 77  ? -6.401  11.239  6.187   1.00 13.27 ? 77  LYS A CB  1 
ATOM   610  C  CG  . LYS A 1 77  ? -5.222  11.770  5.380   1.00 15.11 ? 77  LYS A CG  1 
ATOM   611  C  CD  . LYS A 1 77  ? -5.673  12.521  4.138   1.00 17.92 ? 77  LYS A CD  1 
ATOM   612  C  CE  . LYS A 1 77  ? -4.492  12.917  3.255   1.00 18.76 ? 77  LYS A CE  1 
ATOM   613  N  NZ  . LYS A 1 77  ? -4.941  13.670  2.030   1.00 17.66 ? 77  LYS A NZ  1 
ATOM   614  N  N   . LYS A 1 78  ? -7.548  8.924   8.531   1.00 8.46  ? 78  LYS A N   1 
ATOM   615  C  CA  . LYS A 1 78  ? -8.569  8.618   9.533   1.00 9.79  ? 78  LYS A CA  1 
ATOM   616  C  C   . LYS A 1 78  ? -7.914  8.315   10.873  1.00 17.99 ? 78  LYS A C   1 
ATOM   617  O  O   . LYS A 1 78  ? -8.599  8.132   11.885  1.00 10.54 ? 78  LYS A O   1 
ATOM   618  C  CB  . LYS A 1 78  ? -9.428  7.441   9.098   1.00 9.56  ? 78  LYS A CB  1 
ATOM   619  C  CG  . LYS A 1 78  ? -10.384 7.788   7.976   1.00 15.79 ? 78  LYS A CG  1 
ATOM   620  C  CD  . LYS A 1 78  ? -11.345 8.870   8.421   1.00 16.86 ? 78  LYS A CD  1 
ATOM   621  C  CE  . LYS A 1 78  ? -12.352 9.192   7.336   1.00 29.25 ? 78  LYS A CE  1 
ATOM   622  N  NZ  . LYS A 1 78  ? -13.348 10.189  7.808   1.00 44.71 ? 78  LYS A NZ  1 
ATOM   623  N  N   . LYS A 1 79  ? -6.588  8.200   10.852  1.00 9.89  ? 79  LYS A N   1 
ATOM   624  C  CA  . LYS A 1 79  ? -5.793  7.962   12.061  1.00 6.65  ? 79  LYS A CA  1 
ATOM   625  C  C   . LYS A 1 79  ? -6.330  6.821   12.923  1.00 19.93 ? 79  LYS A C   1 
ATOM   626  O  O   . LYS A 1 79  ? -6.542  6.985   14.128  1.00 11.23 ? 79  LYS A O   1 
ATOM   627  C  CB  . LYS A 1 79  ? -5.677  9.270   12.864  1.00 8.95  ? 79  LYS A CB  1 
ATOM   628  C  CG  . LYS A 1 79  ? -4.875  10.358  12.107  1.00 11.46 ? 79  LYS A CG  1 
ATOM   629  C  CD  . LYS A 1 79  ? -5.105  11.780  12.645  1.00 19.00 ? 79  LYS A CD  1 
ATOM   630  C  CE  . LYS A 1 79  ? -4.484  11.987  14.003  1.00 17.77 ? 79  LYS A CE  1 
ATOM   631  N  NZ  . LYS A 1 79  ? -4.765  13.369  14.501  1.00 10.08 ? 79  LYS A NZ  1 
ATOM   632  N  N   . GLY A 1 80  ? -6.529  5.663   12.290  1.00 14.14 ? 80  GLY A N   1 
ATOM   633  C  CA  . GLY A 1 80  ? -7.027  4.493   13.003  1.00 14.06 ? 80  GLY A CA  1 
ATOM   634  C  C   . GLY A 1 80  ? -8.538  4.304   12.980  1.00 13.98 ? 80  GLY A C   1 
ATOM   635  O  O   . GLY A 1 80  ? -9.006  3.178   13.129  1.00 14.12 ? 80  GLY A O   1 
ATOM   636  N  N   . HIS A 1 81  ? -9.297  5.381   12.795  1.00 13.03 ? 81  HIS A N   1 
ATOM   637  C  CA  . HIS A 1 81  ? -10.759 5.289   12.749  1.00 13.61 ? 81  HIS A CA  1 
ATOM   638  C  C   . HIS A 1 81  ? -11.182 5.058   11.294  1.00 13.36 ? 81  HIS A C   1 
ATOM   639  O  O   . HIS A 1 81  ? -11.939 5.838   10.738  1.00 13.20 ? 81  HIS A O   1 
ATOM   640  C  CB  . HIS A 1 81  ? -11.371 6.603   13.258  1.00 15.31 ? 81  HIS A CB  1 
ATOM   641  C  CG  . HIS A 1 81  ? -10.871 7.021   14.606  1.00 22.55 ? 81  HIS A CG  1 
ATOM   642  N  ND1 . HIS A 1 81  ? -9.763  7.815   14.809  1.00 29.93 ? 81  HIS A ND1 1 
ATOM   643  C  CD2 . HIS A 1 81  ? -11.363 6.757   15.842  1.00 27.90 ? 81  HIS A CD2 1 
ATOM   644  C  CE1 . HIS A 1 81  ? -9.621  8.008   16.126  1.00 27.11 ? 81  HIS A CE1 1 
ATOM   645  N  NE2 . HIS A 1 81  ? -10.567 7.384   16.798  1.00 29.63 ? 81  HIS A NE2 1 
ATOM   646  N  N   . HIS A 1 82  ? -10.747 3.934   10.728  1.00 13.48 ? 82  HIS A N   1 
ATOM   647  C  CA  . HIS A 1 82  ? -10.988 3.612   9.323   1.00 13.20 ? 82  HIS A CA  1 
ATOM   648  C  C   . HIS A 1 82  ? -11.930 2.453   9.000   1.00 13.44 ? 82  HIS A C   1 
ATOM   649  O  O   . HIS A 1 82  ? -11.826 1.858   7.922   1.00 13.33 ? 82  HIS A O   1 
ATOM   650  C  CB  . HIS A 1 82  ? -9.628  3.328   8.685   1.00 13.53 ? 82  HIS A CB  1 
ATOM   651  C  CG  . HIS A 1 82  ? -8.818  2.320   9.447   1.00 15.92 ? 82  HIS A CG  1 
ATOM   652  N  ND1 . HIS A 1 82  ? -7.513  2.517   9.847   1.00 15.87 ? 82  HIS A ND1 1 
ATOM   653  C  CD2 . HIS A 1 82  ? -9.164  1.094   9.917   1.00 16.89 ? 82  HIS A CD2 1 
ATOM   654  C  CE1 . HIS A 1 82  ? -7.113  1.432   10.529  1.00 20.05 ? 82  HIS A CE1 1 
ATOM   655  N  NE2 . HIS A 1 82  ? -8.079  0.537   10.602  1.00 15.29 ? 82  HIS A NE2 1 
ATOM   656  N  N   . GLU A 1 83  ? -12.852 2.137   9.907   1.00 12.66 ? 83  GLU A N   1 
ATOM   657  C  CA  . GLU A 1 83  ? -13.788 1.022   9.709   1.00 8.83  ? 83  GLU A CA  1 
ATOM   658  C  C   . GLU A 1 83  ? -14.570 1.084   8.384   1.00 12.76 ? 83  GLU A C   1 
ATOM   659  O  O   . GLU A 1 83  ? -14.590 0.117   7.623   1.00 14.47 ? 83  GLU A O   1 
ATOM   660  C  CB  . GLU A 1 83  ? -14.773 0.932   10.882  1.00 17.12 ? 83  GLU A CB  1 
ATOM   661  C  CG  . GLU A 1 83  ? -14.128 0.901   12.274  1.00 30.72 ? 83  GLU A CG  1 
ATOM   662  C  CD  . GLU A 1 83  ? -13.829 2.289   12.864  1.00 39.66 ? 83  GLU A CD  1 
ATOM   663  O  OE1 . GLU A 1 83  ? -14.172 3.325   12.250  1.00 39.67 ? 83  GLU A OE1 1 
ATOM   664  O  OE2 . GLU A 1 83  ? -13.267 2.339   13.976  1.00 39.88 ? 83  GLU A OE2 1 
ATOM   665  N  N   . ALA A 1 84  ? -15.191 2.226   8.103   1.00 19.32 ? 84  ALA A N   1 
ATOM   666  C  CA  . ALA A 1 84  ? -15.972 2.393   6.878   1.00 19.48 ? 84  ALA A CA  1 
ATOM   667  C  C   . ALA A 1 84  ? -15.148 2.296   5.586   1.00 19.26 ? 84  ALA A C   1 
ATOM   668  O  O   . ALA A 1 84  ? -15.641 1.828   4.572   1.00 19.10 ? 84  ALA A O   1 
ATOM   669  C  CB  . ALA A 1 84  ? -16.715 3.704   6.916   1.00 19.52 ? 84  ALA A CB  1 
ATOM   670  N  N   . GLU A 1 85  ? -13.895 2.739   5.635   1.00 14.81 ? 85  GLU A N   1 
ATOM   671  C  CA  . GLU A 1 85  ? -13.020 2.703   4.464   1.00 16.12 ? 85  GLU A CA  1 
ATOM   672  C  C   . GLU A 1 85  ? -12.401 1.326   4.223   1.00 20.39 ? 85  GLU A C   1 
ATOM   673  O  O   . GLU A 1 85  ? -12.237 0.886   3.085   1.00 22.11 ? 85  GLU A O   1 
ATOM   674  C  CB  . GLU A 1 85  ? -11.902 3.743   4.613   1.00 11.95 ? 85  GLU A CB  1 
ATOM   675  C  CG  . GLU A 1 85  ? -12.358 5.215   4.585   1.00 21.63 ? 85  GLU A CG  1 
ATOM   676  C  CD  . GLU A 1 85  ? -13.032 5.686   5.876   1.00 34.91 ? 85  GLU A CD  1 
ATOM   677  O  OE1 . GLU A 1 85  ? -12.891 5.012   6.920   1.00 27.48 ? 85  GLU A OE1 1 
ATOM   678  O  OE2 . GLU A 1 85  ? -13.696 6.751   5.853   1.00 36.00 ? 85  GLU A OE2 1 
ATOM   679  N  N   . LEU A 1 86  ? -12.106 0.626   5.310   1.00 18.46 ? 86  LEU A N   1 
ATOM   680  C  CA  . LEU A 1 86  ? -11.456 -0.667  5.239   1.00 18.50 ? 86  LEU A CA  1 
ATOM   681  C  C   . LEU A 1 86  ? -12.373 -1.833  4.940   1.00 18.25 ? 86  LEU A C   1 
ATOM   682  O  O   . LEU A 1 86  ? -11.973 -2.768  4.252   1.00 17.75 ? 86  LEU A O   1 
ATOM   683  C  CB  . LEU A 1 86  ? -10.679 -0.887  6.543   1.00 19.40 ? 86  LEU A CB  1 
ATOM   684  C  CG  . LEU A 1 86  ? -9.710  -2.041  6.751   1.00 19.99 ? 86  LEU A CG  1 
ATOM   685  C  CD1 . LEU A 1 86  ? -8.642  -1.610  7.727   1.00 19.82 ? 86  LEU A CD1 1 
ATOM   686  C  CD2 . LEU A 1 86  ? -10.454 -3.269  7.278   1.00 21.57 ? 86  LEU A CD2 1 
ATOM   687  N  N   . LYS A 1 87  ? -13.619 -1.756  5.409   1.00 15.30 ? 87  LYS A N   1 
ATOM   688  C  CA  . LYS A 1 87  ? -14.591 -2.829  5.202   1.00 17.62 ? 87  LYS A CA  1 
ATOM   689  C  C   . LYS A 1 87  ? -14.743 -3.275  3.737   1.00 20.89 ? 87  LYS A C   1 
ATOM   690  O  O   . LYS A 1 87  ? -14.525 -4.450  3.422   1.00 16.30 ? 87  LYS A O   1 
ATOM   691  C  CB  . LYS A 1 87  ? -15.945 -2.446  5.816   1.00 24.71 ? 87  LYS A CB  1 
ATOM   692  C  CG  . LYS A 1 87  ? -16.969 -3.555  5.847   1.00 35.84 ? 87  LYS A CG  1 
ATOM   693  C  CD  . LYS A 1 87  ? -18.229 -3.093  6.565   1.00 39.07 ? 87  LYS A CD  1 
ATOM   694  C  CE  . LYS A 1 87  ? -19.194 -4.239  6.795   1.00 33.80 ? 87  LYS A CE  1 
ATOM   695  N  NZ  . LYS A 1 87  ? -18.581 -5.292  7.646   1.00 48.26 ? 87  LYS A NZ  1 
ATOM   696  N  N   . PRO A 1 88  ? -15.077 -2.343  2.817   1.00 15.37 ? 88  PRO A N   1 
ATOM   697  C  CA  . PRO A 1 88  ? -15.245 -2.661  1.391   1.00 14.91 ? 88  PRO A CA  1 
ATOM   698  C  C   . PRO A 1 88  ? -13.991 -3.281  0.771   1.00 15.03 ? 88  PRO A C   1 
ATOM   699  O  O   . PRO A 1 88  ? -14.069 -4.149  -0.098  1.00 14.66 ? 88  PRO A O   1 
ATOM   700  C  CB  . PRO A 1 88  ? -15.490 -1.287  0.770   1.00 14.96 ? 88  PRO A CB  1 
ATOM   701  C  CG  . PRO A 1 88  ? -16.130 -0.530  1.848   1.00 15.06 ? 88  PRO A CG  1 
ATOM   702  C  CD  . PRO A 1 88  ? -15.317 -0.906  3.046   1.00 15.46 ? 88  PRO A CD  1 
ATOM   703  N  N   . LEU A 1 89  ? -12.835 -2.784  1.210   1.00 15.25 ? 89  LEU A N   1 
ATOM   704  C  CA  . LEU A 1 89  ? -11.536 -3.227  0.723   1.00 15.38 ? 89  LEU A CA  1 
ATOM   705  C  C   . LEU A 1 89  ? -11.273 -4.674  1.107   1.00 14.81 ? 89  LEU A C   1 
ATOM   706  O  O   . LEU A 1 89  ? -10.916 -5.490  0.273   1.00 14.09 ? 89  LEU A O   1 
ATOM   707  C  CB  . LEU A 1 89  ? -10.438 -2.354  1.319   1.00 17.20 ? 89  LEU A CB  1 
ATOM   708  C  CG  . LEU A 1 89  ? -9.170  -2.217  0.488   1.00 18.69 ? 89  LEU A CG  1 
ATOM   709  C  CD1 . LEU A 1 89  ? -9.263  -0.869  -0.209  1.00 20.48 ? 89  LEU A CD1 1 
ATOM   710  C  CD2 . LEU A 1 89  ? -7.927  -2.250  1.364   1.00 20.16 ? 89  LEU A CD2 1 
ATOM   711  N  N   . ALA A 1 90  ? -11.409 -4.978  2.391   1.00 14.67 ? 90  ALA A N   1 
ATOM   712  C  CA  . ALA A 1 90  ? -11.186 -6.345  2.857   1.00 14.84 ? 90  ALA A CA  1 
ATOM   713  C  C   . ALA A 1 90  ? -12.130 -7.297  2.135   1.00 14.82 ? 90  ALA A C   1 
ATOM   714  O  O   . ALA A 1 90  ? -11.708 -8.354  1.672   1.00 15.22 ? 90  ALA A O   1 
ATOM   715  C  CB  . ALA A 1 90  ? -11.384 -6.432  4.369   1.00 15.38 ? 90  ALA A CB  1 
ATOM   716  N  N   . GLN A 1 91  ? -13.396 -6.902  2.000   1.00 15.03 ? 91  GLN A N   1 
ATOM   717  C  CA  . GLN A 1 91  ? -14.398 -7.731  1.322   1.00 15.26 ? 91  GLN A CA  1 
ATOM   718  C  C   . GLN A 1 91  ? -13.976 -8.070  -0.106  1.00 15.02 ? 91  GLN A C   1 
ATOM   719  O  O   . GLN A 1 91  ? -13.907 -9.241  -0.490  1.00 14.31 ? 91  GLN A O   1 
ATOM   720  C  CB  . GLN A 1 91  ? -15.770 -7.028  1.315   1.00 16.52 ? 91  GLN A CB  1 
ATOM   721  C  CG  . GLN A 1 91  ? -16.370 -6.799  2.713   1.00 27.83 ? 91  GLN A CG  1 
ATOM   722  C  CD  . GLN A 1 91  ? -17.719 -6.066  2.697   1.00 31.42 ? 91  GLN A CD  1 
ATOM   723  O  OE1 . GLN A 1 91  ? -18.760 -6.659  2.972   1.00 51.56 ? 91  GLN A OE1 1 
ATOM   724  N  NE2 . GLN A 1 91  ? -17.693 -4.771  2.408   1.00 44.01 ? 91  GLN A NE2 1 
ATOM   725  N  N   . SER A 1 92  ? -13.622 -7.042  -0.879  1.00 14.71 ? 92  SER A N   1 
ATOM   726  C  CA  . SER A 1 92  ? -13.216 -7.271  -2.259  1.00 14.49 ? 92  SER A CA  1 
ATOM   727  C  C   . SER A 1 92  ? -11.898 -8.034  -2.387  1.00 14.01 ? 92  SER A C   1 
ATOM   728  O  O   . SER A 1 92  ? -11.770 -8.918  -3.232  1.00 14.19 ? 92  SER A O   1 
ATOM   729  C  CB  . SER A 1 92  ? -13.147 -5.949  -3.016  1.00 14.89 ? 92  SER A CB  1 
ATOM   730  O  OG  . SER A 1 92  ? -12.223 -5.074  -2.401  1.00 17.32 ? 92  SER A OG  1 
ATOM   731  N  N   . HIS A 1 93  ? -10.920 -7.724  -1.543  1.00 13.76 ? 93  HIS A N   1 
ATOM   732  C  CA  . HIS A 1 93  ? -9.633  -8.418  -1.641  1.00 13.59 ? 93  HIS A CA  1 
ATOM   733  C  C   . HIS A 1 93  ? -9.628  -9.859  -1.138  1.00 13.55 ? 93  HIS A C   1 
ATOM   734  O  O   . HIS A 1 93  ? -8.890  -10.695 -1.650  1.00 13.30 ? 93  HIS A O   1 
ATOM   735  C  CB  . HIS A 1 93  ? -8.521  -7.585  -1.014  1.00 12.14 ? 93  HIS A CB  1 
ATOM   736  C  CG  . HIS A 1 93  ? -8.149  -6.392  -1.837  1.00 14.47 ? 93  HIS A CG  1 
ATOM   737  N  ND1 . HIS A 1 93  ? -9.035  -5.372  -2.109  1.00 13.03 ? 93  HIS A ND1 1 
ATOM   738  C  CD2 . HIS A 1 93  ? -7.005  -6.083  -2.494  1.00 16.04 ? 93  HIS A CD2 1 
ATOM   739  C  CE1 . HIS A 1 93  ? -8.457  -4.490  -2.901  1.00 14.76 ? 93  HIS A CE1 1 
ATOM   740  N  NE2 . HIS A 1 93  ? -7.225  -4.896  -3.153  1.00 10.16 ? 93  HIS A NE2 1 
ATOM   741  N  N   . ALA A 1 94  ? -10.490 -10.166 -0.177  1.00 14.09 ? 94  ALA A N   1 
ATOM   742  C  CA  . ALA A 1 94  ? -10.573 -11.530 0.328   1.00 15.02 ? 94  ALA A CA  1 
ATOM   743  C  C   . ALA A 1 94  ? -11.420 -12.408 -0.593  1.00 15.89 ? 94  ALA A C   1 
ATOM   744  O  O   . ALA A 1 94  ? -10.952 -13.452 -1.063  1.00 15.70 ? 94  ALA A O   1 
ATOM   745  C  CB  . ALA A 1 94  ? -11.154 -11.549 1.727   1.00 14.43 ? 94  ALA A CB  1 
ATOM   746  N  N   . THR A 1 95  ? -12.642 -11.949 -0.884  1.00 16.73 ? 95  THR A N   1 
ATOM   747  C  CA  . THR A 1 95  ? -13.582 -12.719 -1.696  1.00 17.43 ? 95  THR A CA  1 
ATOM   748  C  C   . THR A 1 95  ? -13.529 -12.596 -3.214  1.00 18.08 ? 95  THR A C   1 
ATOM   749  O  O   . THR A 1 95  ? -13.819 -13.568 -3.911  1.00 18.75 ? 95  THR A O   1 
ATOM   750  C  CB  . THR A 1 95  ? -15.033 -12.502 -1.235  1.00 17.82 ? 95  THR A CB  1 
ATOM   751  O  OG1 . THR A 1 95  ? -15.545 -11.269 -1.771  1.00 18.46 ? 95  THR A OG1 1 
ATOM   752  C  CG2 . THR A 1 95  ? -15.098 -12.457 0.282   1.00 17.77 ? 95  THR A CG2 1 
ATOM   753  N  N   . LYS A 1 96  ? -13.204 -11.419 -3.740  1.00 13.79 ? 96  LYS A N   1 
ATOM   754  C  CA  . LYS A 1 96  ? -13.148 -11.272 -5.192  1.00 16.51 ? 96  LYS A CA  1 
ATOM   755  C  C   . LYS A 1 96  ? -11.745 -11.376 -5.782  1.00 15.66 ? 96  LYS A C   1 
ATOM   756  O  O   . LYS A 1 96  ? -11.513 -12.172 -6.682  1.00 18.99 ? 96  LYS A O   1 
ATOM   757  C  CB  . LYS A 1 96  ? -13.841 -9.980  -5.659  1.00 12.73 ? 96  LYS A CB  1 
ATOM   758  C  CG  . LYS A 1 96  ? -13.812 -9.828  -7.183  1.00 38.87 ? 96  LYS A CG  1 
ATOM   759  C  CD  . LYS A 1 96  ? -15.095 -9.247  -7.778  1.00 46.50 ? 96  LYS A CD  1 
ATOM   760  C  CE  . LYS A 1 96  ? -15.085 -7.726  -7.820  1.00 36.97 ? 96  LYS A CE  1 
ATOM   761  N  NZ  . LYS A 1 96  ? -15.191 -7.110  -6.473  1.00 47.20 ? 96  LYS A NZ  1 
ATOM   762  N  N   . HIS A 1 97  ? -10.802 -10.609 -5.251  1.00 17.90 ? 97  HIS A N   1 
ATOM   763  C  CA  . HIS A 1 97  ? -9.425  -10.619 -5.762  1.00 17.86 ? 97  HIS A CA  1 
ATOM   764  C  C   . HIS A 1 97  ? -8.557  -11.760 -5.223  1.00 18.12 ? 97  HIS A C   1 
ATOM   765  O  O   . HIS A 1 97  ? -7.554  -12.133 -5.846  1.00 18.55 ? 97  HIS A O   1 
ATOM   766  C  CB  . HIS A 1 97  ? -8.780  -9.260  -5.485  1.00 16.30 ? 97  HIS A CB  1 
ATOM   767  C  CG  . HIS A 1 97  ? -9.634  -8.105  -5.907  1.00 17.34 ? 97  HIS A CG  1 
ATOM   768  N  ND1 . HIS A 1 97  ? -10.296 -8.039  -7.115  1.00 13.70 ? 97  HIS A ND1 1 
ATOM   769  C  CD2 . HIS A 1 97  ? -9.962  -6.967  -5.244  1.00 12.88 ? 97  HIS A CD2 1 
ATOM   770  C  CE1 . HIS A 1 97  ? -10.989 -6.895  -7.143  1.00 12.02 ? 97  HIS A CE1 1 
ATOM   771  N  NE2 . HIS A 1 97  ? -10.816 -6.209  -6.029  1.00 14.10 ? 97  HIS A NE2 1 
ATOM   772  N  N   . LYS A 1 98  ? -8.959  -12.316 -4.078  1.00 15.45 ? 98  LYS A N   1 
ATOM   773  C  CA  . LYS A 1 98  ? -8.264  -13.432 -3.422  1.00 12.30 ? 98  LYS A CA  1 
ATOM   774  C  C   . LYS A 1 98  ? -6.801  -13.099 -3.128  1.00 13.50 ? 98  LYS A C   1 
ATOM   775  O  O   . LYS A 1 98  ? -5.892  -13.817 -3.537  1.00 14.86 ? 98  LYS A O   1 
ATOM   776  C  CB  . LYS A 1 98  ? -8.350  -14.699 -4.278  1.00 16.36 ? 98  LYS A CB  1 
ATOM   777  C  CG  . LYS A 1 98  ? -9.709  -14.910 -4.913  1.00 46.97 ? 98  LYS A CG  1 
ATOM   778  C  CD  . LYS A 1 98  ? -10.779 -15.221 -3.885  1.00 44.55 ? 98  LYS A CD  1 
ATOM   779  C  CE  . LYS A 1 98  ? -10.967 -16.716 -3.774  1.00 62.26 ? 98  LYS A CE  1 
ATOM   780  N  NZ  . LYS A 1 98  ? -11.224 -17.298 -5.126  1.00 66.40 ? 98  LYS A NZ  1 
ATOM   781  N  N   . ILE A 1 99  ? -6.588  -12.010 -2.402  1.00 14.09 ? 99  ILE A N   1 
ATOM   782  C  CA  . ILE A 1 99  ? -5.238  -11.561 -2.065  1.00 13.91 ? 99  ILE A CA  1 
ATOM   783  C  C   . ILE A 1 99  ? -4.869  -11.990 -0.655  1.00 13.91 ? 99  ILE A C   1 
ATOM   784  O  O   . ILE A 1 99  ? -5.475  -11.527 0.309   1.00 14.07 ? 99  ILE A O   1 
ATOM   785  C  CB  . ILE A 1 99  ? -5.128  -10.006 -2.137  1.00 13.63 ? 99  ILE A CB  1 
ATOM   786  C  CG1 . ILE A 1 99  ? -5.638  -9.494  -3.498  1.00 14.21 ? 99  ILE A CG1 1 
ATOM   787  C  CG2 . ILE A 1 99  ? -3.680  -9.561  -1.869  1.00 12.99 ? 99  ILE A CG2 1 
ATOM   788  C  CD1 . ILE A 1 99  ? -5.030  -10.219 -4.720  1.00 14.27 ? 99  ILE A CD1 1 
ATOM   789  N  N   . PRO A 1 100 ? -3.886  -12.899 -0.514  1.00 13.98 ? 100 PRO A N   1 
ATOM   790  C  CA  . PRO A 1 100 ? -3.524  -13.308 0.851   1.00 13.81 ? 100 PRO A CA  1 
ATOM   791  C  C   . PRO A 1 100 ? -2.887  -12.157 1.647   1.00 13.74 ? 100 PRO A C   1 
ATOM   792  O  O   . PRO A 1 100 ? -2.313  -11.226 1.067   1.00 13.09 ? 100 PRO A O   1 
ATOM   793  C  CB  . PRO A 1 100 ? -2.575  -14.491 0.632   1.00 14.10 ? 100 PRO A CB  1 
ATOM   794  C  CG  . PRO A 1 100 ? -2.081  -14.325 -0.778  1.00 14.68 ? 100 PRO A CG  1 
ATOM   795  C  CD  . PRO A 1 100 ? -3.245  -13.749 -1.532  1.00 14.18 ? 100 PRO A CD  1 
ATOM   796  N  N   . ILE A 1 101 ? -3.053  -12.180 2.971   1.00 13.85 ? 101 ILE A N   1 
ATOM   797  C  CA  . ILE A 1 101 ? -2.492  -11.129 3.824   1.00 14.19 ? 101 ILE A CA  1 
ATOM   798  C  C   . ILE A 1 101 ? -0.997  -10.930 3.584   1.00 14.13 ? 101 ILE A C   1 
ATOM   799  O  O   . ILE A 1 101 ? -0.501  -9.807  3.648   1.00 14.25 ? 101 ILE A O   1 
ATOM   800  C  CB  . ILE A 1 101 ? -2.737  -11.406 5.328   1.00 14.56 ? 101 ILE A CB  1 
ATOM   801  C  CG1 . ILE A 1 101 ? -4.238  -11.450 5.617   1.00 14.89 ? 101 ILE A CG1 1 
ATOM   802  C  CG2 . ILE A 1 101 ? -2.130  -10.308 6.174   1.00 14.96 ? 101 ILE A CG2 1 
ATOM   803  C  CD1 . ILE A 1 101 ? -4.952  -10.176 5.270   1.00 15.85 ? 101 ILE A CD1 1 
ATOM   804  N  N   . LYS A 1 102 ? -0.287  -12.017 3.286   1.00 11.51 ? 102 LYS A N   1 
ATOM   805  C  CA  . LYS A 1 102 ? 1.146   -11.951 3.027   1.00 11.18 ? 102 LYS A CA  1 
ATOM   806  C  C   . LYS A 1 102 ? 1.488   -10.946 1.915   1.00 10.12 ? 102 LYS A C   1 
ATOM   807  O  O   . LYS A 1 102 ? 2.525   -10.276 1.975   1.00 8.19  ? 102 LYS A O   1 
ATOM   808  C  CB  . LYS A 1 102 ? 1.679   -13.339 2.660   1.00 10.64 ? 102 LYS A CB  1 
ATOM   809  C  CG  . LYS A 1 102 ? 3.197   -13.439 2.637   1.00 14.59 ? 102 LYS A CG  1 
ATOM   810  C  CD  . LYS A 1 102 ? 3.749   -13.389 4.058   1.00 18.48 ? 102 LYS A CD  1 
ATOM   811  C  CE  . LYS A 1 102 ? 5.263   -13.443 4.076   1.00 20.62 ? 102 LYS A CE  1 
ATOM   812  N  NZ  . LYS A 1 102 ? 5.780   -13.324 5.468   1.00 17.61 ? 102 LYS A NZ  1 
ATOM   813  N  N   . TYR A 1 103 ? 0.621   -10.842 0.904   1.00 10.01 ? 103 TYR A N   1 
ATOM   814  C  CA  . TYR A 1 103 ? 0.860   -9.898  -0.190  1.00 9.75  ? 103 TYR A CA  1 
ATOM   815  C  C   . TYR A 1 103 ? 0.709   -8.466  0.313   1.00 10.16 ? 103 TYR A C   1 
ATOM   816  O  O   . TYR A 1 103 ? 1.321   -7.550  -0.227  1.00 9.20  ? 103 TYR A O   1 
ATOM   817  C  CB  . TYR A 1 103 ? -0.109  -10.129 -1.359  1.00 10.57 ? 103 TYR A CB  1 
ATOM   818  C  CG  . TYR A 1 103 ? 0.106   -11.409 -2.152  1.00 11.05 ? 103 TYR A CG  1 
ATOM   819  C  CD1 . TYR A 1 103 ? 0.950   -12.409 -1.694  1.00 12.11 ? 103 TYR A CD1 1 
ATOM   820  C  CD2 . TYR A 1 103 ? -0.533  -11.601 -3.376  1.00 11.33 ? 103 TYR A CD2 1 
ATOM   821  C  CE1 . TYR A 1 103 ? 1.155   -13.569 -2.434  1.00 12.93 ? 103 TYR A CE1 1 
ATOM   822  C  CE2 . TYR A 1 103 ? -0.337  -12.742 -4.115  1.00 11.98 ? 103 TYR A CE2 1 
ATOM   823  C  CZ  . TYR A 1 103 ? 0.508   -13.724 -3.643  1.00 12.52 ? 103 TYR A CZ  1 
ATOM   824  O  OH  . TYR A 1 103 ? 0.717   -14.865 -4.389  1.00 13.92 ? 103 TYR A OH  1 
ATOM   825  N  N   . LEU A 1 104 ? -0.153  -8.261  1.308   1.00 10.38 ? 104 LEU A N   1 
ATOM   826  C  CA  . LEU A 1 104 ? -0.340  -6.925  1.870   1.00 10.54 ? 104 LEU A CA  1 
ATOM   827  C  C   . LEU A 1 104 ? 0.932   -6.570  2.628   1.00 10.74 ? 104 LEU A C   1 
ATOM   828  O  O   . LEU A 1 104 ? 1.325   -5.400  2.669   1.00 10.57 ? 104 LEU A O   1 
ATOM   829  C  CB  . LEU A 1 104 ? -1.559  -6.867  2.787   1.00 11.50 ? 104 LEU A CB  1 
ATOM   830  C  CG  . LEU A 1 104 ? -2.890  -7.164  2.089   1.00 12.96 ? 104 LEU A CG  1 
ATOM   831  C  CD1 . LEU A 1 104 ? -4.032  -7.070  3.110   1.00 14.72 ? 104 LEU A CD1 1 
ATOM   832  C  CD2 . LEU A 1 104 ? -3.114  -6.192  0.932   1.00 13.78 ? 104 LEU A CD2 1 
ATOM   833  N  N   . GLU A 1 105 ? 1.595   -7.584  3.192   1.00 7.40  ? 105 GLU A N   1 
ATOM   834  C  CA  . GLU A 1 105 ? 2.862   -7.351  3.868   1.00 8.31  ? 105 GLU A CA  1 
ATOM   835  C  C   . GLU A 1 105 ? 3.906   -6.931  2.808   1.00 8.13  ? 105 GLU A C   1 
ATOM   836  O  O   . GLU A 1 105 ? 4.677   -5.984  3.012   1.00 8.32  ? 105 GLU A O   1 
ATOM   837  C  CB  . GLU A 1 105 ? 3.339   -8.610  4.608   1.00 9.27  ? 105 GLU A CB  1 
ATOM   838  C  CG  . GLU A 1 105 ? 4.587   -8.357  5.442   1.00 9.33  ? 105 GLU A CG  1 
ATOM   839  C  CD  . GLU A 1 105 ? 5.141   -9.616  6.105   1.00 18.24 ? 105 GLU A CD  1 
ATOM   840  O  OE1 . GLU A 1 105 ? 4.528   -10.702 5.991   1.00 20.55 ? 105 GLU A OE1 1 
ATOM   841  O  OE2 . GLU A 1 105 ? 6.204   -9.510  6.744   1.00 23.85 ? 105 GLU A OE2 1 
ATOM   842  N  N   . PHE A 1 106 ? 3.879   -7.590  1.650   1.00 7.90  ? 106 PHE A N   1 
ATOM   843  C  CA  . PHE A 1 106 ? 4.816   -7.269  0.568   1.00 7.53  ? 106 PHE A CA  1 
ATOM   844  C  C   . PHE A 1 106 ? 4.646   -5.825  0.088   1.00 7.10  ? 106 PHE A C   1 
ATOM   845  O  O   . PHE A 1 106 ? 5.630   -5.104  -0.066  1.00 6.70  ? 106 PHE A O   1 
ATOM   846  C  CB  . PHE A 1 106 ? 4.643   -8.219  -0.641  1.00 8.06  ? 106 PHE A CB  1 
ATOM   847  C  CG  . PHE A 1 106 ? 4.992   -9.664  -0.357  1.00 9.15  ? 106 PHE A CG  1 
ATOM   848  C  CD1 . PHE A 1 106 ? 5.897   -10.002 0.657   1.00 9.25  ? 106 PHE A CD1 1 
ATOM   849  C  CD2 . PHE A 1 106 ? 4.422   -10.684 -1.119  1.00 9.59  ? 106 PHE A CD2 1 
ATOM   850  C  CE1 . PHE A 1 106 ? 6.225   -11.346 0.901   1.00 10.63 ? 106 PHE A CE1 1 
ATOM   851  C  CE2 . PHE A 1 106 ? 4.745   -12.028 -0.879  1.00 9.74  ? 106 PHE A CE2 1 
ATOM   852  C  CZ  . PHE A 1 106 ? 5.649   -12.349 0.134   1.00 9.45  ? 106 PHE A CZ  1 
ATOM   853  N  N   . ILE A 1 107 ? 3.407   -5.401  -0.155  1.00 7.05  ? 107 ILE A N   1 
ATOM   854  C  CA  . ILE A 1 107 ? 3.200   -4.039  -0.636  1.00 7.13  ? 107 ILE A CA  1 
ATOM   855  C  C   . ILE A 1 107 ? 3.582   -3.005  0.432   1.00 7.72  ? 107 ILE A C   1 
ATOM   856  O  O   . ILE A 1 107 ? 4.090   -1.928  0.108   1.00 7.24  ? 107 ILE A O   1 
ATOM   857  C  CB  . ILE A 1 107 ? 1.768   -3.798  -1.204  1.00 7.84  ? 107 ILE A CB  1 
ATOM   858  C  CG1 . ILE A 1 107 ? 1.798   -2.538  -2.110  1.00 8.88  ? 107 ILE A CG1 1 
ATOM   859  C  CG2 . ILE A 1 107 ? 0.741   -3.644  -0.071  1.00 7.26  ? 107 ILE A CG2 1 
ATOM   860  C  CD1 . ILE A 1 107 ? 0.495   -2.263  -2.881  1.00 9.44  ? 107 ILE A CD1 1 
ATOM   861  N  N   . SER A 1 108 ? 3.430   -3.365  1.707   1.00 7.23  ? 108 SER A N   1 
ATOM   862  C  CA  . SER A 1 108 ? 3.814   -2.449  2.771   1.00 7.37  ? 108 SER A CA  1 
ATOM   863  C  C   . SER A 1 108 ? 5.331   -2.214  2.723   1.00 7.02  ? 108 SER A C   1 
ATOM   864  O  O   . SER A 1 108 ? 5.801   -1.087  2.894   1.00 7.12  ? 108 SER A O   1 
ATOM   865  C  CB  . SER A 1 108 ? 3.386   -3.006  4.117   1.00 7.66  ? 108 SER A CB  1 
ATOM   866  O  OG  . SER A 1 108 ? 1.975   -3.109  4.149   1.00 8.22  ? 108 SER A OG  1 
ATOM   867  N  N   . GLU A 1 109 ? 6.091   -3.273  2.447   1.00 5.14  ? 109 GLU A N   1 
ATOM   868  C  CA  . GLU A 1 109 ? 7.547   -3.156  2.357   1.00 7.91  ? 109 GLU A CA  1 
ATOM   869  C  C   . GLU A 1 109 ? 7.930   -2.272  1.171   1.00 7.59  ? 109 GLU A C   1 
ATOM   870  O  O   . GLU A 1 109 ? 8.860   -1.471  1.261   1.00 8.32  ? 109 GLU A O   1 
ATOM   871  C  CB  . GLU A 1 109 ? 8.198   -4.537  2.230   1.00 12.23 ? 109 GLU A CB  1 
ATOM   872  C  CG  . GLU A 1 109 ? 7.980   -5.448  3.451   1.00 19.08 ? 109 GLU A CG  1 
ATOM   873  C  CD  . GLU A 1 109 ? 8.633   -4.912  4.723   1.00 44.86 ? 109 GLU A CD  1 
ATOM   874  O  OE1 . GLU A 1 109 ? 9.841   -5.162  4.925   1.00 62.29 ? 109 GLU A OE1 1 
ATOM   875  O  OE2 . GLU A 1 109 ? 7.944   -4.241  5.527   1.00 45.95 ? 109 GLU A OE2 1 
ATOM   876  N  N   . ALA A 1 110 ? 7.188   -2.389  0.072   1.00 8.65  ? 110 ALA A N   1 
ATOM   877  C  CA  . ALA A 1 110 ? 7.460   -1.585  -1.120  1.00 8.55  ? 110 ALA A CA  1 
ATOM   878  C  C   . ALA A 1 110 ? 7.197   -0.117  -0.833  1.00 8.62  ? 110 ALA A C   1 
ATOM   879  O  O   . ALA A 1 110 ? 7.960   0.757   -1.255  1.00 8.90  ? 110 ALA A O   1 
ATOM   880  C  CB  . ALA A 1 110 ? 6.599   -2.059  -2.301  1.00 8.23  ? 110 ALA A CB  1 
ATOM   881  N  N   . ILE A 1 111 ? 6.109   0.159   -0.120  1.00 7.98  ? 111 ILE A N   1 
ATOM   882  C  CA  . ILE A 1 111 ? 5.753   1.529   0.212   1.00 7.95  ? 111 ILE A CA  1 
ATOM   883  C  C   . ILE A 1 111 ? 6.839   2.157   1.069   1.00 8.58  ? 111 ILE A C   1 
ATOM   884  O  O   . ILE A 1 111 ? 7.259   3.292   0.827   1.00 9.08  ? 111 ILE A O   1 
ATOM   885  C  CB  . ILE A 1 111 ? 4.394   1.580   0.959   1.00 7.66  ? 111 ILE A CB  1 
ATOM   886  C  CG1 . ILE A 1 111 ? 3.282   1.084   0.033   1.00 7.58  ? 111 ILE A CG1 1 
ATOM   887  C  CG2 . ILE A 1 111 ? 4.114   3.001   1.485   1.00 7.27  ? 111 ILE A CG2 1 
ATOM   888  C  CD1 . ILE A 1 111 ? 1.922   1.015   0.666   1.00 7.37  ? 111 ILE A CD1 1 
ATOM   889  N  N   . ILE A 1 112 ? 7.328   1.408   2.048   1.00 8.79  ? 112 ILE A N   1 
ATOM   890  C  CA  . ILE A 1 112 ? 8.363   1.928   2.935   1.00 10.14 ? 112 ILE A CA  1 
ATOM   891  C  C   . ILE A 1 112 ? 9.666   2.195   2.187   1.00 10.00 ? 112 ILE A C   1 
ATOM   892  O  O   . ILE A 1 112 ? 10.306  3.226   2.384   1.00 10.79 ? 112 ILE A O   1 
ATOM   893  C  CB  . ILE A 1 112 ? 8.573   1.001   4.144   1.00 10.68 ? 112 ILE A CB  1 
ATOM   894  C  CG1 . ILE A 1 112 ? 7.375   1.148   5.091   1.00 11.80 ? 112 ILE A CG1 1 
ATOM   895  C  CG2 . ILE A 1 112 ? 9.871   1.365   4.882   1.00 11.79 ? 112 ILE A CG2 1 
ATOM   896  C  CD1 . ILE A 1 112 ? 7.249   0.063   6.131   1.00 13.67 ? 112 ILE A CD1 1 
ATOM   897  N  N   . HIS A 1 113 ? 10.014  1.299   1.277   1.00 9.75  ? 113 HIS A N   1 
ATOM   898  C  CA  . HIS A 1 113 ? 11.225  1.473   0.505   1.00 10.73 ? 113 HIS A CA  1 
ATOM   899  C  C   . HIS A 1 113 ? 11.164  2.740   -0.362  1.00 10.87 ? 113 HIS A C   1 
ATOM   900  O  O   . HIS A 1 113 ? 12.119  3.530   -0.408  1.00 10.91 ? 113 HIS A O   1 
ATOM   901  C  CB  . HIS A 1 113 ? 11.446  0.272   -0.402  1.00 12.04 ? 113 HIS A CB  1 
ATOM   902  C  CG  . HIS A 1 113 ? 12.751  0.318   -1.127  1.00 20.32 ? 113 HIS A CG  1 
ATOM   903  N  ND1 . HIS A 1 113 ? 13.934  -0.159  -0.610  1.00 26.93 ? 113 HIS A ND1 1 
ATOM   904  C  CD2 . HIS A 1 113 ? 13.062  0.843   -2.338  1.00 25.24 ? 113 HIS A CD2 1 
ATOM   905  C  CE1 . HIS A 1 113 ? 14.903  0.088   -1.504  1.00 32.52 ? 113 HIS A CE1 1 
ATOM   906  N  NE2 . HIS A 1 113 ? 14.422  0.693   -2.573  1.00 28.55 ? 113 HIS A NE2 1 
ATOM   907  N  N   . VAL A 1 114 ? 10.038  2.930   -1.045  1.00 10.78 ? 114 VAL A N   1 
ATOM   908  C  CA  . VAL A 1 114 ? 9.879   4.085   -1.929  1.00 10.98 ? 114 VAL A CA  1 
ATOM   909  C  C   . VAL A 1 114 ? 9.856   5.406   -1.171  1.00 11.89 ? 114 VAL A C   1 
ATOM   910  O  O   . VAL A 1 114 ? 10.451  6.399   -1.624  1.00 11.35 ? 114 VAL A O   1 
ATOM   911  C  CB  . VAL A 1 114 ? 8.641   3.920   -2.858  1.00 11.05 ? 114 VAL A CB  1 
ATOM   912  C  CG1 . VAL A 1 114 ? 8.352   5.223   -3.649  1.00 10.39 ? 114 VAL A CG1 1 
ATOM   913  C  CG2 . VAL A 1 114 ? 8.897   2.756   -3.834  1.00 10.07 ? 114 VAL A CG2 1 
ATOM   914  N  N   . LEU A 1 115 ? 9.228   5.426   0.003   1.00 12.31 ? 115 LEU A N   1 
ATOM   915  C  CA  . LEU A 1 115 ? 9.194   6.665   0.778   1.00 13.29 ? 115 LEU A CA  1 
ATOM   916  C  C   . LEU A 1 115 ? 10.595  7.040   1.249   1.00 13.96 ? 115 LEU A C   1 
ATOM   917  O  O   . LEU A 1 115 ? 10.928  8.220   1.334   1.00 13.99 ? 115 LEU A O   1 
ATOM   918  C  CB  . LEU A 1 115 ? 8.268   6.553   1.983   1.00 13.57 ? 115 LEU A CB  1 
ATOM   919  C  CG  . LEU A 1 115 ? 6.791   6.316   1.709   1.00 14.66 ? 115 LEU A CG  1 
ATOM   920  C  CD1 . LEU A 1 115 ? 5.999   6.488   2.985   1.00 13.89 ? 115 LEU A CD1 1 
ATOM   921  C  CD2 . LEU A 1 115 ? 6.307   7.251   0.642   1.00 14.50 ? 115 LEU A CD2 1 
ATOM   922  N  N   . HIS A 1 116 ? 11.415  6.032   1.533   1.00 14.53 ? 116 HIS A N   1 
ATOM   923  C  CA  . HIS A 1 116 ? 12.773  6.276   1.993   1.00 15.82 ? 116 HIS A CA  1 
ATOM   924  C  C   . HIS A 1 116 ? 13.648  6.840   0.878   1.00 16.30 ? 116 HIS A C   1 
ATOM   925  O  O   . HIS A 1 116 ? 14.431  7.756   1.110   1.00 16.58 ? 116 HIS A O   1 
ATOM   926  C  CB  . HIS A 1 116 ? 13.408  4.998   2.546   1.00 17.27 ? 116 HIS A CB  1 
ATOM   927  C  CG  . HIS A 1 116 ? 14.764  5.212   3.143   1.00 22.82 ? 116 HIS A CG  1 
ATOM   928  N  ND1 . HIS A 1 116 ? 15.007  5.994   4.252   1.00 30.81 ? 116 HIS A ND1 1 
ATOM   929  C  CD2 . HIS A 1 116 ? 15.981  4.776   2.731   1.00 27.83 ? 116 HIS A CD2 1 
ATOM   930  C  CE1 . HIS A 1 116 ? 16.327  6.018   4.475   1.00 29.99 ? 116 HIS A CE1 1 
ATOM   931  N  NE2 . HIS A 1 116 ? 16.969  5.292   3.580   1.00 36.34 ? 116 HIS A NE2 1 
ATOM   932  N  N   . SER A 1 117 ? 13.489  6.323   -0.338  1.00 16.88 ? 117 SER A N   1 
ATOM   933  C  CA  . SER A 1 117 ? 14.306  6.806   -1.444  1.00 17.27 ? 117 SER A CA  1 
ATOM   934  C  C   . SER A 1 117 ? 13.901  8.179   -1.979  1.00 16.83 ? 117 SER A C   1 
ATOM   935  O  O   . SER A 1 117 ? 14.745  8.925   -2.471  1.00 17.29 ? 117 SER A O   1 
ATOM   936  C  CB  . SER A 1 117 ? 14.371  5.773   -2.566  1.00 18.06 ? 117 SER A CB  1 
ATOM   937  O  OG  . SER A 1 117 ? 13.124  5.637   -3.201  1.00 22.54 ? 117 SER A OG  1 
ATOM   938  N  N   . ARG A 1 118 ? 12.635  8.552   -1.816  1.00 15.86 ? 118 ARG A N   1 
ATOM   939  C  CA  . ARG A 1 118 ? 12.168  9.843   -2.309  1.00 15.43 ? 118 ARG A CA  1 
ATOM   940  C  C   . ARG A 1 118 ? 12.101  10.955  -1.275  1.00 15.30 ? 118 ARG A C   1 
ATOM   941  O  O   . ARG A 1 118 ? 12.055  12.133  -1.633  1.00 14.82 ? 118 ARG A O   1 
ATOM   942  C  CB  . ARG A 1 118 ? 10.768  9.708   -2.920  1.00 15.39 ? 118 ARG A CB  1 
ATOM   943  C  CG  . ARG A 1 118 ? 10.693  8.996   -4.245  1.00 18.22 ? 118 ARG A CG  1 
ATOM   944  C  CD  . ARG A 1 118 ? 9.332   9.254   -4.837  1.00 20.46 ? 118 ARG A CD  1 
ATOM   945  N  NE  . ARG A 1 118 ? 9.160   8.710   -6.181  1.00 34.81 ? 118 ARG A NE  1 
ATOM   946  C  CZ  . ARG A 1 118 ? 8.648   9.394   -7.199  1.00 16.95 ? 118 ARG A CZ  1 
ATOM   947  N  NH1 . ARG A 1 118 ? 8.267   10.657  -7.034  1.00 16.61 ? 118 ARG A NH1 1 
ATOM   948  N  NH2 . ARG A 1 118 ? 8.493   8.811   -8.377  1.00 27.28 ? 118 ARG A NH2 1 
ATOM   949  N  N   . HIS A 1 119 ? 12.054  10.594  0.004   1.00 15.29 ? 119 HIS A N   1 
ATOM   950  C  CA  . HIS A 1 119 ? 11.919  11.597  1.051   1.00 15.64 ? 119 HIS A CA  1 
ATOM   951  C  C   . HIS A 1 119 ? 12.813  11.327  2.255   1.00 16.47 ? 119 HIS A C   1 
ATOM   952  O  O   . HIS A 1 119 ? 12.324  11.294  3.391   1.00 16.40 ? 119 HIS A O   1 
ATOM   953  C  CB  . HIS A 1 119 ? 10.456  11.666  1.522   1.00 13.92 ? 119 HIS A CB  1 
ATOM   954  C  CG  . HIS A 1 119 ? 9.460   11.707  0.404   1.00 15.55 ? 119 HIS A CG  1 
ATOM   955  N  ND1 . HIS A 1 119 ? 9.243   12.805  -0.398  1.00 14.41 ? 119 HIS A ND1 1 
ATOM   956  C  CD2 . HIS A 1 119 ? 8.650   10.733  -0.081  1.00 17.48 ? 119 HIS A CD2 1 
ATOM   957  C  CE1 . HIS A 1 119 ? 8.337   12.468  -1.329  1.00 17.11 ? 119 HIS A CE1 1 
ATOM   958  N  NE2 . HIS A 1 119 ? 7.948   11.219  -1.175  1.00 19.68 ? 119 HIS A NE2 1 
ATOM   959  N  N   . PRO A 1 120 ? 14.141  11.244  2.036   1.00 17.32 ? 120 PRO A N   1 
ATOM   960  C  CA  . PRO A 1 120 ? 15.122  10.983  3.104   1.00 17.70 ? 120 PRO A CA  1 
ATOM   961  C  C   . PRO A 1 120 ? 14.963  11.906  4.309   1.00 17.85 ? 120 PRO A C   1 
ATOM   962  O  O   . PRO A 1 120 ? 14.826  11.450  5.447   1.00 18.09 ? 120 PRO A O   1 
ATOM   963  C  CB  . PRO A 1 120 ? 16.465  11.256  2.422   1.00 17.82 ? 120 PRO A CB  1 
ATOM   964  C  CG  . PRO A 1 120 ? 16.186  11.071  0.966   1.00 18.66 ? 120 PRO A CG  1 
ATOM   965  C  CD  . PRO A 1 120 ? 14.822  11.646  0.789   1.00 17.54 ? 120 PRO A CD  1 
ATOM   966  N  N   . GLY A 1 121 ? 14.935  13.207  4.038   1.00 18.06 ? 121 GLY A N   1 
ATOM   967  C  CA  . GLY A 1 121 ? 14.831  14.205  5.085   1.00 18.18 ? 121 GLY A CA  1 
ATOM   968  C  C   . GLY A 1 121 ? 13.597  14.142  5.953   1.00 18.92 ? 121 GLY A C   1 
ATOM   969  O  O   . GLY A 1 121 ? 13.624  14.600  7.102   1.00 19.40 ? 121 GLY A O   1 
ATOM   970  N  N   . ASP A 1 122 ? 12.500  13.629  5.409   1.00 15.53 ? 122 ASP A N   1 
ATOM   971  C  CA  . ASP A 1 122 ? 11.275  13.526  6.184   1.00 15.87 ? 122 ASP A CA  1 
ATOM   972  C  C   . ASP A 1 122 ? 10.961  12.077  6.533   1.00 14.92 ? 122 ASP A C   1 
ATOM   973  O  O   . ASP A 1 122 ? 9.896   11.791  7.076   1.00 17.63 ? 122 ASP A O   1 
ATOM   974  C  CB  . ASP A 1 122 ? 10.096  14.152  5.429   1.00 19.42 ? 122 ASP A CB  1 
ATOM   975  C  CG  . ASP A 1 122 ? 10.182  15.665  5.366   1.00 24.92 ? 122 ASP A CG  1 
ATOM   976  O  OD1 . ASP A 1 122 ? 10.065  16.316  6.420   1.00 23.64 ? 122 ASP A OD1 1 
ATOM   977  O  OD2 . ASP A 1 122 ? 10.374  16.211  4.262   1.00 37.26 ? 122 ASP A OD2 1 
ATOM   978  N  N   . PHE A 1 123 ? 11.900  11.175  6.258   1.00 11.58 ? 123 PHE A N   1 
ATOM   979  C  CA  . PHE A 1 123 ? 11.673  9.765   6.523   1.00 11.25 ? 123 PHE A CA  1 
ATOM   980  C  C   . PHE A 1 123 ? 12.850  9.083   7.227   1.00 11.59 ? 123 PHE A C   1 
ATOM   981  O  O   . PHE A 1 123 ? 13.442  8.126   6.717   1.00 12.13 ? 123 PHE A O   1 
ATOM   982  C  CB  . PHE A 1 123 ? 11.304  9.044   5.218   1.00 11.15 ? 123 PHE A CB  1 
ATOM   983  C  CG  . PHE A 1 123 ? 10.466  7.808   5.420   1.00 10.21 ? 123 PHE A CG  1 
ATOM   984  C  CD1 . PHE A 1 123 ? 9.180   7.903   5.955   1.00 9.58  ? 123 PHE A CD1 1 
ATOM   985  C  CD2 . PHE A 1 123 ? 10.962  6.550   5.075   1.00 10.60 ? 123 PHE A CD2 1 
ATOM   986  C  CE1 . PHE A 1 123 ? 8.397   6.751   6.145   1.00 10.40 ? 123 PHE A CE1 1 
ATOM   987  C  CE2 . PHE A 1 123 ? 10.180  5.386   5.263   1.00 10.21 ? 123 PHE A CE2 1 
ATOM   988  C  CZ  . PHE A 1 123 ? 8.908   5.487   5.793   1.00 9.36  ? 123 PHE A CZ  1 
ATOM   989  N  N   . GLY A 1 124 ? 13.210  9.620   8.385   1.00 12.12 ? 124 GLY A N   1 
ATOM   990  C  CA  . GLY A 1 124 ? 14.272  9.037   9.183   1.00 11.95 ? 124 GLY A CA  1 
ATOM   991  C  C   . GLY A 1 124 ? 13.697  7.828   9.918   1.00 12.39 ? 124 GLY A C   1 
ATOM   992  O  O   . GLY A 1 124 ? 12.514  7.510   9.769   1.00 11.80 ? 124 GLY A O   1 
ATOM   993  N  N   . ALA A 1 125 ? 14.519  7.191   10.744  1.00 12.36 ? 125 ALA A N   1 
ATOM   994  C  CA  . ALA A 1 125 ? 14.131  6.007   11.512  1.00 12.24 ? 125 ALA A CA  1 
ATOM   995  C  C   . ALA A 1 125 ? 12.825  6.164   12.297  1.00 12.19 ? 125 ALA A C   1 
ATOM   996  O  O   . ALA A 1 125 ? 11.996  5.259   12.309  1.00 12.86 ? 125 ALA A O   1 
ATOM   997  C  CB  . ALA A 1 125 ? 15.269  5.608   12.455  1.00 12.41 ? 125 ALA A CB  1 
ATOM   998  N  N   . ASP A 1 126 ? 12.636  7.314   12.932  1.00 9.65  ? 126 ASP A N   1 
ATOM   999  C  CA  . ASP A 1 126 ? 11.430  7.567   13.703  1.00 12.84 ? 126 ASP A CA  1 
ATOM   1000 C  C   . ASP A 1 126 ? 10.178  7.541   12.818  1.00 13.49 ? 126 ASP A C   1 
ATOM   1001 O  O   . ASP A 1 126 ? 9.182   6.917   13.175  1.00 9.43  ? 126 ASP A O   1 
ATOM   1002 C  CB  . ASP A 1 126 ? 11.550  8.885   14.500  1.00 14.29 ? 126 ASP A CB  1 
ATOM   1003 C  CG  . ASP A 1 126 ? 11.854  10.110  13.625  1.00 19.30 ? 126 ASP A CG  1 
ATOM   1004 O  OD1 . ASP A 1 126 ? 12.377  9.979   12.494  1.00 15.70 ? 126 ASP A OD1 1 
ATOM   1005 O  OD2 . ASP A 1 126 ? 11.585  11.231  14.102  1.00 23.49 ? 126 ASP A OD2 1 
ATOM   1006 N  N   . ALA A 1 127 ? 10.264  8.163   11.638  1.00 11.33 ? 127 ALA A N   1 
ATOM   1007 C  CA  . ALA A 1 127 ? 9.152   8.192   10.685  1.00 10.77 ? 127 ALA A CA  1 
ATOM   1008 C  C   . ALA A 1 127 ? 8.943   6.803   10.077  1.00 10.41 ? 127 ALA A C   1 
ATOM   1009 O  O   . ALA A 1 127 ? 7.811   6.397   9.813   1.00 10.29 ? 127 ALA A O   1 
ATOM   1010 C  CB  . ALA A 1 127 ? 9.422   9.216   9.582   1.00 11.34 ? 127 ALA A CB  1 
ATOM   1011 N  N   . GLN A 1 128 ? 10.037  6.089   9.836   1.00 9.59  ? 128 GLN A N   1 
ATOM   1012 C  CA  . GLN A 1 128 ? 9.968   4.741   9.282   1.00 9.40  ? 128 GLN A CA  1 
ATOM   1013 C  C   . GLN A 1 128 ? 9.251   3.832   10.284  1.00 9.19  ? 128 GLN A C   1 
ATOM   1014 O  O   . GLN A 1 128 ? 8.383   3.043   9.901   1.00 9.48  ? 128 GLN A O   1 
ATOM   1015 C  CB  . GLN A 1 128 ? 11.376  4.217   8.984   1.00 9.98  ? 128 GLN A CB  1 
ATOM   1016 C  CG  . GLN A 1 128 ? 11.416  2.785   8.443   1.00 17.52 ? 128 GLN A CG  1 
ATOM   1017 C  CD  . GLN A 1 128 ? 12.833  2.285   8.190   1.00 31.61 ? 128 GLN A CD  1 
ATOM   1018 O  OE1 . GLN A 1 128 ? 13.028  1.142   7.768   1.00 33.41 ? 128 GLN A OE1 1 
ATOM   1019 N  NE2 . GLN A 1 128 ? 13.829  3.135   8.448   1.00 26.23 ? 128 GLN A NE2 1 
ATOM   1020 N  N   . GLY A 1 129 ? 9.564   4.011   11.566  1.00 8.67  ? 129 GLY A N   1 
ATOM   1021 C  CA  . GLY A 1 129 ? 8.935   3.214   12.610  1.00 8.77  ? 129 GLY A CA  1 
ATOM   1022 C  C   . GLY A 1 129 ? 7.438   3.483   12.694  1.00 8.58  ? 129 GLY A C   1 
ATOM   1023 O  O   . GLY A 1 129 ? 6.639   2.550   12.771  1.00 7.78  ? 129 GLY A O   1 
ATOM   1024 N  N   . ALA A 1 130 ? 7.064   4.761   12.618  1.00 8.50  ? 130 ALA A N   1 
ATOM   1025 C  CA  . ALA A 1 130 ? 5.669   5.171   12.682  1.00 8.17  ? 130 ALA A CA  1 
ATOM   1026 C  C   . ALA A 1 130 ? 4.894   4.639   11.488  1.00 8.43  ? 130 ALA A C   1 
ATOM   1027 O  O   . ALA A 1 130 ? 3.790   4.132   11.649  1.00 8.24  ? 130 ALA A O   1 
ATOM   1028 C  CB  . ALA A 1 130 ? 5.567   6.688   12.731  1.00 8.31  ? 130 ALA A CB  1 
ATOM   1029 N  N   . MET A 1 131 ? 5.477   4.750   10.293  1.00 8.76  ? 131 MET A N   1 
ATOM   1030 C  CA  . MET A 1 131 ? 4.827   4.268   9.077   1.00 9.11  ? 131 MET A CA  1 
ATOM   1031 C  C   . MET A 1 131 ? 4.616   2.754   9.146   1.00 8.66  ? 131 MET A C   1 
ATOM   1032 O  O   . MET A 1 131 ? 3.535   2.248   8.825   1.00 7.88  ? 131 MET A O   1 
ATOM   1033 C  CB  . MET A 1 131 ? 5.637   4.632   7.838   1.00 9.84  ? 131 MET A CB  1 
ATOM   1034 C  CG  . MET A 1 131 ? 4.941   4.223   6.532   1.00 11.72 ? 131 MET A CG  1 
ATOM   1035 S  SD  . MET A 1 131 ? 3.317   5.035   6.275   1.00 15.51 ? 131 MET A SD  1 
ATOM   1036 C  CE  . MET A 1 131 ? 3.893   6.585   5.801   1.00 13.54 ? 131 MET A CE  1 
ATOM   1037 N  N   . ASN A 1 132 ? 5.627   2.042   9.619   1.00 8.23  ? 132 ASN A N   1 
ATOM   1038 C  CA  . ASN A 1 132 ? 5.504   0.592   9.741   1.00 8.69  ? 132 ASN A CA  1 
ATOM   1039 C  C   . ASN A 1 132 ? 4.342   0.242   10.659  1.00 8.91  ? 132 ASN A C   1 
ATOM   1040 O  O   . ASN A 1 132 ? 3.567   -0.668  10.356  1.00 9.48  ? 132 ASN A O   1 
ATOM   1041 C  CB  . ASN A 1 132 ? 6.790   -0.033  10.266  1.00 9.72  ? 132 ASN A CB  1 
ATOM   1042 C  CG  . ASN A 1 132 ? 6.678   -1.536  10.376  1.00 16.81 ? 132 ASN A CG  1 
ATOM   1043 O  OD1 . ASN A 1 132 ? 6.494   -2.230  9.371   1.00 22.39 ? 132 ASN A OD1 1 
ATOM   1044 N  ND2 . ASN A 1 132 ? 6.724   -2.046  11.602  1.00 21.86 ? 132 ASN A ND2 1 
ATOM   1045 N  N   . LYS A 1 133 ? 4.239   0.950   11.788  1.00 7.56  ? 133 LYS A N   1 
ATOM   1046 C  CA  . LYS A 1 133 ? 3.145   0.731   12.737  1.00 6.21  ? 133 LYS A CA  1 
ATOM   1047 C  C   . LYS A 1 133 ? 1.782   1.003   12.100  1.00 8.97  ? 133 LYS A C   1 
ATOM   1048 O  O   . LYS A 1 133 ? 0.812   0.293   12.386  1.00 8.33  ? 133 LYS A O   1 
ATOM   1049 C  CB  . LYS A 1 133 ? 3.268   1.632   13.967  1.00 9.08  ? 133 LYS A CB  1 
ATOM   1050 C  CG  . LYS A 1 133 ? 4.260   1.195   15.016  1.00 13.73 ? 133 LYS A CG  1 
ATOM   1051 C  CD  . LYS A 1 133 ? 4.066   2.049   16.269  1.00 26.12 ? 133 LYS A CD  1 
ATOM   1052 C  CE  . LYS A 1 133 ? 4.990   1.619   17.400  1.00 58.91 ? 133 LYS A CE  1 
ATOM   1053 N  NZ  . LYS A 1 133 ? 4.645   2.286   18.695  1.00 53.03 ? 133 LYS A NZ  1 
ATOM   1054 N  N   . ALA A 1 134 ? 1.676   2.080   11.318  1.00 6.71  ? 134 ALA A N   1 
ATOM   1055 C  CA  . ALA A 1 134 ? 0.397   2.400   10.661  1.00 7.41  ? 134 ALA A CA  1 
ATOM   1056 C  C   . ALA A 1 134 ? 0.013   1.308   9.653   1.00 7.57  ? 134 ALA A C   1 
ATOM   1057 O  O   . ALA A 1 134 ? -1.160  0.922   9.552   1.00 8.98  ? 134 ALA A O   1 
ATOM   1058 C  CB  . ALA A 1 134 ? 0.468   3.754   9.973   1.00 6.49  ? 134 ALA A CB  1 
ATOM   1059 N  N   . LEU A 1 135 ? 0.995   0.795   8.918   1.00 6.77  ? 135 LEU A N   1 
ATOM   1060 C  CA  . LEU A 1 135 ? 0.719   -0.257  7.950   1.00 7.61  ? 135 LEU A CA  1 
ATOM   1061 C  C   . LEU A 1 135 ? 0.365   -1.583  8.644   1.00 7.96  ? 135 LEU A C   1 
ATOM   1062 O  O   . LEU A 1 135 ? -0.441  -2.374  8.135   1.00 7.82  ? 135 LEU A O   1 
ATOM   1063 C  CB  . LEU A 1 135 ? 1.897   -0.421  6.980   1.00 7.73  ? 135 LEU A CB  1 
ATOM   1064 C  CG  . LEU A 1 135 ? 2.027   0.785   6.029   1.00 9.14  ? 135 LEU A CG  1 
ATOM   1065 C  CD1 . LEU A 1 135 ? 3.260   0.649   5.158   1.00 8.80  ? 135 LEU A CD1 1 
ATOM   1066 C  CD2 . LEU A 1 135 ? 0.762   0.919   5.176   1.00 9.45  ? 135 LEU A CD2 1 
ATOM   1067 N  N   . GLU A 1 136 ? 0.965   -1.825  9.804   1.00 4.47  ? 136 GLU A N   1 
ATOM   1068 C  CA  . GLU A 1 136 ? 0.654   -3.068  10.546  1.00 6.17  ? 136 GLU A CA  1 
ATOM   1069 C  C   . GLU A 1 136 ? -0.776  -3.002  11.069  1.00 6.16  ? 136 GLU A C   1 
ATOM   1070 O  O   . GLU A 1 136 ? -1.474  -4.013  11.095  1.00 9.21  ? 136 GLU A O   1 
ATOM   1071 C  CB  . GLU A 1 136 ? 1.611   -3.263  11.715  1.00 6.63  ? 136 GLU A CB  1 
ATOM   1072 C  CG  . GLU A 1 136 ? 3.023   -3.571  11.289  1.00 11.31 ? 136 GLU A CG  1 
ATOM   1073 C  CD  . GLU A 1 136 ? 3.919   -3.905  12.459  1.00 27.83 ? 136 GLU A CD  1 
ATOM   1074 O  OE1 . GLU A 1 136 ? 3.895   -3.168  13.473  1.00 29.84 ? 136 GLU A OE1 1 
ATOM   1075 O  OE2 . GLU A 1 136 ? 4.651   -4.906  12.355  1.00 29.21 ? 136 GLU A OE2 1 
ATOM   1076 N  N   . LEU A 1 137 ? -1.196  -1.818  11.501  1.00 7.33  ? 137 LEU A N   1 
ATOM   1077 C  CA  . LEU A 1 137 ? -2.566  -1.618  12.004  1.00 8.75  ? 137 LEU A CA  1 
ATOM   1078 C  C   . LEU A 1 137 ? -3.553  -1.955  10.882  1.00 8.93  ? 137 LEU A C   1 
ATOM   1079 O  O   . LEU A 1 137 ? -4.542  -2.671  11.089  1.00 8.76  ? 137 LEU A O   1 
ATOM   1080 C  CB  . LEU A 1 137 ? -2.771  -0.164  12.467  1.00 9.14  ? 137 LEU A CB  1 
ATOM   1081 C  CG  . LEU A 1 137 ? -4.197  0.200   12.932  1.00 10.65 ? 137 LEU A CG  1 
ATOM   1082 C  CD1 . LEU A 1 137 ? -4.627  -0.719  14.088  1.00 10.97 ? 137 LEU A CD1 1 
ATOM   1083 C  CD2 . LEU A 1 137 ? -4.273  1.665   13.340  1.00 10.13 ? 137 LEU A CD2 1 
ATOM   1084 N  N   . PHE A 1 138 ? -3.273  -1.414  9.699   1.00 9.21  ? 138 PHE A N   1 
ATOM   1085 C  CA  . PHE A 1 138 ? -4.078  -1.648  8.496   1.00 9.93  ? 138 PHE A CA  1 
ATOM   1086 C  C   . PHE A 1 138 ? -4.197  -3.156  8.223   1.00 9.41  ? 138 PHE A C   1 
ATOM   1087 O  O   . PHE A 1 138 ? -5.293  -3.680  8.087   1.00 8.97  ? 138 PHE A O   1 
ATOM   1088 C  CB  . PHE A 1 138 ? -3.398  -0.894  7.335   1.00 11.87 ? 138 PHE A CB  1 
ATOM   1089 C  CG  . PHE A 1 138 ? -3.882  -1.264  5.963   1.00 14.18 ? 138 PHE A CG  1 
ATOM   1090 C  CD1 . PHE A 1 138 ? -5.158  -0.917  5.535   1.00 15.62 ? 138 PHE A CD1 1 
ATOM   1091 C  CD2 . PHE A 1 138 ? -3.020  -1.886  5.064   1.00 15.95 ? 138 PHE A CD2 1 
ATOM   1092 C  CE1 . PHE A 1 138 ? -5.567  -1.184  4.219   1.00 16.80 ? 138 PHE A CE1 1 
ATOM   1093 C  CE2 . PHE A 1 138 ? -3.418  -2.158  3.747   1.00 16.60 ? 138 PHE A CE2 1 
ATOM   1094 C  CZ  . PHE A 1 138 ? -4.693  -1.802  3.331   1.00 17.49 ? 138 PHE A CZ  1 
ATOM   1095 N  N   . ARG A 1 139 ? -3.069  -3.863  8.283   1.00 9.37  ? 139 ARG A N   1 
ATOM   1096 C  CA  . ARG A 1 139 ? -3.006  -5.306  8.033   1.00 9.12  ? 139 ARG A CA  1 
ATOM   1097 C  C   . ARG A 1 139 ? -3.751  -6.122  9.100   1.00 8.90  ? 139 ARG A C   1 
ATOM   1098 O  O   . ARG A 1 139 ? -4.428  -7.114  8.800   1.00 8.46  ? 139 ARG A O   1 
ATOM   1099 C  CB  . ARG A 1 139 ? -1.530  -5.718  7.971   1.00 10.52 ? 139 ARG A CB  1 
ATOM   1100 C  CG  . ARG A 1 139 ? -1.213  -6.974  7.195   1.00 21.53 ? 139 ARG A CG  1 
ATOM   1101 C  CD  . ARG A 1 139 ? 0.306   -7.158  7.107   1.00 22.40 ? 139 ARG A CD  1 
ATOM   1102 N  NE  . ARG A 1 139 ? 0.924   -5.908  6.721   1.00 36.02 ? 139 ARG A NE  1 
ATOM   1103 C  CZ  . ARG A 1 139 ? 2.029   -5.404  7.259   1.00 16.58 ? 139 ARG A CZ  1 
ATOM   1104 N  NH1 . ARG A 1 139 ? 2.734   -6.069  8.174   1.00 16.92 ? 139 ARG A NH1 1 
ATOM   1105 N  NH2 . ARG A 1 139 ? 2.454   -4.235  6.828   1.00 16.79 ? 139 ARG A NH2 1 
ATOM   1106 N  N   . LYS A 1 140 ? -3.605  -5.709  10.354  1.00 11.98 ? 140 LYS A N   1 
ATOM   1107 C  CA  . LYS A 1 140 ? -4.249  -6.388  11.483  1.00 14.40 ? 140 LYS A CA  1 
ATOM   1108 C  C   . LYS A 1 140 ? -5.766  -6.291  11.340  1.00 16.22 ? 140 LYS A C   1 
ATOM   1109 O  O   . LYS A 1 140 ? -6.491  -7.280  11.535  1.00 9.71  ? 140 LYS A O   1 
ATOM   1110 C  CB  . LYS A 1 140 ? -3.799  -5.741  12.802  1.00 9.86  ? 140 LYS A CB  1 
ATOM   1111 C  CG  . LYS A 1 140 ? -4.668  -6.046  14.009  1.00 23.05 ? 140 LYS A CG  1 
ATOM   1112 C  CD  . LYS A 1 140 ? -4.164  -5.302  15.242  1.00 19.90 ? 140 LYS A CD  1 
ATOM   1113 C  CE  . LYS A 1 140 ? -5.301  -4.972  16.203  1.00 42.45 ? 140 LYS A CE  1 
ATOM   1114 N  NZ  . LYS A 1 140 ? -5.977  -6.177  16.772  1.00 60.99 ? 140 LYS A NZ  1 
ATOM   1115 N  N   . ASP A 1 141 ? -6.244  -5.110  10.953  1.00 10.17 ? 141 ASP A N   1 
ATOM   1116 C  CA  . ASP A 1 141 ? -7.678  -4.908  10.788  1.00 7.84  ? 141 ASP A CA  1 
ATOM   1117 C  C   . ASP A 1 141 ? -8.241  -5.674  9.609   1.00 12.51 ? 141 ASP A C   1 
ATOM   1118 O  O   . ASP A 1 141 ? -9.311  -6.261  9.710   1.00 11.50 ? 141 ASP A O   1 
ATOM   1119 C  CB  . ASP A 1 141 ? -8.022  -3.421  10.746  1.00 6.38  ? 141 ASP A CB  1 
ATOM   1120 C  CG  . ASP A 1 141 ? -7.935  -2.773  12.126  1.00 18.19 ? 141 ASP A CG  1 
ATOM   1121 O  OD1 . ASP A 1 141 ? -7.738  -3.510  13.117  1.00 13.59 ? 141 ASP A OD1 1 
ATOM   1122 O  OD2 . ASP A 1 141 ? -8.062  -1.538  12.237  1.00 12.59 ? 141 ASP A OD2 1 
ATOM   1123 N  N   . ILE A 1 142 ? -7.487  -5.735  8.518   1.00 10.50 ? 142 ILE A N   1 
ATOM   1124 C  CA  . ILE A 1 142 ? -7.913  -6.478  7.331   1.00 10.69 ? 142 ILE A CA  1 
ATOM   1125 C  C   . ILE A 1 142 ? -7.927  -7.983  7.672   1.00 10.81 ? 142 ILE A C   1 
ATOM   1126 O  O   . ILE A 1 142 ? -8.824  -8.726  7.262   1.00 10.53 ? 142 ILE A O   1 
ATOM   1127 C  CB  . ILE A 1 142 ? -6.919  -6.236  6.144   1.00 11.38 ? 142 ILE A CB  1 
ATOM   1128 C  CG1 . ILE A 1 142 ? -7.041  -4.804  5.619   1.00 11.75 ? 142 ILE A CG1 1 
ATOM   1129 C  CG2 . ILE A 1 142 ? -7.185  -7.214  5.010   1.00 11.95 ? 142 ILE A CG2 1 
ATOM   1130 C  CD1 . ILE A 1 142 ? -8.256  -4.576  4.774   1.00 14.41 ? 142 ILE A CD1 1 
ATOM   1131 N  N   . ALA A 1 143 ? -6.928  -8.416  8.436   1.00 10.53 ? 143 ALA A N   1 
ATOM   1132 C  CA  . ALA A 1 143 ? -6.788  -9.821  8.818   1.00 11.00 ? 143 ALA A CA  1 
ATOM   1133 C  C   . ALA A 1 143 ? -8.004  -10.328 9.596   1.00 11.17 ? 143 ALA A C   1 
ATOM   1134 O  O   . ALA A 1 143 ? -8.479  -11.444 9.361   1.00 11.18 ? 143 ALA A O   1 
ATOM   1135 C  CB  . ALA A 1 143 ? -5.502  -10.017 9.633   1.00 10.94 ? 143 ALA A CB  1 
ATOM   1136 N  N   . ALA A 1 144 ? -8.522  -9.491  10.488  1.00 11.16 ? 144 ALA A N   1 
ATOM   1137 C  CA  . ALA A 1 144 ? -9.686  -9.855  11.290  1.00 11.58 ? 144 ALA A CA  1 
ATOM   1138 C  C   . ALA A 1 144 ? -10.912 -10.042 10.399  1.00 12.16 ? 144 ALA A C   1 
ATOM   1139 O  O   . ALA A 1 144 ? -11.712 -10.957 10.617  1.00 12.17 ? 144 ALA A O   1 
ATOM   1140 C  CB  . ALA A 1 144 ? -9.941  -8.794  12.357  1.00 11.82 ? 144 ALA A CB  1 
ATOM   1141 N  N   . LYS A 1 145 ? -11.058 -9.167  9.403   1.00 7.80  ? 145 LYS A N   1 
ATOM   1142 C  CA  . LYS A 1 145 ? -12.172 -9.237  8.456   1.00 6.53  ? 145 LYS A CA  1 
ATOM   1143 C  C   . LYS A 1 145 ? -12.053 -10.493 7.609   1.00 12.51 ? 145 LYS A C   1 
ATOM   1144 O  O   . LYS A 1 145 ? -13.054 -11.138 7.292   1.00 12.92 ? 145 LYS A O   1 
ATOM   1145 C  CB  . LYS A 1 145 ? -12.196 -7.993  7.563   1.00 10.88 ? 145 LYS A CB  1 
ATOM   1146 C  CG  . LYS A 1 145 ? -13.031 -6.829  8.118   1.00 25.98 ? 145 LYS A CG  1 
ATOM   1147 C  CD  . LYS A 1 145 ? -12.785 -6.594  9.599   1.00 51.74 ? 145 LYS A CD  1 
ATOM   1148 C  CE  . LYS A 1 145 ? -11.905 -5.377  9.874   1.00 43.06 ? 145 LYS A CE  1 
ATOM   1149 N  NZ  . LYS A 1 145 ? -11.352 -5.375  11.280  1.00 19.75 ? 145 LYS A NZ  1 
ATOM   1150 N  N   . TYR A 1 146 ? -10.825 -10.828 7.229   1.00 11.61 ? 146 TYR A N   1 
ATOM   1151 C  CA  . TYR A 1 146 ? -10.555 -12.031 6.449   1.00 11.72 ? 146 TYR A CA  1 
ATOM   1152 C  C   . TYR A 1 146 ? -10.971 -13.288 7.246   1.00 12.19 ? 146 TYR A C   1 
ATOM   1153 O  O   . TYR A 1 146 ? -11.607 -14.203 6.715   1.00 11.75 ? 146 TYR A O   1 
ATOM   1154 C  CB  . TYR A 1 146 ? -9.059  -12.131 6.147   1.00 12.01 ? 146 TYR A CB  1 
ATOM   1155 C  CG  . TYR A 1 146 ? -8.614  -11.529 4.837   1.00 12.59 ? 146 TYR A CG  1 
ATOM   1156 C  CD1 . TYR A 1 146 ? -9.031  -10.259 4.440   1.00 12.92 ? 146 TYR A CD1 1 
ATOM   1157 C  CD2 . TYR A 1 146 ? -7.720  -12.221 4.012   1.00 13.70 ? 146 TYR A CD2 1 
ATOM   1158 C  CE1 . TYR A 1 146 ? -8.561  -9.686  3.248   1.00 13.03 ? 146 TYR A CE1 1 
ATOM   1159 C  CE2 . TYR A 1 146 ? -7.246  -11.663 2.828   1.00 13.52 ? 146 TYR A CE2 1 
ATOM   1160 C  CZ  . TYR A 1 146 ? -7.662  -10.401 2.454   1.00 13.51 ? 146 TYR A CZ  1 
ATOM   1161 O  OH  . TYR A 1 146 ? -7.162  -9.858  1.293   1.00 13.71 ? 146 TYR A OH  1 
ATOM   1162 N  N   . LYS A 1 147 ? -10.608 -13.319 8.526   1.00 11.85 ? 147 LYS A N   1 
ATOM   1163 C  CA  . LYS A 1 147 ? -10.909 -14.458 9.380   1.00 9.46  ? 147 LYS A CA  1 
ATOM   1164 C  C   . LYS A 1 147 ? -12.426 -14.648 9.513   1.00 10.83 ? 147 LYS A C   1 
ATOM   1165 O  O   . LYS A 1 147 ? -12.935 -15.771 9.492   1.00 16.98 ? 147 LYS A O   1 
ATOM   1166 C  CB  . LYS A 1 147 ? -10.258 -14.254 10.751  1.00 14.73 ? 147 LYS A CB  1 
ATOM   1167 C  CG  . LYS A 1 147 ? -10.361 -15.458 11.682  1.00 18.87 ? 147 LYS A CG  1 
ATOM   1168 C  CD  . LYS A 1 147 ? -9.688  -15.163 13.009  1.00 22.58 ? 147 LYS A CD  1 
ATOM   1169 C  CE  . LYS A 1 147 ? -10.207 -16.064 14.122  1.00 35.16 ? 147 LYS A CE  1 
ATOM   1170 N  NZ  . LYS A 1 147 ? -9.974  -17.488 13.842  1.00 30.05 ? 147 LYS A NZ  1 
ATOM   1171 N  N   . GLU A 1 148 ? -13.140 -13.544 9.670   1.00 12.50 ? 148 GLU A N   1 
ATOM   1172 C  CA  . GLU A 1 148 ? -14.586 -13.582 9.777   1.00 13.41 ? 148 GLU A CA  1 
ATOM   1173 C  C   . GLU A 1 148 ? -15.178 -14.248 8.534   1.00 27.97 ? 148 GLU A C   1 
ATOM   1174 O  O   . GLU A 1 148 ? -16.085 -15.079 8.628   1.00 22.89 ? 148 GLU A O   1 
ATOM   1175 C  CB  . GLU A 1 148 ? -15.143 -12.162 9.865   1.00 7.09  ? 148 GLU A CB  1 
ATOM   1176 C  CG  . GLU A 1 148 ? -16.665 -12.109 9.788   1.00 19.74 ? 148 GLU A CG  1 
ATOM   1177 C  CD  . GLU A 1 148 ? -17.208 -10.697 9.722   1.00 33.35 ? 148 GLU A CD  1 
ATOM   1178 O  OE1 . GLU A 1 148 ? -16.534 -9.761  10.209  1.00 27.75 ? 148 GLU A OE1 1 
ATOM   1179 O  OE2 . GLU A 1 148 ? -18.318 -10.522 9.176   1.00 33.68 ? 148 GLU A OE2 1 
ATOM   1180 N  N   . LEU A 1 149 ? -14.660 -13.861 7.373   1.00 17.31 ? 149 LEU A N   1 
ATOM   1181 C  CA  . LEU A 1 149 ? -15.134 -14.377 6.097   1.00 18.30 ? 149 LEU A CA  1 
ATOM   1182 C  C   . LEU A 1 149 ? -14.612 -15.766 5.752   1.00 18.56 ? 149 LEU A C   1 
ATOM   1183 O  O   . LEU A 1 149 ? -15.054 -16.361 4.777   1.00 18.92 ? 149 LEU A O   1 
ATOM   1184 C  CB  . LEU A 1 149 ? -14.799 -13.393 4.973   1.00 17.43 ? 149 LEU A CB  1 
ATOM   1185 C  CG  . LEU A 1 149 ? -15.504 -12.034 5.028   1.00 18.00 ? 149 LEU A CG  1 
ATOM   1186 C  CD1 . LEU A 1 149 ? -14.886 -11.080 4.009   1.00 17.44 ? 149 LEU A CD1 1 
ATOM   1187 C  CD2 . LEU A 1 149 ? -16.991 -12.211 4.757   1.00 17.45 ? 149 LEU A CD2 1 
ATOM   1188 N  N   . GLY A 1 150 ? -13.650 -16.262 6.522   1.00 19.27 ? 150 GLY A N   1 
ATOM   1189 C  CA  . GLY A 1 150 ? -13.118 -17.591 6.268   1.00 20.70 ? 150 GLY A CA  1 
ATOM   1190 C  C   . GLY A 1 150 ? -11.967 -17.636 5.293   1.00 22.16 ? 150 GLY A C   1 
ATOM   1191 O  O   . GLY A 1 150 ? -11.716 -18.665 4.679   1.00 21.46 ? 150 GLY A O   1 
ATOM   1192 N  N   . TYR A 1 151 ? -11.269 -16.515 5.154   1.00 24.06 ? 151 TYR A N   1 
ATOM   1193 C  CA  . TYR A 1 151 ? -10.133 -16.400 4.252   1.00 26.86 ? 151 TYR A CA  1 
ATOM   1194 C  C   . TYR A 1 151 ? -8.820  -16.142 4.991   1.00 28.59 ? 151 TYR A C   1 
ATOM   1195 O  O   . TYR A 1 151 ? -7.835  -15.744 4.359   1.00 29.39 ? 151 TYR A O   1 
ATOM   1196 C  CB  . TYR A 1 151 ? -10.353 -15.248 3.259   1.00 27.16 ? 151 TYR A CB  1 
ATOM   1197 C  CG  . TYR A 1 151 ? -11.395 -15.508 2.205   1.00 28.37 ? 151 TYR A CG  1 
ATOM   1198 C  CD1 . TYR A 1 151 ? -12.747 -15.233 2.442   1.00 29.03 ? 151 TYR A CD1 1 
ATOM   1199 C  CD2 . TYR A 1 151 ? -11.032 -16.021 0.956   1.00 28.80 ? 151 TYR A CD2 1 
ATOM   1200 C  CE1 . TYR A 1 151 ? -13.712 -15.462 1.459   1.00 29.03 ? 151 TYR A CE1 1 
ATOM   1201 C  CE2 . TYR A 1 151 ? -11.984 -16.251 -0.033  1.00 28.78 ? 151 TYR A CE2 1 
ATOM   1202 C  CZ  . TYR A 1 151 ? -13.317 -15.973 0.225   1.00 29.19 ? 151 TYR A CZ  1 
ATOM   1203 O  OH  . TYR A 1 151 ? -14.257 -16.216 -0.753  1.00 30.02 ? 151 TYR A OH  1 
ATOM   1204 N  N   . GLN A 1 152 ? -8.800  -16.311 6.315   1.00 30.36 ? 152 GLN A N   1 
ATOM   1205 C  CA  . GLN A 1 152 ? -7.566  -16.081 7.068   1.00 32.34 ? 152 GLN A CA  1 
ATOM   1206 C  C   . GLN A 1 152 ? -6.443  -16.909 6.452   1.00 33.33 ? 152 GLN A C   1 
ATOM   1207 O  O   . GLN A 1 152 ? -6.290  -18.103 6.718   1.00 33.46 ? 152 GLN A O   1 
ATOM   1208 C  CB  . GLN A 1 152 ? -7.723  -16.419 8.549   1.00 33.97 ? 152 GLN A CB  1 
ATOM   1209 C  CG  . GLN A 1 152 ? -6.522  -16.003 9.414   1.00 38.41 ? 152 GLN A CG  1 
ATOM   1210 C  CD  . GLN A 1 152 ? -6.393  -14.495 9.564   1.00 42.12 ? 152 GLN A CD  1 
ATOM   1211 O  OE1 . GLN A 1 152 ? -6.534  -13.750 8.593   1.00 41.93 ? 152 GLN A OE1 1 
ATOM   1212 N  NE2 . GLN A 1 152 ? -6.126  -14.040 10.787  1.00 33.09 ? 152 GLN A NE2 1 
ATOM   1213 N  N   . GLY A 1 153 ? -5.696  -16.236 5.586   1.00 34.32 ? 153 GLY A N   1 
ATOM   1214 C  CA  . GLY A 1 153 ? -4.594  -16.834 4.864   1.00 35.35 ? 153 GLY A CA  1 
ATOM   1215 C  C   . GLY A 1 153 ? -4.465  -16.021 3.588   1.00 35.87 ? 153 GLY A C   1 
ATOM   1216 O  O   . GLY A 1 153 ? -4.556  -16.613 2.485   1.00 36.49 ? 153 GLY A O   1 
ATOM   1217 O  OXT . GLY A 1 153 ? -4.329  -14.780 3.699   1.00 35.63 ? 153 GLY A OXT 1 
HETATM 1218 S  S   . SO4 B 2 .   ? -1.039  0.800   -21.516 0.88 8.18  ? 157 SO4 A S   1 
HETATM 1219 O  O1  . SO4 B 2 .   ? -1.999  1.528   -20.793 0.88 7.92  ? 157 SO4 A O1  1 
HETATM 1220 O  O2  . SO4 B 2 .   ? -1.581  0.333   -22.743 0.88 8.89  ? 157 SO4 A O2  1 
HETATM 1221 O  O3  . SO4 B 2 .   ? -0.604  -0.362  -20.783 0.88 9.36  ? 157 SO4 A O3  1 
HETATM 1222 O  O4  . SO4 B 2 .   ? 0.071   1.674   -21.878 0.88 9.24  ? 157 SO4 A O4  1 
HETATM 1223 C  CHA . HEM C 3 .   ? -8.472  -3.451  -6.763  1.00 11.67 ? 155 HEM A CHA 1 
HETATM 1224 C  CHB . HEM C 3 .   ? -6.849  -0.839  -3.058  1.00 10.92 ? 155 HEM A CHB 1 
HETATM 1225 C  CHC . HEM C 3 .   ? -3.364  -4.074  -2.333  1.00 9.54  ? 155 HEM A CHC 1 
HETATM 1226 C  CHD . HEM C 3 .   ? -4.954  -6.689  -5.972  1.00 10.27 ? 155 HEM A CHD 1 
HETATM 1227 C  C1A . HEM C 3 .   ? -8.372  -2.459  -5.819  1.00 11.93 ? 155 HEM A C1A 1 
HETATM 1228 C  C2A . HEM C 3 .   ? -9.207  -1.274  -5.771  1.00 12.30 ? 155 HEM A C2A 1 
HETATM 1229 C  C3A . HEM C 3 .   ? -8.710  -0.567  -4.722  1.00 12.23 ? 155 HEM A C3A 1 
HETATM 1230 C  C4A . HEM C 3 .   ? -7.608  -1.264  -4.144  1.00 11.52 ? 155 HEM A C4A 1 
HETATM 1231 C  CMA . HEM C 3 .   ? -9.298  0.710   -4.169  1.00 12.09 ? 155 HEM A CMA 1 
HETATM 1232 C  CAA . HEM C 3 .   ? -10.543 -0.860  -6.376  1.00 14.15 ? 155 HEM A CAA 1 
HETATM 1233 C  CBA . HEM C 3 .   ? -11.921 -1.421  -6.090  1.00 15.79 ? 155 HEM A CBA 1 
HETATM 1234 C  CGA . HEM C 3 .   ? -11.905 -2.847  -5.587  1.00 16.93 ? 155 HEM A CGA 1 
HETATM 1235 O  O1A . HEM C 3 .   ? -11.759 -3.764  -6.409  1.00 16.56 ? 155 HEM A O1A 1 
HETATM 1236 O  O2A . HEM C 3 .   ? -12.048 -3.044  -4.361  1.00 18.68 ? 155 HEM A O2A 1 
HETATM 1237 C  C1B . HEM C 3 .   ? -5.778  -1.514  -2.495  1.00 10.15 ? 155 HEM A C1B 1 
HETATM 1238 C  C2B . HEM C 3 .   ? -4.998  -1.030  -1.399  1.00 10.06 ? 155 HEM A C2B 1 
HETATM 1239 C  C3B . HEM C 3 .   ? -4.009  -1.944  -1.184  1.00 10.30 ? 155 HEM A C3B 1 
HETATM 1240 C  C4B . HEM C 3 .   ? -4.222  -2.978  -2.174  1.00 9.73  ? 155 HEM A C4B 1 
HETATM 1241 C  CMB . HEM C 3 .   ? -5.303  0.249   -0.618  1.00 10.11 ? 155 HEM A CMB 1 
HETATM 1242 C  CAB . HEM C 3 .   ? -2.858  -1.923  -0.376  1.00 11.24 ? 155 HEM A CAB 1 
HETATM 1243 C  CBB . HEM C 3 .   ? -2.274  -0.885  0.417   1.00 11.51 ? 155 HEM A CBB 1 
HETATM 1244 C  C1C . HEM C 3 .   ? -3.447  -5.076  -3.256  1.00 8.78  ? 155 HEM A C1C 1 
HETATM 1245 C  C2C . HEM C 3 .   ? -2.473  -6.103  -3.420  1.00 9.18  ? 155 HEM A C2C 1 
HETATM 1246 C  C3C . HEM C 3 .   ? -2.923  -6.862  -4.475  1.00 9.82  ? 155 HEM A C3C 1 
HETATM 1247 C  C4C . HEM C 3 .   ? -4.184  -6.266  -4.909  1.00 9.57  ? 155 HEM A C4C 1 
HETATM 1248 C  CMC . HEM C 3 .   ? -1.230  -6.299  -2.565  1.00 8.17  ? 155 HEM A CMC 1 
HETATM 1249 C  CAC . HEM C 3 .   ? -2.326  -7.965  -5.107  1.00 10.29 ? 155 HEM A CAC 1 
HETATM 1250 C  CBC . HEM C 3 .   ? -1.078  -8.585  -4.795  1.00 11.25 ? 155 HEM A CBC 1 
HETATM 1251 C  C1D . HEM C 3 .   ? -6.088  -6.062  -6.498  1.00 12.23 ? 155 HEM A C1D 1 
HETATM 1252 C  C2D . HEM C 3 .   ? -6.795  -6.536  -7.713  1.00 12.53 ? 155 HEM A C2D 1 
HETATM 1253 C  C3D . HEM C 3 .   ? -7.774  -5.608  -7.972  1.00 12.98 ? 155 HEM A C3D 1 
HETATM 1254 C  C4D . HEM C 3 .   ? -7.671  -4.587  -6.894  1.00 12.27 ? 155 HEM A C4D 1 
HETATM 1255 C  CMD . HEM C 3 .   ? -6.495  -7.846  -8.441  1.00 11.90 ? 155 HEM A CMD 1 
HETATM 1256 C  CAD . HEM C 3 .   ? -8.674  -5.441  -9.214  1.00 14.91 ? 155 HEM A CAD 1 
HETATM 1257 C  CBD . HEM C 3 .   ? -7.938  -5.118  -10.514 1.00 18.00 ? 155 HEM A CBD 1 
HETATM 1258 C  CGD . HEM C 3 .   ? -8.874  -4.881  -11.682 1.00 19.36 ? 155 HEM A CGD 1 
HETATM 1259 O  O1D . HEM C 3 .   ? -8.577  -5.362  -12.786 1.00 20.86 ? 155 HEM A O1D 1 
HETATM 1260 O  O2D . HEM C 3 .   ? -9.921  -4.219  -11.502 1.00 22.33 ? 155 HEM A O2D 1 
HETATM 1261 N  NA  . HEM C 3 .   ? -7.400  -2.434  -4.813  1.00 12.44 ? 155 HEM A NA  1 
HETATM 1262 N  NB  . HEM C 3 .   ? -5.315  -2.713  -2.963  1.00 10.09 ? 155 HEM A NB  1 
HETATM 1263 N  NC  . HEM C 3 .   ? -4.473  -5.182  -4.164  1.00 9.75  ? 155 HEM A NC  1 
HETATM 1264 N  ND  . HEM C 3 .   ? -6.645  -4.869  -6.016  1.00 12.10 ? 155 HEM A ND  1 
HETATM 1265 FE FE  . HEM C 3 .   ? -5.885  -3.814  -4.496  1.00 11.49 ? 155 HEM A FE  1 
HETATM 1266 C  C   . NBN D 4 .   ? -4.636  -2.722  -5.829  0.70 11.57 ? 156 NBN A C   1 
HETATM 1267 N  N   . NBN D 4 .   ? -4.170  -2.777  -6.767  0.70 13.22 ? 156 NBN A N   1 
HETATM 1268 C  C1  . NBN D 4 .   ? -3.807  -1.901  -8.016  0.70 13.39 ? 156 NBN A C1  1 
HETATM 1269 C  C2  . NBN D 4 .   ? -4.941  -0.956  -8.340  0.70 14.68 ? 156 NBN A C2  1 
HETATM 1270 C  C3  . NBN D 4 .   ? -6.070  -1.661  -8.958  0.70 14.83 ? 156 NBN A C3  1 
HETATM 1271 C  C4  . NBN D 4 .   ? -7.210  -0.689  -9.080  0.70 16.40 ? 156 NBN A C4  1 
HETATM 1272 O  O   . HOH E 5 .   ? 7.670   -5.518  -1.902  0.74 12.76 ? 201 HOH A O   1 
HETATM 1273 O  O   . HOH E 5 .   ? 9.044   19.574  5.415   0.81 19.75 ? 202 HOH A O   1 
HETATM 1274 O  O   . HOH E 5 .   ? -3.035  -8.363  -19.602 1.00 16.55 ? 203 HOH A O   1 
HETATM 1275 O  O   . HOH E 5 .   ? 5.705   -4.787  9.701   0.91 18.68 ? 204 HOH A O   1 
HETATM 1276 O  O   . HOH E 5 .   ? -7.211  -11.907 -8.947  0.93 24.30 ? 205 HOH A O   1 
HETATM 1277 O  O   . HOH E 5 .   ? -7.121  -9.683  -11.925 0.86 16.42 ? 206 HOH A O   1 
HETATM 1278 O  O   . HOH E 5 .   ? -6.559  -7.225  -13.245 0.98 21.30 ? 207 HOH A O   1 
HETATM 1279 O  O   . HOH E 5 .   ? -10.027 10.235  5.162   1.00 24.27 ? 208 HOH A O   1 
HETATM 1280 O  O   . HOH E 5 .   ? 7.842   -13.614 -2.622  0.76 11.93 ? 209 HOH A O   1 
HETATM 1281 O  O   . HOH E 5 .   ? 11.374  13.522  12.762  1.00 37.34 ? 210 HOH A O   1 
HETATM 1282 O  O   . HOH E 5 .   ? -10.093 -10.273 -8.982  0.89 34.27 ? 211 HOH A O   1 
HETATM 1283 O  O   . HOH E 5 .   ? -5.011  6.393   16.946  0.84 37.35 ? 212 HOH A O   1 
HETATM 1284 O  O   . HOH E 5 .   ? 8.529   6.036   15.813  0.93 17.17 ? 213 HOH A O   1 
HETATM 1285 O  O   . HOH E 5 .   ? -9.408  -5.366  14.088  0.60 14.40 ? 214 HOH A O   1 
HETATM 1286 O  O   . HOH E 5 .   ? 3.684   18.284  -0.102  1.00 23.59 ? 215 HOH A O   1 
HETATM 1287 O  O   . HOH E 5 .   ? 0.024   14.284  -7.115  0.89 24.20 ? 216 HOH A O   1 
HETATM 1288 O  O   . HOH E 5 .   ? 8.039   7.012   -11.268 0.87 24.76 ? 217 HOH A O   1 
HETATM 1289 O  O   . HOH E 5 .   ? 11.785  -9.987  -10.749 1.00 26.56 ? 218 HOH A O   1 
HETATM 1290 O  O   . HOH E 5 .   ? 8.189   -9.299  -12.181 0.64 15.38 ? 219 HOH A O   1 
HETATM 1291 O  O   . HOH E 5 .   ? 8.843   -14.251 -5.044  1.00 18.65 ? 220 HOH A O   1 
HETATM 1292 O  O   . HOH E 5 .   ? -0.969  14.464  15.743  0.95 31.85 ? 221 HOH A O   1 
HETATM 1293 O  O   . HOH E 5 .   ? -2.403  -2.475  -20.690 1.00 10.94 ? 222 HOH A O   1 
HETATM 1294 O  O   . HOH E 5 .   ? -3.649  -2.912  -18.251 1.00 22.26 ? 223 HOH A O   1 
HETATM 1295 O  O   . HOH E 5 .   ? 1.937   9.575   -18.231 1.00 9.71  ? 224 HOH A O   1 
HETATM 1296 O  O   . HOH E 5 .   ? 1.983   4.143   20.555  1.00 45.75 ? 225 HOH A O   1 
HETATM 1297 O  O   . HOH E 5 .   ? -11.146 -1.319  12.420  0.82 35.96 ? 226 HOH A O   1 
HETATM 1298 O  O   . HOH E 5 .   ? -20.937 -10.563 10.410  1.00 14.22 ? 227 HOH A O   1 
HETATM 1299 O  O   . HOH E 5 .   ? 8.971   12.351  -4.788  0.85 18.54 ? 228 HOH A O   1 
HETATM 1300 O  O   . HOH E 5 .   ? -6.951  6.141   -11.285 0.90 30.86 ? 229 HOH A O   1 
HETATM 1301 O  O   . HOH E 5 .   ? -3.686  9.484   -18.363 0.82 13.50 ? 230 HOH A O   1 
HETATM 1302 O  O   . HOH E 5 .   ? 16.581  11.679  7.593   1.00 32.11 ? 231 HOH A O   1 
HETATM 1303 O  O   . HOH E 5 .   ? 2.920   17.959  8.885   1.00 18.45 ? 232 HOH A O   1 
HETATM 1304 O  O   . HOH E 5 .   ? 4.531   17.627  4.927   0.45 8.27  ? 233 HOH A O   1 
HETATM 1305 O  O   . HOH E 5 .   ? -5.912  4.710   9.754   1.00 12.12 ? 234 HOH A O   1 
HETATM 1306 O  O   . HOH E 5 .   ? -11.715 -3.151  -9.110  0.91 25.10 ? 235 HOH A O   1 
HETATM 1307 O  O   . HOH E 5 .   ? 14.409  5.583   7.826   0.62 12.84 ? 236 HOH A O   1 
HETATM 1308 O  O   . HOH E 5 .   ? -7.548  2.213   -11.642 0.74 37.55 ? 237 HOH A O   1 
HETATM 1309 O  O   . HOH E 5 .   ? -9.998  6.745   -2.586  0.78 23.74 ? 238 HOH A O   1 
HETATM 1310 O  O   . HOH E 5 .   ? -11.349 5.259   -0.749  0.84 16.28 ? 239 HOH A O   1 
HETATM 1311 O  O   . HOH E 5 .   ? 3.252   20.052  -2.280  1.00 16.79 ? 240 HOH A O   1 
HETATM 1312 O  O   . HOH E 5 .   ? -11.656 -21.088 3.301   0.78 14.48 ? 241 HOH A O   1 
HETATM 1313 O  O   . HOH E 5 .   ? -12.237 -1.469  -2.300  0.91 36.95 ? 242 HOH A O   1 
HETATM 1314 O  O   . HOH E 5 .   ? -7.194  13.427  16.138  1.00 22.62 ? 243 HOH A O   1 
HETATM 1315 O  O   . HOH E 5 .   ? 9.894   2.633   -20.255 1.00 19.88 ? 244 HOH A O   1 
HETATM 1316 O  O   . HOH E 5 .   ? 10.213  3.830   15.898  0.72 11.63 ? 245 HOH A O   1 
HETATM 1317 O  O   . HOH E 5 .   ? 4.506   -13.133 -12.486 0.79 12.20 ? 246 HOH A O   1 
HETATM 1318 O  O   . HOH E 5 .   ? -8.388  0.486   14.257  1.00 34.74 ? 247 HOH A O   1 
HETATM 1319 O  O   . HOH E 5 .   ? 0.634   5.589   -9.823  1.00 22.41 ? 248 HOH A O   1 
HETATM 1320 O  O   . HOH E 5 .   ? 5.759   13.843  15.818  0.99 25.85 ? 249 HOH A O   1 
HETATM 1321 O  O   . HOH E 5 .   ? 7.441   0.006   13.733  0.67 17.37 ? 250 HOH A O   1 
HETATM 1322 O  O   . HOH E 5 .   ? -9.468  -12.073 14.406  0.65 13.33 ? 251 HOH A O   1 
HETATM 1323 O  O   . HOH E 5 .   ? 10.886  -1.932  3.190   0.77 22.17 ? 252 HOH A O   1 
HETATM 1324 O  O   . HOH E 5 .   ? -11.133 1.257   13.220  1.00 31.91 ? 253 HOH A O   1 
HETATM 1325 O  O   . HOH E 5 .   ? -6.663  10.130  -0.647  0.99 20.64 ? 254 HOH A O   1 
HETATM 1326 O  O   . HOH E 5 .   ? 6.941   -11.813 7.983   1.00 16.83 ? 255 HOH A O   1 
HETATM 1327 O  O   . HOH E 5 .   ? 11.199  -5.501  -0.660  1.00 35.41 ? 256 HOH A O   1 
HETATM 1328 O  O   . HOH E 5 .   ? -1.093  10.461  21.722  0.33 8.14  ? 257 HOH A O   1 
HETATM 1329 O  O   . HOH E 5 .   ? 10.378  0.938   -8.083  0.55 10.15 ? 258 HOH A O   1 
HETATM 1330 O  O   . HOH E 5 .   ? 11.245  -13.405 -5.865  1.00 25.02 ? 259 HOH A O   1 
HETATM 1331 O  O   . HOH E 5 .   ? 4.695   -14.850 7.501   0.63 16.91 ? 260 HOH A O   1 
HETATM 1332 O  O   . HOH E 5 .   ? -9.040  4.894   -4.686  0.51 6.25  ? 261 HOH A O   1 
HETATM 1333 O  O   . HOH E 5 .   ? -3.829  4.064   16.222  1.00 33.82 ? 262 HOH A O   1 
HETATM 1334 O  O   . HOH E 5 .   ? -5.869  3.339   -18.832 0.96 25.67 ? 263 HOH A O   1 
HETATM 1335 O  O   . HOH E 5 .   ? 16.175  9.147   6.067   0.99 34.94 ? 264 HOH A O   1 
HETATM 1336 O  O   . HOH E 5 .   ? -6.389  1.999   16.269  1.00 32.38 ? 265 HOH A O   1 
HETATM 1337 O  O   . HOH E 5 .   ? -1.116  13.466  4.783   1.00 16.26 ? 266 HOH A O   1 
HETATM 1338 O  O   . HOH E 5 .   ? 11.444  -3.881  -22.522 0.94 14.30 ? 267 HOH A O   1 
HETATM 1339 O  O   . HOH E 5 .   ? 0.243   17.867  -0.273  1.00 30.75 ? 268 HOH A O   1 
HETATM 1340 O  O   . HOH E 5 .   ? 17.714  9.844   -1.469  0.96 44.77 ? 269 HOH A O   1 
HETATM 1341 O  O   . HOH E 5 .   ? -12.357 -5.682  -10.214 1.00 41.47 ? 270 HOH A O   1 
HETATM 1342 O  O   . HOH E 5 .   ? -2.090  15.341  2.706   0.74 20.65 ? 271 HOH A O   1 
HETATM 1343 O  O   . HOH E 5 .   ? 12.132  11.833  10.151  0.46 9.35  ? 272 HOH A O   1 
HETATM 1344 O  O   . HOH E 5 .   ? 6.256   0.851   -25.011 1.00 47.11 ? 273 HOH A O   1 
HETATM 1345 O  O   . HOH E 5 .   ? -16.940 -16.017 0.557   0.74 11.03 ? 274 HOH A O   1 
HETATM 1346 O  O   . HOH E 5 .   ? -16.278 -7.579  -3.324  0.65 32.46 ? 275 HOH A O   1 
HETATM 1347 O  O   . HOH E 5 .   ? -18.434 -13.761 0.124   1.00 17.65 ? 276 HOH A O   1 
HETATM 1348 O  O   . HOH E 5 .   ? 9.695   18.942  0.949   1.00 16.17 ? 277 HOH A O   1 
HETATM 1349 O  O   . HOH E 5 .   ? 3.938   -1.000  -21.569 0.77 10.87 ? 278 HOH A O   1 
HETATM 1350 O  O   . HOH E 5 .   ? 6.245   8.281   8.427   0.80 35.54 ? 279 HOH A O   1 
HETATM 1351 O  O   . HOH E 5 .   ? 12.608  3.022   -4.723  0.71 24.32 ? 280 HOH A O   1 
HETATM 1352 O  O   . HOH E 5 .   ? 2.303   0.954   -23.158 1.00 22.14 ? 281 HOH A O   1 
HETATM 1353 O  O   . HOH E 5 .   ? 1.185   -2.209  -21.676 1.00 13.29 ? 282 HOH A O   1 
HETATM 1354 O  O   . HOH E 5 .   ? 4.535   -2.857  7.627   1.00 22.69 ? 283 HOH A O   1 
HETATM 1355 O  O   . HOH E 5 .   ? 5.129   19.795  1.901   0.93 32.22 ? 284 HOH A O   1 
HETATM 1356 O  O   . HOH E 5 .   ? -14.615 5.042   9.081   0.73 17.94 ? 285 HOH A O   1 
HETATM 1357 O  O   . HOH E 5 .   ? -9.939  4.086   1.282   0.98 12.04 ? 286 HOH A O   1 
HETATM 1358 O  O   . HOH E 5 .   ? -4.413  9.380   20.842  0.98 38.99 ? 287 HOH A O   1 
HETATM 1359 O  O   . HOH E 5 .   ? 19.464  8.963   2.233   0.56 20.89 ? 288 HOH A O   1 
HETATM 1360 O  O   . HOH E 5 .   ? -8.484  3.859   -20.262 0.78 38.21 ? 289 HOH A O   1 
HETATM 1361 O  O   . HOH E 5 .   ? 0.250   -0.890  14.912  0.73 10.49 ? 290 HOH A O   1 
HETATM 1362 O  O   . HOH E 5 .   ? -12.510 8.799   3.766   0.80 39.80 ? 291 HOH A O   1 
HETATM 1363 O  O   . HOH E 5 .   ? 3.740   3.012   -15.430 1.00 11.64 ? 292 HOH A O   1 
HETATM 1364 O  O   . HOH E 5 .   ? -2.350  7.754   -15.526 1.00 35.38 ? 293 HOH A O   1 
HETATM 1365 O  O   . HOH E 5 .   ? -7.588  11.624  1.469   0.65 19.87 ? 294 HOH A O   1 
HETATM 1366 O  O   . HOH E 5 .   ? 16.067  -1.423  -11.886 0.78 20.96 ? 295 HOH A O   1 
HETATM 1367 O  O   . HOH E 5 .   ? 10.774  14.022  -3.438  0.78 24.88 ? 296 HOH A O   1 
HETATM 1368 O  O   . HOH E 5 .   ? 0.759   -17.395 -4.885  0.45 10.18 ? 297 HOH A O   1 
HETATM 1369 O  O   . HOH E 5 .   ? 6.462   4.213   15.999  1.00 23.58 ? 298 HOH A O   1 
HETATM 1370 O  O   . HOH E 5 .   ? 9.724   -0.602  11.134  1.00 47.32 ? 299 HOH A O   1 
HETATM 1371 O  O   . HOH E 5 .   ? 6.333   0.676   20.260  1.00 46.80 ? 300 HOH A O   1 
HETATM 1372 O  O   . HOH E 5 .   ? 10.667  -1.567  -24.162 1.00 37.10 ? 301 HOH A O   1 
HETATM 1373 O  O   . HOH E 5 .   ? -6.155  -0.838  17.364  1.00 35.72 ? 302 HOH A O   1 
HETATM 1374 O  O   . HOH E 5 .   ? -2.295  -10.697 -21.336 0.25 4.84  ? 303 HOH A O   1 
HETATM 1375 O  O   . HOH E 5 .   ? -4.227  10.225  17.224  0.96 40.64 ? 304 HOH A O   1 
HETATM 1376 O  O   . HOH E 5 .   ? 9.829   -2.230  5.803   1.00 42.18 ? 305 HOH A O   1 
HETATM 1377 O  O   . HOH E 5 .   ? 7.753   12.576  8.592   0.96 14.20 ? 306 HOH A O   1 
HETATM 1378 O  O   . HOH E 5 .   ? -16.409 -4.931  -1.387  0.58 17.75 ? 307 HOH A O   1 
HETATM 1379 O  O   . HOH E 5 .   ? 15.648  10.233  12.843  1.00 36.21 ? 308 HOH A O   1 
HETATM 1380 O  O   . HOH E 5 .   ? 15.017  16.096  1.567   1.00 16.28 ? 309 HOH A O   1 
HETATM 1381 O  O   . HOH E 5 .   ? 8.283   8.219   17.512  1.00 33.74 ? 310 HOH A O   1 
HETATM 1382 O  O   . HOH E 5 .   ? 11.485  14.957  2.393   1.00 21.52 ? 311 HOH A O   1 
HETATM 1383 O  O   . HOH E 5 .   ? 11.494  5.539   -5.943  1.00 34.93 ? 312 HOH A O   1 
HETATM 1384 O  O   . HOH E 5 .   ? 8.109   10.769  -10.437 1.00 33.73 ? 313 HOH A O   1 
HETATM 1385 O  O   . HOH E 5 .   ? 0.845   -15.294 -17.117 1.00 35.63 ? 314 HOH A O   1 
HETATM 1386 O  O   . HOH E 5 .   ? -11.737 -2.332  9.979   0.55 29.68 ? 315 HOH A O   1 
HETATM 1387 O  O   . HOH E 5 .   ? -7.941  -14.442 0.908   1.00 44.93 ? 316 HOH A O   1 
HETATM 1388 O  O   . HOH E 5 .   ? 10.974  1.722   -10.791 0.79 38.63 ? 317 HOH A O   1 
HETATM 1389 O  O   . HOH E 5 .   ? 8.168   -14.613 6.213   1.00 42.66 ? 318 HOH A O   1 
HETATM 1390 O  O   . HOH E 5 .   ? 11.965  -2.034  -9.361  1.00 56.89 ? 319 HOH A O   1 
HETATM 1391 O  O   . HOH E 5 .   ? 8.438   -12.698 4.255   1.00 36.47 ? 320 HOH A O   1 
HETATM 1392 O  O   . HOH E 5 .   ? 7.418   -4.743  12.463  1.00 38.99 ? 321 HOH A O   1 
HETATM 1393 O  O   . HOH E 5 .   ? 2.314   11.798  21.023  1.00 32.01 ? 322 HOH A O   1 
HETATM 1394 O  O   . HOH E 5 .   ? -0.452  -14.956 -6.977  0.60 14.34 ? 323 HOH A O   1 
HETATM 1395 O  O   . HOH E 5 .   ? 3.532   -14.927 -16.978 1.00 40.73 ? 324 HOH A O   1 
HETATM 1396 O  O   . HOH E 5 .   ? -3.397  9.927   -1.216  0.96 32.58 ? 325 HOH A O   1 
HETATM 1397 O  O   . HOH E 5 .   ? 4.846   6.266   -17.936 0.87 26.87 ? 326 HOH A O   1 
HETATM 1398 O  O   . HOH E 5 .   ? 2.914   12.336  -13.661 0.89 19.41 ? 327 HOH A O   1 
HETATM 1399 O  O   . HOH E 5 .   ? 8.062   -0.415  -23.124 0.54 18.06 ? 328 HOH A O   1 
HETATM 1400 O  O   . HOH E 5 .   ? 16.961  2.273   -4.656  1.00 34.02 ? 329 HOH A O   1 
HETATM 1401 O  O   . HOH E 5 .   ? 5.572   12.490  -11.876 1.00 39.53 ? 330 HOH A O   1 
HETATM 1402 O  O   . HOH E 5 .   ? 8.964   3.899   19.250  0.63 25.59 ? 331 HOH A O   1 
HETATM 1403 O  O   . HOH E 5 .   ? -2.025  17.979  2.080   0.86 39.07 ? 332 HOH A O   1 
HETATM 1404 O  O   . HOH E 5 .   ? 5.839   9.640   -13.073 0.89 37.42 ? 333 HOH A O   1 
HETATM 1405 O  O   . HOH E 5 .   ? 18.350  14.692  2.214   0.37 22.51 ? 334 HOH A O   1 
HETATM 1406 O  O   . HOH E 5 .   ? 8.581   3.485   -11.690 0.58 23.11 ? 335 HOH A O   1 
HETATM 1407 O  O   . HOH E 5 .   ? -11.447 -4.858  -14.101 1.00 41.55 ? 336 HOH A O   1 
HETATM 1408 O  O   . HOH E 5 .   ? -7.755  -2.523  15.842  1.00 51.63 ? 337 HOH A O   1 
HETATM 1409 O  O   . HOH E 5 .   ? -6.720  9.060   16.580  1.00 32.79 ? 338 HOH A O   1 
HETATM 1410 O  O   . HOH E 5 .   ? -8.154  1.782   -17.605 1.00 45.15 ? 339 HOH A O   1 
HETATM 1411 O  O   . HOH E 5 .   ? -15.274 -9.117  7.211   0.42 17.50 ? 340 HOH A O   1 
HETATM 1412 O  O   . HOH E 5 .   ? -0.053  5.519   22.088  1.00 40.56 ? 341 HOH A O   1 
HETATM 1413 O  O   . HOH E 5 .   ? 12.249  9.849   -8.315  0.88 36.42 ? 342 HOH A O   1 
HETATM 1414 O  O   . HOH E 5 .   ? 0.730   12.636  -9.747  0.96 37.49 ? 343 HOH A O   1 
HETATM 1415 O  O   . HOH E 5 .   ? -10.398 1.383   1.351   1.00 31.46 ? 344 HOH A O   1 
HETATM 1416 O  O   . HOH E 5 .   ? 17.336  7.431   1.001   0.48 11.18 ? 345 HOH A O   1 
HETATM 1417 O  O   . HOH E 5 .   ? -8.384  7.929   -7.047  0.98 30.87 ? 346 HOH A O   1 
HETATM 1418 O  O   . HOH E 5 .   ? -2.775  14.661  -4.216  1.00 40.48 ? 347 HOH A O   1 
HETATM 1419 O  O   . HOH E 5 .   ? 15.227  3.335   -0.041  0.46 14.60 ? 348 HOH A O   1 
HETATM 1420 O  O   . HOH E 5 .   ? 5.410   -4.945  5.933   0.44 24.64 ? 349 HOH A O   1 
HETATM 1421 O  O   . HOH E 5 .   ? -14.503 -4.577  -6.124  0.50 25.69 ? 350 HOH A O   1 
HETATM 1422 O  O   . HOH E 5 .   ? -6.936  10.453  -6.961  0.73 27.21 ? 351 HOH A O   1 
HETATM 1423 O  O   . HOH E 5 .   ? -11.497 8.285   -1.119  0.93 40.91 ? 352 HOH A O   1 
HETATM 1424 O  O   . HOH E 5 .   ? -8.967  12.426  18.320  0.62 19.90 ? 353 HOH A O   1 
HETATM 1425 O  O   . HOH E 5 .   ? -0.453  -3.506  5.045   0.43 21.50 ? 354 HOH A O   1 
HETATM 1426 O  O   . HOH E 5 .   ? 17.285  6.000   8.268   0.95 26.03 ? 355 HOH A O   1 
HETATM 1427 O  O   . HOH E 5 .   ? -13.750 7.953   11.131  0.59 23.88 ? 356 HOH A O   1 
HETATM 1428 O  O   . HOH E 5 .   ? 11.965  7.023   -8.674  0.56 29.67 ? 357 HOH A O   1 
HETATM 1429 O  O   . HOH E 5 .   ? -10.333 9.878   12.728  0.62 23.75 ? 358 HOH A O   1 
HETATM 1430 O  O   . HOH E 5 .   ? -0.833  -16.977 -8.803  0.80 38.87 ? 359 HOH A O   1 
HETATM 1431 O  O   . HOH E 5 .   ? 10.772  12.705  -10.706 0.50 24.91 ? 360 HOH A O   1 
HETATM 1432 O  O   . HOH E 5 .   ? -3.864  11.144  -3.807  0.60 35.84 ? 361 HOH A O   1 
HETATM 1433 O  O   . HOH E 5 .   ? -3.808  2.335   9.405   0.59 28.03 ? 362 HOH A O   1 
HETATM 1434 O  O   . HOH E 5 .   ? 10.986  2.180   19.944  0.59 29.36 ? 363 HOH A O   1 
HETATM 1435 O  O   . HOH E 5 .   ? 9.839   13.712  10.246  0.49 25.22 ? 364 HOH A O   1 
HETATM 1436 O  O   . HOH E 5 .   ? 5.917   -17.228 7.815   0.73 32.65 ? 365 HOH A O   1 
HETATM 1437 O  O   . HOH E 5 .   ? 11.685  -1.117  7.671   0.69 35.85 ? 366 HOH A O   1 
HETATM 1438 O  O   . HOH E 5 .   ? 8.942   5.324   -19.895 0.51 25.77 ? 367 HOH A O   1 
HETATM 1439 O  O   . HOH E 5 .   ? -9.157  -0.414  -18.863 0.59 31.12 ? 368 HOH A O   1 
HETATM 1440 O  O   . HOH E 5 .   ? -9.896  -8.663  -11.446 0.65 22.84 ? 369 HOH A O   1 
HETATM 1441 O  O   . HOH E 5 .   ? 12.823  -5.057  -6.452  0.80 31.20 ? 370 HOH A O   1 
HETATM 1442 O  O   . HOH E 5 .   ? -11.319 1.029   -1.410  0.73 29.85 ? 371 HOH A O   1 
HETATM 1443 O  O   . HOH E 5 .   ? 18.399  12.984  4.683   0.63 30.90 ? 372 HOH A O   1 
HETATM 1444 O  O   . HOH E 5 .   ? 6.516   10.108  17.914  0.65 28.24 ? 373 HOH A O   1 
HETATM 1445 O  O   . HOH E 5 .   ? 5.214   9.910   20.364  0.66 29.38 ? 374 HOH A O   1 
HETATM 1446 O  O   . HOH E 5 .   ? 0.263   -0.978  2.203   0.44 24.86 ? 375 HOH A O   1 
HETATM 1447 O  O   . HOH E 5 .   ? 8.611   -16.948 7.639   0.70 31.46 ? 376 HOH A O   1 
HETATM 1448 O  O   . HOH E 5 .   ? 8.696   -8.581  -23.565 0.72 31.63 ? 377 HOH A O   1 
HETATM 1449 O  O   . HOH E 5 .   ? 14.154  -0.404  -9.905  0.56 27.48 ? 378 HOH A O   1 
HETATM 1450 O  O   . HOH E 5 .   ? -15.617 -13.161 -7.033  0.48 28.45 ? 379 HOH A O   1 
# 
